data_8TD1
#
_entry.id   8TD1
#
_cell.length_a   110.677
_cell.length_b   180.247
_cell.length_c   87.584
_cell.angle_alpha   90.00
_cell.angle_beta   106.62
_cell.angle_gamma   90.00
#
_symmetry.space_group_name_H-M   'C 1 2 1'
#
loop_
_entity.id
_entity.type
_entity.pdbx_description
1 polymer 'Pyrroline-5-carboxylate reductase 1, mitochondrial'
2 non-polymer '3-(6-oxa-9-azaspiro[4.5]decane-9-carbonyl)benzoic acid'
3 non-polymer DI(HYDROXYETHYL)ETHER
4 non-polymer 'SULFATE ION'
5 water water
#
_entity_poly.entity_id   1
_entity_poly.type   'polypeptide(L)'
_entity_poly.pdbx_seq_one_letter_code
;MHHHHHHSSGVDLGTENLYFQSMSVGFIGAGQLAFALAKGFTAAGVLAAHKIMASSPDMDLATVSALRKMGVKLTPHNKE
TVQHSDVLFLAVKPHIIPFILDEIGADIEDRHIVVSCAAGVTISSIEKKLSAFRPAPRVIRCMTNTPVVVREGATVYATG
THAQVEDGRLMEQLLSSVGFCTEVEEDLIDAVTGLSGSGPAYAFTALDALADGGVKMGLPRRLAVRLGAQALLGAAKMLL
HSEQHPGQLKDNVSSPGGATIHALHVLESGGFRSLLINAVEASCIRTRELQSMADQEQVSPAAIKKTILDKVKLDS
;
_entity_poly.pdbx_strand_id   A,B,C,D,E
#
loop_
_chem_comp.id
_chem_comp.type
_chem_comp.name
_chem_comp.formula
PEG non-polymer DI(HYDROXYETHYL)ETHER 'C4 H10 O3'
SO4 non-polymer 'SULFATE ION' 'O4 S -2'
ZRZ non-polymer '3-(6-oxa-9-azaspiro[4.5]decane-9-carbonyl)benzoic acid' 'C16 H19 N O4'
#
# COMPACT_ATOMS: atom_id res chain seq x y z
N GLU A 16 8.67 31.55 -14.31
CA GLU A 16 9.00 32.51 -15.37
C GLU A 16 8.82 33.94 -14.89
N ASN A 17 7.60 34.46 -15.03
CA ASN A 17 7.26 35.75 -14.42
C ASN A 17 7.19 35.63 -12.90
N LEU A 18 6.89 34.43 -12.38
CA LEU A 18 6.92 34.21 -10.94
C LEU A 18 8.31 34.44 -10.37
N TYR A 19 9.34 33.93 -11.06
CA TYR A 19 10.72 34.13 -10.61
C TYR A 19 11.05 35.62 -10.56
N PHE A 20 10.78 36.35 -11.65
CA PHE A 20 11.05 37.78 -11.68
C PHE A 20 10.15 38.57 -10.74
N GLN A 21 9.07 37.97 -10.25
CA GLN A 21 8.32 38.57 -9.15
C GLN A 21 9.08 38.48 -7.82
N SER A 22 10.13 37.67 -7.74
CA SER A 22 10.95 37.49 -6.55
C SER A 22 10.08 37.37 -5.30
N MET A 23 9.16 36.42 -5.34
CA MET A 23 8.31 36.11 -4.20
C MET A 23 9.17 35.56 -3.06
N SER A 24 8.89 36.03 -1.85
CA SER A 24 9.43 35.40 -0.66
C SER A 24 8.41 34.41 -0.13
N VAL A 25 8.85 33.19 0.15
CA VAL A 25 7.96 32.12 0.55
C VAL A 25 8.39 31.61 1.92
N GLY A 26 7.42 31.40 2.79
CA GLY A 26 7.67 30.86 4.10
C GLY A 26 6.89 29.58 4.34
N PHE A 27 7.50 28.68 5.09
CA PHE A 27 6.86 27.46 5.60
C PHE A 27 6.96 27.47 7.12
N ILE A 28 5.82 27.42 7.80
CA ILE A 28 5.78 27.09 9.21
C ILE A 28 5.63 25.57 9.27
N GLY A 29 6.69 24.91 9.72
CA GLY A 29 6.87 23.50 9.45
C GLY A 29 8.08 23.33 8.55
N ALA A 30 9.00 22.43 8.92
CA ALA A 30 10.17 22.13 8.11
C ALA A 30 10.25 20.63 7.85
N GLY A 31 9.10 20.01 7.61
CA GLY A 31 9.00 18.57 7.50
C GLY A 31 8.93 18.10 6.06
N GLN A 32 8.23 16.97 5.87
CA GLN A 32 8.16 16.32 4.56
C GLN A 32 7.58 17.26 3.51
N LEU A 33 6.49 17.96 3.83
CA LEU A 33 5.84 18.76 2.80
C LEU A 33 6.68 19.99 2.46
N ALA A 34 7.20 20.68 3.48
CA ALA A 34 8.04 21.84 3.22
C ALA A 34 9.25 21.45 2.39
N PHE A 35 9.84 20.29 2.66
CA PHE A 35 10.93 19.85 1.80
C PHE A 35 10.43 19.54 0.40
N ALA A 36 9.31 18.82 0.30
CA ALA A 36 8.80 18.43 -1.01
C ALA A 36 8.47 19.67 -1.84
N LEU A 37 7.74 20.63 -1.26
CA LEU A 37 7.39 21.83 -2.02
C LEU A 37 8.61 22.70 -2.31
N ALA A 38 9.53 22.84 -1.35
CA ALA A 38 10.74 23.63 -1.61
C ALA A 38 11.56 23.00 -2.73
N LYS A 39 11.75 21.68 -2.67
CA LYS A 39 12.49 20.98 -3.73
C LYS A 39 11.79 21.12 -5.07
N GLY A 40 10.46 20.95 -5.10
CA GLY A 40 9.74 21.11 -6.34
C GLY A 40 9.82 22.52 -6.89
N PHE A 41 9.58 23.51 -6.02
CA PHE A 41 9.60 24.91 -6.47
C PHE A 41 10.98 25.30 -7.01
N THR A 42 12.05 24.82 -6.37
CA THR A 42 13.38 25.21 -6.83
C THR A 42 13.77 24.49 -8.11
N ALA A 43 13.40 23.21 -8.23
CA ALA A 43 13.60 22.48 -9.48
C ALA A 43 12.83 23.12 -10.64
N ALA A 44 11.61 23.59 -10.38
CA ALA A 44 10.88 24.29 -11.42
C ALA A 44 11.48 25.64 -11.76
N GLY A 45 12.45 26.11 -10.98
CA GLY A 45 12.98 27.45 -11.17
C GLY A 45 12.00 28.57 -10.93
N VAL A 46 10.94 28.36 -10.13
CA VAL A 46 10.06 29.48 -9.84
C VAL A 46 10.58 30.29 -8.66
N LEU A 47 11.35 29.67 -7.78
CA LEU A 47 11.86 30.30 -6.58
C LEU A 47 13.33 29.96 -6.42
N ALA A 48 14.09 30.91 -5.91
CA ALA A 48 15.43 30.64 -5.40
C ALA A 48 15.31 29.98 -4.03
N ALA A 49 16.10 28.92 -3.81
CA ALA A 49 16.12 28.25 -2.52
C ALA A 49 16.25 29.24 -1.37
N HIS A 50 17.10 30.26 -1.53
CA HIS A 50 17.35 31.22 -0.46
C HIS A 50 16.25 32.28 -0.32
N LYS A 51 15.22 32.28 -1.17
CA LYS A 51 14.04 33.11 -0.94
C LYS A 51 12.96 32.36 -0.16
N ILE A 52 13.23 31.11 0.19
CA ILE A 52 12.37 30.33 1.07
C ILE A 52 12.94 30.36 2.49
N MET A 53 12.07 30.57 3.48
CA MET A 53 12.44 30.42 4.89
C MET A 53 11.49 29.42 5.54
N ALA A 54 12.04 28.50 6.32
CA ALA A 54 11.24 27.53 7.03
C ALA A 54 11.60 27.56 8.51
N SER A 55 10.60 27.31 9.35
CA SER A 55 10.79 27.27 10.79
C SER A 55 10.36 25.92 11.32
N SER A 56 11.09 25.42 12.31
CA SER A 56 10.80 24.14 12.95
C SER A 56 11.05 24.26 14.45
N PRO A 57 10.20 23.64 15.28
CA PRO A 57 10.54 23.54 16.71
C PRO A 57 11.63 22.52 16.96
N ASP A 58 11.86 21.60 16.03
CA ASP A 58 12.89 20.56 16.12
C ASP A 58 13.83 20.74 14.93
N MET A 59 15.00 21.34 15.17
CA MET A 59 15.96 21.59 14.12
C MET A 59 16.88 20.40 13.87
N ASP A 60 16.68 19.28 14.56
CA ASP A 60 17.48 18.09 14.39
C ASP A 60 16.87 17.08 13.43
N LEU A 61 15.81 17.47 12.71
CA LEU A 61 15.17 16.56 11.77
C LEU A 61 16.04 16.34 10.54
N ALA A 62 15.79 15.22 9.85
CA ALA A 62 16.51 14.96 8.61
C ALA A 62 16.07 15.93 7.51
N THR A 63 14.76 16.18 7.43
CA THR A 63 14.25 17.14 6.43
C THR A 63 14.83 18.53 6.65
N VAL A 64 15.15 18.89 7.89
CA VAL A 64 15.76 20.19 8.15
C VAL A 64 17.18 20.23 7.61
N SER A 65 17.94 19.14 7.79
CA SER A 65 19.29 19.10 7.23
C SER A 65 19.25 19.12 5.71
N ALA A 66 18.24 18.48 5.11
CA ALA A 66 18.08 18.55 3.67
C ALA A 66 17.71 19.96 3.22
N LEU A 67 16.84 20.65 3.97
CA LEU A 67 16.49 22.01 3.61
C LEU A 67 17.71 22.92 3.66
N ARG A 68 18.54 22.77 4.70
CA ARG A 68 19.75 23.59 4.78
C ARG A 68 20.67 23.35 3.59
N LYS A 69 20.83 22.07 3.19
CA LYS A 69 21.68 21.77 2.05
C LYS A 69 21.19 22.47 0.79
N MET A 70 19.87 22.47 0.56
CA MET A 70 19.27 23.19 -0.56
C MET A 70 19.61 24.68 -0.57
N GLY A 71 19.90 25.26 0.59
CA GLY A 71 20.01 26.70 0.72
C GLY A 71 18.78 27.39 1.23
N VAL A 72 17.79 26.65 1.72
CA VAL A 72 16.62 27.25 2.34
C VAL A 72 17.04 27.84 3.70
N LYS A 73 16.53 29.02 4.02
CA LYS A 73 16.79 29.64 5.32
C LYS A 73 15.97 28.95 6.41
N LEU A 74 16.62 28.63 7.52
CA LEU A 74 15.98 27.94 8.63
C LEU A 74 16.06 28.80 9.88
N THR A 75 14.98 28.80 10.67
CA THR A 75 14.91 29.59 11.89
C THR A 75 14.03 28.86 12.88
N PRO A 76 14.31 28.99 14.19
CA PRO A 76 13.41 28.42 15.19
C PRO A 76 12.21 29.28 15.50
N HIS A 77 12.14 30.50 14.96
CA HIS A 77 11.11 31.49 15.31
C HIS A 77 10.11 31.61 14.17
N ASN A 78 8.87 31.21 14.44
CA ASN A 78 7.81 31.35 13.44
C ASN A 78 7.60 32.79 13.03
N LYS A 79 7.83 33.73 13.97
CA LYS A 79 7.68 35.15 13.64
C LYS A 79 8.63 35.55 12.51
N GLU A 80 9.86 35.03 12.51
CA GLU A 80 10.81 35.36 11.45
C GLU A 80 10.31 34.86 10.11
N THR A 81 9.81 33.62 10.07
CA THR A 81 9.22 33.12 8.84
C THR A 81 8.09 34.02 8.34
N VAL A 82 7.19 34.44 9.23
CA VAL A 82 6.07 35.28 8.81
C VAL A 82 6.57 36.60 8.25
N GLN A 83 7.51 37.26 8.95
CA GLN A 83 7.99 38.56 8.50
C GLN A 83 8.75 38.46 7.17
N HIS A 84 9.44 37.33 6.94
CA HIS A 84 10.10 37.11 5.66
C HIS A 84 9.10 36.95 4.52
N SER A 85 7.96 36.33 4.80
CA SER A 85 7.11 35.74 3.78
C SER A 85 6.16 36.73 3.13
N ASP A 86 5.93 36.50 1.83
CA ASP A 86 4.79 37.06 1.11
C ASP A 86 3.67 36.02 1.03
N VAL A 87 4.02 34.81 0.62
CA VAL A 87 3.14 33.65 0.68
C VAL A 87 3.64 32.78 1.82
N LEU A 88 2.74 32.48 2.75
CA LEU A 88 3.08 31.74 3.97
C LEU A 88 2.34 30.40 3.96
N PHE A 89 3.07 29.31 3.79
CA PHE A 89 2.50 27.96 3.85
C PHE A 89 2.47 27.47 5.29
N LEU A 90 1.29 27.04 5.74
CA LEU A 90 1.17 26.36 7.03
C LEU A 90 1.31 24.88 6.75
N ALA A 91 2.50 24.35 7.02
CA ALA A 91 2.92 23.01 6.64
C ALA A 91 3.19 22.17 7.89
N VAL A 92 2.30 22.27 8.87
CA VAL A 92 2.41 21.49 10.08
C VAL A 92 1.23 20.54 10.14
N LYS A 93 1.31 19.59 11.07
CA LYS A 93 0.22 18.66 11.29
C LYS A 93 -1.03 19.42 11.74
N PRO A 94 -2.22 18.85 11.51
CA PRO A 94 -3.46 19.60 11.80
C PRO A 94 -3.61 20.09 13.23
N HIS A 95 -3.24 19.29 14.24
CA HIS A 95 -3.51 19.68 15.61
C HIS A 95 -2.62 20.83 16.09
N ILE A 96 -1.52 21.11 15.38
CA ILE A 96 -0.65 22.24 15.73
C ILE A 96 -1.18 23.57 15.20
N ILE A 97 -2.03 23.55 14.17
CA ILE A 97 -2.43 24.79 13.48
C ILE A 97 -3.04 25.82 14.43
N PRO A 98 -4.00 25.48 15.31
CA PRO A 98 -4.54 26.51 16.21
C PRO A 98 -3.49 27.11 17.17
N PHE A 99 -2.49 26.34 17.56
CA PHE A 99 -1.42 26.93 18.37
C PHE A 99 -0.62 27.94 17.53
N ILE A 100 -0.31 27.56 16.28
CA ILE A 100 0.41 28.45 15.38
C ILE A 100 -0.33 29.78 15.20
N LEU A 101 -1.65 29.72 14.95
CA LEU A 101 -2.38 30.95 14.66
C LEU A 101 -2.42 31.89 15.86
N ASP A 102 -2.49 31.34 17.08
CA ASP A 102 -2.36 32.17 18.28
C ASP A 102 -1.00 32.87 18.31
N GLU A 103 0.07 32.13 18.03
CA GLU A 103 1.41 32.66 18.17
C GLU A 103 1.69 33.77 17.15
N ILE A 104 1.44 33.52 15.86
CA ILE A 104 1.85 34.47 14.83
C ILE A 104 0.71 35.30 14.27
N GLY A 105 -0.50 35.18 14.83
CA GLY A 105 -1.65 35.88 14.25
C GLY A 105 -1.47 37.39 14.19
N ALA A 106 -0.85 37.97 15.23
CA ALA A 106 -0.57 39.40 15.24
C ALA A 106 0.43 39.80 14.16
N ASP A 107 1.18 38.86 13.61
CA ASP A 107 2.19 39.18 12.62
C ASP A 107 1.71 39.02 11.18
N ILE A 108 0.52 38.45 10.96
CA ILE A 108 -0.04 38.41 9.62
C ILE A 108 -0.41 39.81 9.19
N GLU A 109 0.08 40.21 8.02
CA GLU A 109 -0.16 41.54 7.47
C GLU A 109 -1.13 41.46 6.31
N ASP A 110 -1.61 42.62 5.89
CA ASP A 110 -2.53 42.66 4.76
C ASP A 110 -1.90 42.12 3.48
N ARG A 111 -0.57 42.26 3.32
CA ARG A 111 0.11 41.76 2.12
C ARG A 111 0.18 40.23 2.06
N HIS A 112 -0.04 39.53 3.18
CA HIS A 112 0.20 38.08 3.23
C HIS A 112 -0.90 37.30 2.53
N ILE A 113 -0.50 36.20 1.89
CA ILE A 113 -1.41 35.13 1.53
C ILE A 113 -1.04 33.95 2.41
N VAL A 114 -2.01 33.49 3.21
CA VAL A 114 -1.82 32.36 4.11
C VAL A 114 -2.38 31.11 3.44
N VAL A 115 -1.51 30.15 3.16
CA VAL A 115 -1.91 28.92 2.47
C VAL A 115 -1.82 27.77 3.46
N SER A 116 -2.95 27.30 3.94
CA SER A 116 -2.96 26.18 4.88
C SER A 116 -2.94 24.87 4.09
N CYS A 117 -1.99 23.99 4.43
CA CYS A 117 -1.89 22.69 3.81
C CYS A 117 -2.37 21.57 4.71
N ALA A 118 -2.75 21.89 5.94
CA ALA A 118 -3.08 20.87 6.91
C ALA A 118 -4.39 20.15 6.52
N ALA A 119 -4.37 18.83 6.60
CA ALA A 119 -5.58 18.07 6.31
C ALA A 119 -6.67 18.42 7.31
N GLY A 120 -7.89 18.56 6.80
CA GLY A 120 -9.06 18.73 7.63
C GLY A 120 -9.38 20.15 8.06
N VAL A 121 -8.38 21.02 8.17
CA VAL A 121 -8.53 22.32 8.83
C VAL A 121 -9.30 23.27 7.91
N THR A 122 -10.41 23.80 8.41
CA THR A 122 -11.27 24.60 7.56
C THR A 122 -10.74 26.03 7.43
N ILE A 123 -11.10 26.67 6.31
CA ILE A 123 -10.86 28.10 6.13
C ILE A 123 -11.54 28.90 7.25
N SER A 124 -12.75 28.50 7.62
CA SER A 124 -13.49 29.21 8.67
C SER A 124 -12.71 29.24 9.99
N SER A 125 -12.14 28.11 10.40
CA SER A 125 -11.39 28.10 11.65
C SER A 125 -10.14 28.96 11.56
N ILE A 126 -9.48 29.00 10.40
CA ILE A 126 -8.31 29.86 10.24
C ILE A 126 -8.73 31.33 10.24
N GLU A 127 -9.73 31.67 9.43
CA GLU A 127 -10.20 33.05 9.39
C GLU A 127 -10.69 33.51 10.75
N LYS A 128 -11.32 32.61 11.52
CA LYS A 128 -11.81 33.01 12.84
C LYS A 128 -10.66 33.47 13.73
N LYS A 129 -9.57 32.70 13.81
CA LYS A 129 -8.40 33.12 14.57
C LYS A 129 -7.79 34.41 14.01
N LEU A 130 -7.47 34.43 12.71
CA LEU A 130 -6.73 35.56 12.17
C LEU A 130 -7.55 36.85 12.16
N SER A 131 -8.87 36.76 11.99
CA SER A 131 -9.71 37.95 11.95
C SER A 131 -9.72 38.70 13.28
N ALA A 132 -9.37 38.04 14.38
CA ALA A 132 -9.23 38.75 15.65
C ALA A 132 -8.08 39.75 15.63
N PHE A 133 -7.20 39.70 14.62
CA PHE A 133 -6.06 40.60 14.50
C PHE A 133 -6.26 41.56 13.32
N ARG A 134 -5.94 41.13 12.11
CA ARG A 134 -6.34 42.01 11.04
C ARG A 134 -7.70 41.57 10.48
N PRO A 135 -8.51 42.51 9.97
CA PRO A 135 -9.90 42.16 9.67
C PRO A 135 -10.11 41.30 8.43
N ALA A 136 -9.21 41.30 7.45
CA ALA A 136 -9.46 40.60 6.19
C ALA A 136 -8.27 39.71 5.82
N PRO A 137 -7.94 38.72 6.65
CA PRO A 137 -6.85 37.80 6.29
C PRO A 137 -7.12 37.08 4.98
N ARG A 138 -6.11 37.07 4.11
CA ARG A 138 -6.20 36.39 2.81
C ARG A 138 -5.79 34.93 3.00
N VAL A 139 -6.76 34.04 2.96
CA VAL A 139 -6.55 32.64 3.32
C VAL A 139 -6.90 31.77 2.12
N ILE A 140 -6.04 30.78 1.85
CA ILE A 140 -6.30 29.77 0.84
C ILE A 140 -6.06 28.41 1.48
N ARG A 141 -6.95 27.46 1.24
CA ARG A 141 -6.75 26.12 1.74
C ARG A 141 -6.37 25.22 0.59
N CYS A 142 -5.39 24.35 0.81
CA CYS A 142 -4.95 23.47 -0.25
C CYS A 142 -4.72 22.07 0.32
N MET A 143 -4.75 21.09 -0.57
CA MET A 143 -4.36 19.72 -0.27
C MET A 143 -3.46 19.31 -1.42
N THR A 144 -2.21 18.99 -1.12
CA THR A 144 -1.27 18.59 -2.16
C THR A 144 -0.74 17.24 -1.70
N ASN A 145 0.39 16.78 -2.27
CA ASN A 145 0.96 15.50 -1.87
C ASN A 145 2.45 15.52 -2.16
N THR A 146 3.14 14.50 -1.65
CA THR A 146 4.60 14.55 -1.65
C THR A 146 5.21 14.49 -3.05
N PRO A 147 4.54 13.89 -4.10
CA PRO A 147 5.13 13.93 -5.45
C PRO A 147 5.40 15.29 -6.09
N VAL A 148 5.02 16.40 -5.46
CA VAL A 148 5.51 17.72 -5.90
C VAL A 148 7.04 17.70 -5.94
N VAL A 149 7.66 16.82 -5.13
CA VAL A 149 9.12 16.77 -5.08
C VAL A 149 9.71 16.40 -6.43
N VAL A 150 8.98 15.65 -7.26
CA VAL A 150 9.38 15.35 -8.63
C VAL A 150 8.48 16.08 -9.64
N ARG A 151 7.83 17.16 -9.18
CA ARG A 151 7.00 18.04 -10.01
C ARG A 151 5.85 17.27 -10.67
N GLU A 152 5.30 16.26 -9.97
CA GLU A 152 4.13 15.52 -10.41
C GLU A 152 3.11 15.46 -9.29
N GLY A 153 2.99 16.55 -8.53
CA GLY A 153 2.01 16.60 -7.48
C GLY A 153 0.59 16.62 -8.03
N ALA A 154 -0.35 16.36 -7.11
CA ALA A 154 -1.77 16.56 -7.36
C ALA A 154 -2.25 17.53 -6.32
N THR A 155 -2.66 18.73 -6.75
CA THR A 155 -3.02 19.77 -5.80
C THR A 155 -4.41 20.30 -6.09
N VAL A 156 -5.20 20.51 -5.04
CA VAL A 156 -6.42 21.31 -5.16
C VAL A 156 -6.36 22.43 -4.13
N TYR A 157 -7.10 23.51 -4.41
CA TYR A 157 -7.14 24.64 -3.48
C TYR A 157 -8.53 25.27 -3.51
N ALA A 158 -8.90 25.88 -2.39
CA ALA A 158 -10.12 26.66 -2.27
C ALA A 158 -9.77 28.01 -1.66
N THR A 159 -10.36 29.07 -2.19
CA THR A 159 -10.03 30.41 -1.76
C THR A 159 -10.96 30.85 -0.64
N GLY A 160 -10.41 31.60 0.32
CA GLY A 160 -11.16 32.05 1.48
C GLY A 160 -11.97 33.31 1.19
N THR A 161 -12.63 33.78 2.26
CA THR A 161 -13.55 34.91 2.17
C THR A 161 -12.88 36.14 1.58
N HIS A 162 -11.61 36.38 1.93
CA HIS A 162 -10.95 37.62 1.58
C HIS A 162 -9.84 37.42 0.57
N ALA A 163 -9.66 36.21 0.06
CA ALA A 163 -8.67 35.96 -0.99
C ALA A 163 -9.09 36.69 -2.25
N GLN A 164 -8.21 37.53 -2.77
CA GLN A 164 -8.51 38.21 -4.01
C GLN A 164 -8.47 37.24 -5.18
N VAL A 165 -9.18 37.58 -6.25
CA VAL A 165 -9.18 36.76 -7.47
C VAL A 165 -7.75 36.52 -7.94
N GLU A 166 -6.90 37.54 -7.83
CA GLU A 166 -5.50 37.39 -8.21
C GLU A 166 -4.75 36.44 -7.26
N ASP A 167 -5.22 36.30 -6.01
CA ASP A 167 -4.58 35.36 -5.08
C ASP A 167 -4.78 33.92 -5.53
N GLY A 168 -5.99 33.57 -5.96
CA GLY A 168 -6.23 32.22 -6.45
C GLY A 168 -5.44 31.93 -7.72
N ARG A 169 -5.34 32.92 -8.61
CA ARG A 169 -4.53 32.74 -9.82
C ARG A 169 -3.06 32.56 -9.50
N LEU A 170 -2.53 33.39 -8.59
CA LEU A 170 -1.13 33.25 -8.19
C LEU A 170 -0.87 31.87 -7.61
N MET A 171 -1.77 31.41 -6.74
CA MET A 171 -1.67 30.08 -6.16
CA MET A 171 -1.56 30.09 -6.17
C MET A 171 -1.68 29.00 -7.23
N GLU A 172 -2.63 29.10 -8.15
CA GLU A 172 -2.70 28.09 -9.20
C GLU A 172 -1.43 28.09 -10.06
N GLN A 173 -0.91 29.26 -10.40
CA GLN A 173 0.34 29.32 -11.17
C GLN A 173 1.48 28.67 -10.41
N LEU A 174 1.60 28.97 -9.11
CA LEU A 174 2.70 28.44 -8.32
C LEU A 174 2.58 26.91 -8.15
N LEU A 175 1.42 26.43 -7.74
CA LEU A 175 1.29 24.99 -7.53
C LEU A 175 1.28 24.21 -8.84
N SER A 176 0.89 24.84 -9.96
CA SER A 176 0.97 24.15 -11.25
C SER A 176 2.42 23.88 -11.68
N SER A 177 3.38 24.59 -11.12
CA SER A 177 4.76 24.35 -11.53
C SER A 177 5.31 23.04 -10.98
N VAL A 178 4.60 22.39 -10.04
CA VAL A 178 5.04 21.15 -9.42
C VAL A 178 4.02 20.04 -9.58
N GLY A 179 3.03 20.22 -10.45
CA GLY A 179 2.09 19.14 -10.73
C GLY A 179 0.75 19.69 -11.17
N PHE A 180 -0.25 18.82 -11.14
CA PHE A 180 -1.60 19.21 -11.45
C PHE A 180 -2.16 20.08 -10.33
N CYS A 181 -2.91 21.12 -10.71
CA CYS A 181 -3.51 22.04 -9.75
C CYS A 181 -4.85 22.53 -10.27
N THR A 182 -5.87 22.50 -9.43
CA THR A 182 -7.16 23.04 -9.84
C THR A 182 -7.87 23.58 -8.60
N GLU A 183 -8.73 24.57 -8.83
CA GLU A 183 -9.57 25.11 -7.77
C GLU A 183 -10.78 24.21 -7.54
N VAL A 184 -11.13 23.99 -6.26
CA VAL A 184 -12.33 23.26 -5.91
C VAL A 184 -13.10 24.05 -4.85
N GLU A 185 -14.38 23.72 -4.71
CA GLU A 185 -15.10 24.13 -3.51
C GLU A 185 -14.48 23.47 -2.30
N GLU A 186 -14.48 24.19 -1.16
CA GLU A 186 -13.80 23.65 0.01
C GLU A 186 -14.40 22.33 0.48
N ASP A 187 -15.72 22.12 0.29
CA ASP A 187 -16.33 20.91 0.82
C ASP A 187 -15.88 19.63 0.11
N LEU A 188 -15.09 19.75 -0.95
CA LEU A 188 -14.49 18.60 -1.60
C LEU A 188 -13.13 18.21 -1.02
N ILE A 189 -12.52 19.03 -0.16
CA ILE A 189 -11.10 18.86 0.09
C ILE A 189 -10.82 17.64 0.97
N ASP A 190 -11.74 17.31 1.90
CA ASP A 190 -11.52 16.12 2.71
C ASP A 190 -11.54 14.85 1.85
N ALA A 191 -12.42 14.79 0.86
CA ALA A 191 -12.43 13.65 -0.05
C ALA A 191 -11.18 13.61 -0.92
N VAL A 192 -10.72 14.78 -1.39
CA VAL A 192 -9.45 14.82 -2.11
C VAL A 192 -8.32 14.28 -1.23
N THR A 193 -8.34 14.62 0.06
CA THR A 193 -7.32 14.12 0.97
C THR A 193 -7.30 12.60 0.95
N GLY A 194 -8.48 11.97 0.99
CA GLY A 194 -8.53 10.53 1.00
C GLY A 194 -8.07 9.90 -0.29
N LEU A 195 -8.15 10.64 -1.40
CA LEU A 195 -7.80 10.13 -2.72
C LEU A 195 -6.37 10.49 -3.12
N SER A 196 -6.08 11.76 -3.40
CA SER A 196 -4.72 12.07 -3.85
C SER A 196 -3.78 12.47 -2.71
N GLY A 197 -4.28 12.96 -1.58
CA GLY A 197 -3.38 13.21 -0.46
C GLY A 197 -2.75 11.93 0.08
N SER A 198 -3.58 10.93 0.39
CA SER A 198 -3.09 9.63 0.84
C SER A 198 -2.70 8.71 -0.30
N GLY A 199 -3.15 9.00 -1.53
CA GLY A 199 -2.91 8.16 -2.69
C GLY A 199 -1.49 7.63 -2.89
N PRO A 200 -0.46 8.49 -2.77
CA PRO A 200 0.91 7.99 -2.94
C PRO A 200 1.25 6.84 -1.99
N ALA A 201 0.75 6.88 -0.74
CA ALA A 201 1.04 5.78 0.18
C ALA A 201 0.38 4.48 -0.28
N TYR A 202 -0.82 4.55 -0.87
CA TYR A 202 -1.44 3.34 -1.44
C TYR A 202 -0.56 2.77 -2.54
N ALA A 203 -0.06 3.65 -3.42
CA ALA A 203 0.82 3.26 -4.50
C ALA A 203 2.12 2.66 -4.00
N PHE A 204 2.74 3.27 -2.98
CA PHE A 204 3.98 2.70 -2.46
C PHE A 204 3.74 1.31 -1.90
N THR A 205 2.61 1.11 -1.19
CA THR A 205 2.20 -0.21 -0.73
C THR A 205 2.03 -1.17 -1.91
N ALA A 206 1.32 -0.74 -2.95
CA ALA A 206 1.11 -1.58 -4.13
C ALA A 206 2.43 -1.92 -4.81
N LEU A 207 3.35 -0.96 -4.89
CA LEU A 207 4.63 -1.22 -5.57
C LEU A 207 5.49 -2.22 -4.79
N ASP A 208 5.51 -2.10 -3.46
CA ASP A 208 6.21 -3.06 -2.64
C ASP A 208 5.65 -4.47 -2.86
N ALA A 209 4.31 -4.59 -2.92
CA ALA A 209 3.69 -5.91 -3.06
C ALA A 209 3.89 -6.48 -4.46
N LEU A 210 3.76 -5.63 -5.49
CA LEU A 210 4.02 -6.10 -6.85
C LEU A 210 5.46 -6.57 -7.00
N ALA A 211 6.41 -5.86 -6.36
CA ALA A 211 7.80 -6.31 -6.36
C ALA A 211 7.95 -7.66 -5.66
N ASP A 212 7.28 -7.85 -4.51
CA ASP A 212 7.30 -9.17 -3.86
C ASP A 212 6.77 -10.24 -4.81
N GLY A 213 5.71 -9.93 -5.55
CA GLY A 213 5.18 -10.88 -6.51
C GLY A 213 6.16 -11.19 -7.63
N GLY A 214 6.84 -10.16 -8.15
CA GLY A 214 7.89 -10.40 -9.12
C GLY A 214 8.99 -11.27 -8.56
N VAL A 215 9.40 -10.98 -7.32
CA VAL A 215 10.45 -11.78 -6.69
C VAL A 215 9.98 -13.21 -6.47
N LYS A 216 8.73 -13.40 -6.06
CA LYS A 216 8.25 -14.77 -5.86
C LYS A 216 8.35 -15.57 -7.15
N MET A 217 8.10 -14.93 -8.29
CA MET A 217 8.12 -15.63 -9.56
C MET A 217 9.50 -15.65 -10.21
N GLY A 218 10.55 -15.21 -9.49
CA GLY A 218 11.91 -15.43 -9.92
C GLY A 218 12.68 -14.21 -10.36
N LEU A 219 12.10 -13.00 -10.26
CA LEU A 219 12.80 -11.78 -10.68
C LEU A 219 13.71 -11.25 -9.55
N PRO A 220 14.88 -10.72 -9.90
CA PRO A 220 15.66 -9.95 -8.92
C PRO A 220 14.86 -8.77 -8.40
N ARG A 221 15.03 -8.48 -7.11
CA ARG A 221 14.27 -7.40 -6.48
C ARG A 221 14.46 -6.07 -7.22
N ARG A 222 15.70 -5.72 -7.56
CA ARG A 222 15.95 -4.43 -8.19
C ARG A 222 15.13 -4.29 -9.47
N LEU A 223 15.13 -5.34 -10.30
CA LEU A 223 14.38 -5.31 -11.56
C LEU A 223 12.88 -5.29 -11.31
N ALA A 224 12.40 -6.10 -10.36
CA ALA A 224 10.97 -6.11 -10.07
C ALA A 224 10.47 -4.74 -9.64
N VAL A 225 11.24 -4.06 -8.78
CA VAL A 225 10.86 -2.72 -8.32
C VAL A 225 10.78 -1.75 -9.51
N ARG A 226 11.82 -1.75 -10.33
CA ARG A 226 11.88 -0.85 -11.49
C ARG A 226 10.71 -1.11 -12.45
N LEU A 227 10.45 -2.40 -12.75
CA LEU A 227 9.41 -2.74 -13.70
C LEU A 227 8.02 -2.42 -13.17
N GLY A 228 7.77 -2.74 -11.90
CA GLY A 228 6.47 -2.43 -11.33
C GLY A 228 6.19 -0.94 -11.31
N ALA A 229 7.18 -0.16 -10.88
CA ALA A 229 7.02 1.30 -10.86
C ALA A 229 6.81 1.86 -12.25
N GLN A 230 7.60 1.39 -13.21
CA GLN A 230 7.43 1.84 -14.59
C GLN A 230 6.05 1.46 -15.12
N ALA A 231 5.58 0.25 -14.78
CA ALA A 231 4.24 -0.17 -15.21
C ALA A 231 3.18 0.79 -14.71
N LEU A 232 3.27 1.16 -13.43
CA LEU A 232 2.24 2.01 -12.84
C LEU A 232 2.35 3.44 -13.36
N LEU A 233 3.58 3.90 -13.60
CA LEU A 233 3.77 5.24 -14.15
C LEU A 233 3.20 5.30 -15.57
N GLY A 234 3.60 4.37 -16.42
CA GLY A 234 3.10 4.35 -17.78
C GLY A 234 1.59 4.21 -17.85
N ALA A 235 1.01 3.39 -16.97
CA ALA A 235 -0.43 3.18 -16.99
C ALA A 235 -1.16 4.46 -16.60
N ALA A 236 -0.70 5.12 -15.53
CA ALA A 236 -1.32 6.38 -15.13
C ALA A 236 -1.20 7.43 -16.23
N LYS A 237 -0.03 7.51 -16.87
CA LYS A 237 0.13 8.49 -17.93
C LYS A 237 -0.76 8.17 -19.12
N MET A 238 -0.81 6.89 -19.50
CA MET A 238 -1.68 6.46 -20.57
C MET A 238 -3.12 6.91 -20.32
N LEU A 239 -3.61 6.70 -19.09
CA LEU A 239 -4.98 7.10 -18.76
C LEU A 239 -5.16 8.61 -18.83
N LEU A 240 -4.25 9.37 -18.22
CA LEU A 240 -4.35 10.82 -18.27
C LEU A 240 -4.38 11.36 -19.70
N HIS A 241 -3.65 10.73 -20.61
CA HIS A 241 -3.59 11.18 -21.99
C HIS A 241 -4.67 10.55 -22.87
N SER A 242 -5.47 9.65 -22.32
CA SER A 242 -6.52 8.95 -23.03
C SER A 242 -7.84 9.70 -22.91
N GLU A 243 -8.68 9.57 -23.92
CA GLU A 243 -10.06 10.00 -23.80
C GLU A 243 -10.96 8.88 -23.29
N GLN A 244 -10.38 7.85 -22.67
CA GLN A 244 -11.05 6.58 -22.48
C GLN A 244 -11.28 6.28 -21.01
N HIS A 245 -12.36 5.55 -20.77
CA HIS A 245 -12.64 5.03 -19.44
C HIS A 245 -11.54 4.04 -19.02
N PRO A 246 -11.13 4.04 -17.76
CA PRO A 246 -10.12 3.05 -17.33
C PRO A 246 -10.56 1.61 -17.54
N GLY A 247 -11.86 1.31 -17.45
CA GLY A 247 -12.32 -0.02 -17.80
C GLY A 247 -12.11 -0.36 -19.27
N GLN A 248 -12.23 0.65 -20.14
CA GLN A 248 -11.96 0.42 -21.56
C GLN A 248 -10.48 0.13 -21.78
N LEU A 249 -9.58 0.86 -21.11
CA LEU A 249 -8.16 0.56 -21.28
C LEU A 249 -7.86 -0.84 -20.76
N LYS A 250 -8.46 -1.22 -19.63
CA LYS A 250 -8.33 -2.58 -19.12
C LYS A 250 -8.81 -3.60 -20.15
N ASP A 251 -9.98 -3.35 -20.75
CA ASP A 251 -10.49 -4.26 -21.78
C ASP A 251 -9.49 -4.41 -22.92
N ASN A 252 -8.89 -3.29 -23.34
CA ASN A 252 -8.00 -3.28 -24.49
C ASN A 252 -6.76 -4.15 -24.28
N VAL A 253 -6.33 -4.33 -23.04
CA VAL A 253 -5.08 -5.04 -22.79
C VAL A 253 -5.32 -6.43 -22.22
N SER A 254 -6.57 -6.87 -22.12
CA SER A 254 -6.91 -8.20 -21.58
C SER A 254 -7.23 -9.15 -22.73
N SER A 255 -6.19 -9.82 -23.22
CA SER A 255 -6.34 -10.79 -24.29
C SER A 255 -7.22 -11.97 -23.86
N PRO A 256 -8.14 -12.43 -24.70
CA PRO A 256 -9.05 -13.50 -24.27
C PRO A 256 -8.30 -14.76 -23.85
N GLY A 257 -8.70 -15.33 -22.71
CA GLY A 257 -8.07 -16.52 -22.18
C GLY A 257 -6.67 -16.32 -21.63
N GLY A 258 -6.16 -15.09 -21.62
CA GLY A 258 -4.75 -14.83 -21.40
C GLY A 258 -4.34 -14.64 -19.95
N ALA A 259 -3.05 -14.36 -19.79
CA ALA A 259 -2.44 -14.13 -18.47
C ALA A 259 -3.10 -12.97 -17.73
N THR A 260 -3.30 -11.84 -18.41
CA THR A 260 -3.80 -10.63 -17.74
C THR A 260 -5.20 -10.85 -17.16
N ILE A 261 -6.12 -11.42 -17.96
CA ILE A 261 -7.48 -11.63 -17.45
C ILE A 261 -7.50 -12.66 -16.33
N HIS A 262 -6.62 -13.65 -16.36
CA HIS A 262 -6.50 -14.57 -15.23
C HIS A 262 -6.07 -13.83 -13.96
N ALA A 263 -5.12 -12.89 -14.09
CA ALA A 263 -4.67 -12.13 -12.93
C ALA A 263 -5.75 -11.18 -12.44
N LEU A 264 -6.50 -10.55 -13.36
CA LEU A 264 -7.60 -9.68 -12.95
C LEU A 264 -8.63 -10.46 -12.16
N HIS A 265 -8.89 -11.72 -12.54
CA HIS A 265 -9.85 -12.49 -11.77
C HIS A 265 -9.38 -12.68 -10.33
N VAL A 266 -8.09 -12.99 -10.12
CA VAL A 266 -7.72 -13.20 -8.72
C VAL A 266 -7.78 -11.88 -7.95
N LEU A 267 -7.60 -10.73 -8.62
CA LEU A 267 -7.81 -9.45 -7.94
C LEU A 267 -9.27 -9.26 -7.55
N GLU A 268 -10.18 -9.54 -8.49
CA GLU A 268 -11.59 -9.47 -8.15
C GLU A 268 -11.96 -10.44 -7.03
N SER A 269 -11.39 -11.64 -7.04
CA SER A 269 -11.81 -12.60 -6.01
C SER A 269 -11.46 -12.11 -4.60
N GLY A 270 -10.44 -11.27 -4.46
CA GLY A 270 -10.07 -10.73 -3.16
C GLY A 270 -10.77 -9.43 -2.82
N GLY A 271 -11.66 -8.94 -3.69
CA GLY A 271 -12.30 -7.66 -3.44
C GLY A 271 -11.34 -6.49 -3.55
N PHE A 272 -10.36 -6.59 -4.46
CA PHE A 272 -9.35 -5.55 -4.69
C PHE A 272 -9.98 -4.16 -4.80
N ARG A 273 -11.00 -4.02 -5.64
CA ARG A 273 -11.63 -2.72 -5.84
C ARG A 273 -12.19 -2.19 -4.53
N SER A 274 -12.90 -3.04 -3.77
CA SER A 274 -13.49 -2.56 -2.52
C SER A 274 -12.43 -2.10 -1.52
N LEU A 275 -11.24 -2.70 -1.52
CA LEU A 275 -10.20 -2.26 -0.58
C LEU A 275 -9.75 -0.83 -0.88
N LEU A 276 -9.63 -0.47 -2.16
CA LEU A 276 -9.23 0.89 -2.49
C LEU A 276 -10.35 1.88 -2.17
N ILE A 277 -11.60 1.51 -2.41
CA ILE A 277 -12.70 2.34 -1.95
C ILE A 277 -12.67 2.47 -0.44
N ASN A 278 -12.50 1.35 0.28
CA ASN A 278 -12.35 1.39 1.74
C ASN A 278 -11.29 2.40 2.18
N ALA A 279 -10.14 2.39 1.51
CA ALA A 279 -9.02 3.26 1.89
C ALA A 279 -9.38 4.73 1.69
N VAL A 280 -9.88 5.08 0.51
CA VAL A 280 -10.26 6.47 0.27
C VAL A 280 -11.27 6.92 1.32
N GLU A 281 -12.24 6.06 1.62
CA GLU A 281 -13.26 6.41 2.61
C GLU A 281 -12.66 6.59 4.01
N ALA A 282 -11.80 5.66 4.42
CA ALA A 282 -11.21 5.72 5.76
C ALA A 282 -10.37 6.97 5.95
N SER A 283 -9.53 7.30 4.97
CA SER A 283 -8.71 8.52 5.04
C SER A 283 -9.59 9.76 5.10
N CYS A 284 -10.61 9.82 4.25
CA CYS A 284 -11.53 10.97 4.26
C CYS A 284 -12.25 11.07 5.60
N ILE A 285 -12.75 9.95 6.11
CA ILE A 285 -13.49 9.98 7.38
C ILE A 285 -12.56 10.37 8.53
N ARG A 286 -11.34 9.82 8.56
CA ARG A 286 -10.40 10.24 9.59
C ARG A 286 -10.10 11.73 9.49
N THR A 287 -9.96 12.25 8.26
CA THR A 287 -9.71 13.68 8.07
C THR A 287 -10.85 14.51 8.69
N ARG A 288 -12.11 14.11 8.42
CA ARG A 288 -13.26 14.79 9.00
C ARG A 288 -13.28 14.72 10.52
N GLU A 289 -12.93 13.56 11.08
CA GLU A 289 -13.05 13.43 12.52
C GLU A 289 -11.89 14.11 13.25
N LEU A 290 -10.74 14.25 12.60
CA LEU A 290 -9.68 15.08 13.19
C LEU A 290 -10.15 16.52 13.32
N GLN A 291 -10.84 17.05 12.29
CA GLN A 291 -11.32 18.42 12.37
C GLN A 291 -12.43 18.57 13.41
N SER A 292 -13.31 17.57 13.52
CA SER A 292 -14.38 17.62 14.51
C SER A 292 -13.82 17.62 15.93
N MET A 293 -12.77 16.83 16.19
CA MET A 293 -12.12 16.86 17.49
C MET A 293 -11.52 18.23 17.76
N ALA A 294 -10.89 18.84 16.75
CA ALA A 294 -10.37 20.20 16.88
C ALA A 294 -11.48 21.19 17.22
N ASP A 295 -12.60 21.15 16.49
CA ASP A 295 -13.76 22.00 16.77
C ASP A 295 -14.83 21.27 17.58
N ASN B 17 18.61 12.85 -30.15
CA ASN B 17 18.91 13.04 -31.56
C ASN B 17 19.11 11.70 -32.27
N LEU B 18 18.38 10.69 -31.81
CA LEU B 18 18.42 9.37 -32.41
C LEU B 18 17.52 9.31 -33.64
N TYR B 19 17.96 8.59 -34.68
CA TYR B 19 17.10 8.36 -35.83
C TYR B 19 17.67 7.21 -36.67
N PHE B 20 16.85 6.19 -36.92
CA PHE B 20 17.28 5.00 -37.63
C PHE B 20 17.01 5.20 -39.12
N GLN B 21 18.00 5.78 -39.81
CA GLN B 21 17.79 6.21 -41.19
C GLN B 21 17.65 5.04 -42.16
N SER B 22 18.32 3.92 -41.88
CA SER B 22 18.36 2.81 -42.83
C SER B 22 17.50 1.63 -42.39
N MET B 23 16.55 1.85 -41.49
CA MET B 23 15.78 0.78 -40.86
C MET B 23 14.33 0.82 -41.33
N SER B 24 13.85 -0.30 -41.87
CA SER B 24 12.44 -0.47 -42.21
C SER B 24 11.79 -1.38 -41.18
N VAL B 25 10.77 -0.88 -40.49
CA VAL B 25 10.10 -1.61 -39.43
C VAL B 25 8.77 -2.14 -39.96
N GLY B 26 8.49 -3.41 -39.70
CA GLY B 26 7.20 -4.00 -40.03
C GLY B 26 6.54 -4.59 -38.81
N PHE B 27 5.21 -4.51 -38.77
CA PHE B 27 4.40 -5.12 -37.72
C PHE B 27 3.51 -6.19 -38.33
N ILE B 28 3.72 -7.44 -37.92
CA ILE B 28 2.73 -8.48 -38.20
C ILE B 28 1.68 -8.39 -37.11
N GLY B 29 0.45 -8.02 -37.47
CA GLY B 29 -0.59 -7.68 -36.52
C GLY B 29 -0.69 -6.18 -36.49
N ALA B 30 -1.90 -5.63 -36.47
CA ALA B 30 -2.11 -4.19 -36.44
C ALA B 30 -3.08 -3.83 -35.35
N GLY B 31 -2.89 -4.41 -34.17
CA GLY B 31 -3.76 -4.26 -33.04
C GLY B 31 -3.24 -3.23 -32.05
N GLN B 32 -3.58 -3.44 -30.78
CA GLN B 32 -3.25 -2.48 -29.73
C GLN B 32 -1.75 -2.24 -29.64
N LEU B 33 -0.97 -3.31 -29.67
CA LEU B 33 0.47 -3.20 -29.42
C LEU B 33 1.18 -2.56 -30.61
N ALA B 34 0.87 -3.00 -31.83
CA ALA B 34 1.46 -2.40 -33.01
C ALA B 34 1.14 -0.91 -33.11
N PHE B 35 -0.10 -0.52 -32.77
CA PHE B 35 -0.42 0.89 -32.74
C PHE B 35 0.39 1.62 -31.67
N ALA B 36 0.46 1.03 -30.48
CA ALA B 36 1.16 1.68 -29.37
C ALA B 36 2.63 1.92 -29.71
N LEU B 37 3.29 0.91 -30.26
CA LEU B 37 4.71 1.03 -30.63
C LEU B 37 4.90 2.03 -31.77
N ALA B 38 4.12 1.90 -32.84
CA ALA B 38 4.25 2.84 -33.96
C ALA B 38 4.04 4.28 -33.50
N LYS B 39 3.02 4.51 -32.68
CA LYS B 39 2.77 5.83 -32.13
C LYS B 39 3.96 6.30 -31.29
N GLY B 40 4.45 5.41 -30.41
CA GLY B 40 5.61 5.76 -29.60
C GLY B 40 6.84 6.03 -30.44
N PHE B 41 7.11 5.16 -31.43
CA PHE B 41 8.31 5.32 -32.24
C PHE B 41 8.28 6.63 -33.02
N THR B 42 7.12 6.96 -33.60
CA THR B 42 7.02 8.18 -34.38
C THR B 42 7.03 9.41 -33.49
N ALA B 43 6.35 9.35 -32.35
CA ALA B 43 6.42 10.44 -31.39
C ALA B 43 7.87 10.70 -30.94
N ALA B 44 8.64 9.64 -30.71
CA ALA B 44 10.04 9.81 -30.33
C ALA B 44 10.89 10.40 -31.45
N GLY B 45 10.36 10.49 -32.66
CA GLY B 45 11.10 10.95 -33.81
C GLY B 45 12.05 9.93 -34.40
N VAL B 46 12.19 8.75 -33.79
CA VAL B 46 13.21 7.80 -34.24
C VAL B 46 12.81 7.09 -35.53
N LEU B 47 11.56 7.18 -35.95
CA LEU B 47 11.13 6.57 -37.20
C LEU B 47 10.05 7.43 -37.82
N ALA B 48 10.06 7.51 -39.14
CA ALA B 48 9.00 8.17 -39.89
C ALA B 48 7.88 7.17 -40.15
N ALA B 49 6.64 7.58 -39.91
CA ALA B 49 5.51 6.65 -40.01
C ALA B 49 5.43 5.99 -41.39
N HIS B 50 5.85 6.69 -42.44
CA HIS B 50 5.80 6.11 -43.79
C HIS B 50 6.84 5.02 -44.00
N LYS B 51 7.86 4.95 -43.14
CA LYS B 51 8.81 3.86 -43.20
C LYS B 51 8.37 2.67 -42.36
N ILE B 52 7.14 2.70 -41.83
CA ILE B 52 6.57 1.59 -41.06
C ILE B 52 5.42 1.00 -41.86
N MET B 53 5.35 -0.34 -41.89
CA MET B 53 4.27 -1.08 -42.54
C MET B 53 3.66 -2.03 -41.54
N ALA B 54 2.33 -2.15 -41.53
CA ALA B 54 1.66 -3.12 -40.67
C ALA B 54 0.66 -3.93 -41.46
N SER B 55 0.50 -5.19 -41.09
CA SER B 55 -0.46 -6.08 -41.74
C SER B 55 -1.45 -6.63 -40.72
N SER B 56 -2.68 -6.84 -41.17
CA SER B 56 -3.74 -7.30 -40.27
C SER B 56 -4.69 -8.20 -41.04
N PRO B 57 -5.22 -9.25 -40.40
CA PRO B 57 -6.25 -10.06 -41.06
C PRO B 57 -7.60 -9.39 -41.15
N ASP B 58 -7.78 -8.26 -40.46
CA ASP B 58 -9.04 -7.51 -40.44
C ASP B 58 -8.70 -6.03 -40.56
N MET B 59 -8.88 -5.49 -41.76
CA MET B 59 -8.57 -4.08 -41.99
C MET B 59 -9.67 -3.15 -41.49
N ASP B 60 -10.78 -3.69 -41.01
CA ASP B 60 -11.84 -2.89 -40.38
C ASP B 60 -11.66 -2.88 -38.86
N LEU B 61 -10.47 -2.51 -38.42
CA LEU B 61 -10.15 -2.41 -36.99
C LEU B 61 -9.90 -0.95 -36.63
N ALA B 62 -10.33 -0.58 -35.43
CA ALA B 62 -10.09 0.79 -34.96
C ALA B 62 -8.60 1.12 -34.95
N THR B 63 -7.77 0.17 -34.52
CA THR B 63 -6.32 0.39 -34.53
C THR B 63 -5.79 0.53 -35.95
N VAL B 64 -6.41 -0.15 -36.92
CA VAL B 64 -5.96 -0.03 -38.31
C VAL B 64 -6.26 1.37 -38.85
N SER B 65 -7.45 1.90 -38.56
CA SER B 65 -7.77 3.25 -39.00
C SER B 65 -6.88 4.27 -38.31
N ALA B 66 -6.54 4.05 -37.04
CA ALA B 66 -5.63 4.93 -36.32
C ALA B 66 -4.24 4.92 -36.95
N LEU B 67 -3.72 3.72 -37.23
CA LEU B 67 -2.41 3.61 -37.88
C LEU B 67 -2.42 4.30 -39.25
N ARG B 68 -3.54 4.24 -39.97
CA ARG B 68 -3.61 4.89 -41.28
C ARG B 68 -3.53 6.40 -41.16
N LYS B 69 -4.16 6.97 -40.12
CA LYS B 69 -4.10 8.41 -39.91
C LYS B 69 -2.67 8.87 -39.60
N MET B 70 -1.90 8.04 -38.88
CA MET B 70 -0.50 8.36 -38.62
C MET B 70 0.35 8.42 -39.88
N GLY B 71 -0.05 7.73 -40.94
CA GLY B 71 0.76 7.60 -42.14
C GLY B 71 1.44 6.25 -42.29
N VAL B 72 1.22 5.33 -41.36
CA VAL B 72 1.81 3.99 -41.47
C VAL B 72 1.22 3.27 -42.68
N LYS B 73 2.07 2.57 -43.42
CA LYS B 73 1.59 1.81 -44.57
C LYS B 73 0.89 0.56 -44.08
N LEU B 74 -0.28 0.26 -44.65
CA LEU B 74 -1.12 -0.83 -44.19
C LEU B 74 -1.35 -1.82 -45.33
N THR B 75 -1.38 -3.11 -45.01
CA THR B 75 -1.60 -4.12 -46.05
C THR B 75 -2.26 -5.32 -45.42
N PRO B 76 -3.13 -6.02 -46.16
CA PRO B 76 -3.65 -7.29 -45.65
C PRO B 76 -2.68 -8.46 -45.71
N HIS B 77 -1.51 -8.31 -46.35
CA HIS B 77 -0.66 -9.45 -46.69
C HIS B 77 0.59 -9.45 -45.82
N ASN B 78 0.70 -10.44 -44.93
CA ASN B 78 1.90 -10.56 -44.11
C ASN B 78 3.16 -10.65 -44.96
N LYS B 79 3.06 -11.26 -46.15
CA LYS B 79 4.23 -11.38 -47.01
C LYS B 79 4.74 -9.99 -47.43
N GLU B 80 3.83 -9.04 -47.66
CA GLU B 80 4.26 -7.68 -48.01
C GLU B 80 4.99 -7.02 -46.85
N THR B 81 4.49 -7.19 -45.63
CA THR B 81 5.20 -6.66 -44.47
C THR B 81 6.62 -7.22 -44.40
N VAL B 82 6.78 -8.54 -44.54
CA VAL B 82 8.09 -9.16 -44.48
C VAL B 82 9.01 -8.59 -45.55
N GLN B 83 8.52 -8.50 -46.79
CA GLN B 83 9.36 -8.02 -47.89
C GLN B 83 9.78 -6.56 -47.68
N HIS B 84 8.93 -5.75 -47.05
CA HIS B 84 9.24 -4.35 -46.80
C HIS B 84 10.21 -4.13 -45.64
N SER B 85 10.30 -5.05 -44.70
CA SER B 85 10.87 -4.73 -43.40
C SER B 85 12.27 -5.29 -43.22
N ASP B 86 13.03 -4.62 -42.35
CA ASP B 86 14.27 -5.13 -41.77
C ASP B 86 14.00 -5.72 -40.38
N VAL B 87 13.46 -4.89 -39.50
CA VAL B 87 13.03 -5.33 -38.17
C VAL B 87 11.55 -5.69 -38.25
N LEU B 88 11.21 -6.90 -37.83
CA LEU B 88 9.86 -7.42 -37.98
C LEU B 88 9.29 -7.75 -36.61
N PHE B 89 8.34 -6.93 -36.14
CA PHE B 89 7.64 -7.20 -34.89
C PHE B 89 6.48 -8.15 -35.13
N LEU B 90 6.46 -9.25 -34.38
CA LEU B 90 5.30 -10.13 -34.33
C LEU B 90 4.46 -9.62 -33.18
N ALA B 91 3.55 -8.71 -33.51
CA ALA B 91 2.66 -8.05 -32.56
C ALA B 91 1.31 -8.75 -32.52
N VAL B 92 1.36 -10.09 -32.41
CA VAL B 92 0.16 -10.90 -32.44
C VAL B 92 0.03 -11.65 -31.12
N LYS B 93 -1.16 -12.21 -30.91
CA LYS B 93 -1.42 -12.99 -29.72
C LYS B 93 -0.64 -14.32 -29.78
N PRO B 94 -0.31 -14.88 -28.62
CA PRO B 94 0.59 -16.07 -28.61
C PRO B 94 0.12 -17.24 -29.45
N HIS B 95 -1.19 -17.52 -29.49
CA HIS B 95 -1.60 -18.68 -30.28
C HIS B 95 -1.54 -18.41 -31.78
N ILE B 96 -1.44 -17.14 -32.19
CA ILE B 96 -1.33 -16.81 -33.60
C ILE B 96 0.10 -17.04 -34.13
N ILE B 97 1.09 -16.95 -33.24
CA ILE B 97 2.50 -16.95 -33.66
C ILE B 97 2.86 -18.14 -34.54
N PRO B 98 2.54 -19.40 -34.19
CA PRO B 98 2.96 -20.50 -35.07
C PRO B 98 2.32 -20.44 -36.44
N PHE B 99 1.13 -19.85 -36.57
CA PHE B 99 0.54 -19.71 -37.91
C PHE B 99 1.28 -18.65 -38.73
N ILE B 100 1.61 -17.51 -38.09
CA ILE B 100 2.46 -16.51 -38.75
C ILE B 100 3.75 -17.14 -39.25
N LEU B 101 4.42 -17.92 -38.39
CA LEU B 101 5.74 -18.44 -38.78
C LEU B 101 5.62 -19.45 -39.90
N ASP B 102 4.54 -20.25 -39.92
CA ASP B 102 4.30 -21.13 -41.06
C ASP B 102 4.05 -20.33 -42.33
N GLU B 103 3.39 -19.18 -42.21
CA GLU B 103 2.99 -18.43 -43.39
C GLU B 103 4.18 -17.73 -44.04
N ILE B 104 5.00 -17.05 -43.24
CA ILE B 104 6.04 -16.21 -43.79
C ILE B 104 7.43 -16.79 -43.62
N GLY B 105 7.56 -17.99 -43.07
CA GLY B 105 8.88 -18.55 -42.79
C GLY B 105 9.78 -18.58 -44.01
N ALA B 106 9.23 -18.96 -45.17
CA ALA B 106 10.01 -19.00 -46.41
C ALA B 106 10.42 -17.61 -46.89
N ASP B 107 9.85 -16.53 -46.34
CA ASP B 107 10.19 -15.19 -46.77
C ASP B 107 11.25 -14.52 -45.90
N ILE B 108 11.62 -15.12 -44.77
CA ILE B 108 12.66 -14.54 -43.91
C ILE B 108 14.00 -14.61 -44.63
N GLU B 109 14.74 -13.50 -44.62
CA GLU B 109 16.05 -13.40 -45.24
C GLU B 109 17.11 -13.14 -44.18
N ASP B 110 18.37 -13.13 -44.63
CA ASP B 110 19.48 -12.85 -43.72
C ASP B 110 19.30 -11.52 -43.01
N ARG B 111 18.77 -10.52 -43.72
CA ARG B 111 18.69 -9.15 -43.22
C ARG B 111 17.67 -9.00 -42.09
N HIS B 112 16.81 -9.99 -41.88
CA HIS B 112 15.68 -9.83 -40.97
C HIS B 112 16.09 -10.04 -39.53
N ILE B 113 15.59 -9.17 -38.65
CA ILE B 113 15.55 -9.40 -37.22
C ILE B 113 14.09 -9.58 -36.84
N VAL B 114 13.74 -10.76 -36.35
CA VAL B 114 12.37 -11.08 -35.96
C VAL B 114 12.23 -10.84 -34.46
N VAL B 115 11.35 -9.92 -34.09
CA VAL B 115 11.12 -9.57 -32.69
C VAL B 115 9.72 -10.03 -32.31
N SER B 116 9.65 -11.08 -31.49
CA SER B 116 8.37 -11.60 -31.02
C SER B 116 7.97 -10.88 -29.75
N CYS B 117 6.77 -10.29 -29.74
CA CYS B 117 6.23 -9.66 -28.54
C CYS B 117 5.22 -10.53 -27.81
N ALA B 118 4.99 -11.76 -28.27
CA ALA B 118 3.93 -12.58 -27.73
C ALA B 118 4.32 -13.16 -26.37
N ALA B 119 3.39 -13.11 -25.42
CA ALA B 119 3.60 -13.72 -24.11
C ALA B 119 3.86 -15.21 -24.24
N GLY B 120 4.83 -15.70 -23.46
CA GLY B 120 5.03 -17.13 -23.30
C GLY B 120 5.85 -17.81 -24.37
N VAL B 121 5.77 -17.30 -25.61
CA VAL B 121 6.35 -18.01 -26.75
C VAL B 121 7.87 -17.94 -26.68
N THR B 122 8.52 -19.10 -26.63
CA THR B 122 9.95 -19.15 -26.40
C THR B 122 10.74 -18.87 -27.68
N ILE B 123 11.95 -18.35 -27.49
CA ILE B 123 12.89 -18.23 -28.59
C ILE B 123 13.07 -19.57 -29.29
N SER B 124 13.24 -20.64 -28.49
CA SER B 124 13.45 -21.97 -29.04
C SER B 124 12.37 -22.37 -30.03
N SER B 125 11.11 -22.11 -29.70
CA SER B 125 10.02 -22.54 -30.58
C SER B 125 9.99 -21.71 -31.87
N ILE B 126 10.31 -20.41 -31.78
CA ILE B 126 10.36 -19.59 -32.98
C ILE B 126 11.51 -20.04 -33.88
N GLU B 127 12.69 -20.26 -33.29
CA GLU B 127 13.85 -20.66 -34.07
C GLU B 127 13.62 -22.00 -34.76
N LYS B 128 12.94 -22.92 -34.07
CA LYS B 128 12.66 -24.23 -34.65
C LYS B 128 11.81 -24.09 -35.91
N LYS B 129 10.77 -23.26 -35.85
CA LYS B 129 9.88 -23.07 -37.00
C LYS B 129 10.63 -22.44 -38.16
N LEU B 130 11.32 -21.32 -37.89
CA LEU B 130 11.97 -20.58 -38.96
C LEU B 130 13.17 -21.33 -39.53
N SER B 131 13.84 -22.15 -38.72
CA SER B 131 15.04 -22.85 -39.18
C SER B 131 14.73 -23.93 -40.20
N ALA B 132 13.49 -24.42 -40.26
CA ALA B 132 13.12 -25.36 -41.32
C ALA B 132 13.18 -24.71 -42.70
N PHE B 133 13.09 -23.39 -42.78
CA PHE B 133 13.15 -22.67 -44.04
C PHE B 133 14.53 -22.14 -44.35
N ARG B 134 15.24 -21.63 -43.36
CA ARG B 134 16.51 -20.97 -43.56
C ARG B 134 17.25 -21.10 -42.24
N PRO B 135 18.49 -21.54 -42.24
CA PRO B 135 19.22 -21.64 -40.97
C PRO B 135 19.56 -20.26 -40.42
N ALA B 136 19.90 -20.23 -39.13
CA ALA B 136 20.32 -19.02 -38.43
C ALA B 136 19.38 -17.82 -38.53
N PRO B 137 18.09 -17.99 -38.25
CA PRO B 137 17.21 -16.81 -38.15
C PRO B 137 17.56 -15.98 -36.93
N ARG B 138 17.52 -14.65 -37.09
CA ARG B 138 17.88 -13.71 -36.04
C ARG B 138 16.63 -13.35 -35.25
N VAL B 139 16.51 -13.87 -34.03
CA VAL B 139 15.29 -13.80 -33.25
C VAL B 139 15.59 -13.07 -31.96
N ILE B 140 14.71 -12.14 -31.60
CA ILE B 140 14.72 -11.48 -30.31
C ILE B 140 13.33 -11.64 -29.74
N ARG B 141 13.24 -12.06 -28.49
CA ARG B 141 11.97 -12.12 -27.78
C ARG B 141 11.86 -10.92 -26.84
N CYS B 142 10.74 -10.22 -26.87
CA CYS B 142 10.56 -9.17 -25.88
C CYS B 142 9.21 -9.31 -25.19
N MET B 143 9.09 -8.60 -24.06
CA MET B 143 7.82 -8.37 -23.38
C MET B 143 7.75 -6.88 -23.13
N THR B 144 6.78 -6.21 -23.73
CA THR B 144 6.64 -4.79 -23.52
C THR B 144 5.21 -4.56 -23.03
N ASN B 145 4.71 -3.33 -23.09
CA ASN B 145 3.34 -3.08 -22.67
C ASN B 145 2.81 -1.87 -23.43
N THR B 146 1.53 -1.62 -23.29
CA THR B 146 0.94 -0.60 -24.16
C THR B 146 1.32 0.83 -23.79
N PRO B 147 1.76 1.14 -22.56
CA PRO B 147 2.23 2.51 -22.27
C PRO B 147 3.41 3.00 -23.13
N VAL B 148 3.99 2.19 -23.99
CA VAL B 148 4.92 2.70 -25.00
C VAL B 148 4.20 3.77 -25.84
N VAL B 149 2.86 3.74 -25.83
CA VAL B 149 2.09 4.70 -26.62
C VAL B 149 2.33 6.13 -26.10
N VAL B 150 2.65 6.29 -24.83
CA VAL B 150 3.03 7.58 -24.24
C VAL B 150 4.50 7.58 -23.82
N ARG B 151 5.30 6.73 -24.47
CA ARG B 151 6.75 6.62 -24.27
C ARG B 151 7.13 6.35 -22.82
N GLU B 152 6.29 5.62 -22.09
CA GLU B 152 6.61 5.18 -20.74
C GLU B 152 6.37 3.69 -20.60
N GLY B 153 6.70 2.93 -21.65
CA GLY B 153 6.60 1.50 -21.55
C GLY B 153 7.63 0.92 -20.61
N ALA B 154 7.44 -0.36 -20.30
CA ALA B 154 8.43 -1.15 -19.58
C ALA B 154 8.71 -2.37 -20.46
N THR B 155 9.93 -2.48 -20.98
CA THR B 155 10.26 -3.53 -21.95
C THR B 155 11.47 -4.33 -21.50
N VAL B 156 11.40 -5.66 -21.59
CA VAL B 156 12.59 -6.50 -21.47
C VAL B 156 12.73 -7.31 -22.76
N TYR B 157 13.97 -7.73 -23.06
CA TYR B 157 14.20 -8.54 -24.24
C TYR B 157 15.30 -9.56 -23.97
N ALA B 158 15.24 -10.68 -24.69
CA ALA B 158 16.30 -11.68 -24.69
C ALA B 158 16.69 -11.98 -26.13
N THR B 159 18.00 -12.05 -26.39
CA THR B 159 18.50 -12.31 -27.74
C THR B 159 18.57 -13.82 -27.98
N GLY B 160 18.24 -14.22 -29.20
CA GLY B 160 18.26 -15.63 -29.57
C GLY B 160 19.64 -16.12 -29.98
N THR B 161 19.66 -17.39 -30.42
CA THR B 161 20.90 -18.08 -30.73
C THR B 161 21.74 -17.36 -31.78
N HIS B 162 21.10 -16.85 -32.83
CA HIS B 162 21.82 -16.35 -33.99
C HIS B 162 21.74 -14.83 -34.12
N ALA B 163 21.15 -14.17 -33.13
CA ALA B 163 21.13 -12.72 -33.07
C ALA B 163 22.54 -12.21 -32.81
N GLN B 164 22.95 -11.22 -33.59
CA GLN B 164 24.27 -10.64 -33.39
C GLN B 164 24.23 -9.63 -32.25
N VAL B 165 25.42 -9.32 -31.71
CA VAL B 165 25.53 -8.36 -30.62
C VAL B 165 24.96 -7.02 -31.05
N GLU B 166 25.13 -6.65 -32.33
CA GLU B 166 24.55 -5.42 -32.84
C GLU B 166 23.01 -5.46 -32.81
N ASP B 167 22.42 -6.65 -32.98
CA ASP B 167 20.96 -6.75 -33.03
C ASP B 167 20.32 -6.39 -31.69
N GLY B 168 20.89 -6.85 -30.58
CA GLY B 168 20.33 -6.52 -29.27
C GLY B 168 20.58 -5.07 -28.89
N ARG B 169 21.74 -4.52 -29.27
CA ARG B 169 22.01 -3.10 -29.01
C ARG B 169 21.05 -2.23 -29.81
N LEU B 170 20.82 -2.60 -31.07
CA LEU B 170 19.84 -1.90 -31.91
C LEU B 170 18.46 -1.93 -31.28
N MET B 171 18.00 -3.13 -30.88
CA MET B 171 16.67 -3.23 -30.32
C MET B 171 16.56 -2.47 -29.00
N GLU B 172 17.57 -2.58 -28.14
CA GLU B 172 17.56 -1.75 -26.94
C GLU B 172 17.49 -0.27 -27.29
N GLN B 173 18.25 0.15 -28.31
CA GLN B 173 18.21 1.56 -28.73
C GLN B 173 16.79 1.95 -29.13
N LEU B 174 16.16 1.12 -29.94
CA LEU B 174 14.82 1.42 -30.44
C LEU B 174 13.80 1.40 -29.31
N LEU B 175 13.82 0.36 -28.47
CA LEU B 175 12.78 0.22 -27.45
C LEU B 175 12.99 1.18 -26.28
N SER B 176 14.24 1.59 -26.02
CA SER B 176 14.49 2.62 -25.02
C SER B 176 13.88 3.97 -25.41
N SER B 177 13.63 4.21 -26.70
CA SER B 177 13.01 5.46 -27.08
C SER B 177 11.54 5.55 -26.68
N VAL B 178 10.92 4.46 -26.19
CA VAL B 178 9.51 4.51 -25.82
C VAL B 178 9.29 4.05 -24.38
N GLY B 179 10.34 3.99 -23.58
CA GLY B 179 10.20 3.61 -22.19
C GLY B 179 11.48 2.99 -21.66
N PHE B 180 11.34 2.38 -20.48
CA PHE B 180 12.42 1.59 -19.91
C PHE B 180 12.66 0.35 -20.77
N CYS B 181 13.93 0.00 -20.99
CA CYS B 181 14.25 -1.21 -21.72
C CYS B 181 15.55 -1.78 -21.18
N THR B 182 15.56 -3.10 -20.96
CA THR B 182 16.80 -3.77 -20.58
C THR B 182 16.81 -5.21 -21.08
N GLU B 183 18.00 -5.74 -21.30
CA GLU B 183 18.15 -7.15 -21.66
C GLU B 183 17.98 -8.01 -20.42
N VAL B 184 17.32 -9.17 -20.57
CA VAL B 184 17.24 -10.15 -19.49
C VAL B 184 17.51 -11.55 -20.06
N GLU B 185 17.83 -12.49 -19.16
CA GLU B 185 17.79 -13.90 -19.51
C GLU B 185 16.36 -14.30 -19.87
N GLU B 186 16.22 -15.19 -20.87
CA GLU B 186 14.87 -15.53 -21.35
C GLU B 186 14.02 -16.13 -20.24
N ASP B 187 14.63 -16.79 -19.27
CA ASP B 187 13.82 -17.46 -18.23
C ASP B 187 13.18 -16.49 -17.24
N LEU B 188 13.47 -15.18 -17.30
CA LEU B 188 12.75 -14.18 -16.50
C LEU B 188 11.50 -13.62 -17.18
N ILE B 189 11.29 -13.88 -18.47
CA ILE B 189 10.31 -13.09 -19.21
C ILE B 189 8.86 -13.44 -18.82
N ASP B 190 8.56 -14.71 -18.55
CA ASP B 190 7.20 -15.04 -18.12
C ASP B 190 6.85 -14.31 -16.82
N ALA B 191 7.80 -14.18 -15.90
CA ALA B 191 7.57 -13.45 -14.67
C ALA B 191 7.45 -11.95 -14.94
N VAL B 192 8.26 -11.42 -15.87
CA VAL B 192 8.08 -10.01 -16.26
C VAL B 192 6.68 -9.81 -16.83
N THR B 193 6.19 -10.79 -17.59
CA THR B 193 4.84 -10.70 -18.12
C THR B 193 3.82 -10.49 -17.02
N GLY B 194 3.95 -11.24 -15.93
CA GLY B 194 2.98 -11.10 -14.85
C GLY B 194 3.10 -9.80 -14.08
N LEU B 195 4.27 -9.16 -14.15
CA LEU B 195 4.50 -7.90 -13.42
C LEU B 195 4.23 -6.71 -14.33
N SER B 196 5.07 -6.47 -15.34
CA SER B 196 4.88 -5.27 -16.14
C SER B 196 4.07 -5.51 -17.41
N GLY B 197 3.99 -6.75 -17.90
CA GLY B 197 3.11 -7.02 -19.04
C GLY B 197 1.64 -6.83 -18.69
N SER B 198 1.20 -7.42 -17.58
CA SER B 198 -0.17 -7.29 -17.08
C SER B 198 -0.35 -6.10 -16.14
N GLY B 199 0.74 -5.51 -15.67
CA GLY B 199 0.68 -4.44 -14.70
C GLY B 199 -0.24 -3.27 -15.01
N PRO B 200 -0.21 -2.75 -16.24
CA PRO B 200 -1.11 -1.62 -16.56
C PRO B 200 -2.58 -1.97 -16.32
N ALA B 201 -3.01 -3.21 -16.62
CA ALA B 201 -4.38 -3.62 -16.31
C ALA B 201 -4.66 -3.55 -14.81
N TYR B 202 -3.71 -3.97 -13.97
CA TYR B 202 -3.89 -3.83 -12.52
C TYR B 202 -4.10 -2.36 -12.17
N ALA B 203 -3.28 -1.49 -12.76
CA ALA B 203 -3.37 -0.06 -12.48
C ALA B 203 -4.70 0.52 -12.95
N PHE B 204 -5.17 0.13 -14.14
CA PHE B 204 -6.47 0.66 -14.61
C PHE B 204 -7.60 0.23 -13.68
N THR B 205 -7.56 -1.03 -13.23
CA THR B 205 -8.51 -1.52 -12.24
C THR B 205 -8.41 -0.71 -10.94
N ALA B 206 -7.18 -0.51 -10.44
CA ALA B 206 -7.01 0.28 -9.21
C ALA B 206 -7.53 1.70 -9.39
N LEU B 207 -7.31 2.30 -10.57
CA LEU B 207 -7.70 3.70 -10.75
C LEU B 207 -9.22 3.83 -10.85
N ASP B 208 -9.87 2.86 -11.50
CA ASP B 208 -11.35 2.83 -11.53
C ASP B 208 -11.90 2.77 -10.12
N ALA B 209 -11.34 1.89 -9.28
CA ALA B 209 -11.81 1.75 -7.90
C ALA B 209 -11.51 2.97 -7.05
N LEU B 210 -10.28 3.52 -7.17
CA LEU B 210 -9.95 4.75 -6.47
C LEU B 210 -10.91 5.87 -6.85
N ALA B 211 -11.24 5.98 -8.13
CA ALA B 211 -12.21 6.99 -8.54
C ALA B 211 -13.58 6.72 -7.90
N ASP B 212 -14.01 5.45 -7.88
CA ASP B 212 -15.25 5.10 -7.17
C ASP B 212 -15.19 5.54 -5.71
N GLY B 213 -14.03 5.38 -5.07
CA GLY B 213 -13.87 5.85 -3.70
C GLY B 213 -14.03 7.35 -3.58
N GLY B 214 -13.39 8.11 -4.48
CA GLY B 214 -13.55 9.55 -4.46
C GLY B 214 -14.99 9.98 -4.70
N VAL B 215 -15.68 9.30 -5.62
CA VAL B 215 -17.09 9.58 -5.89
C VAL B 215 -17.93 9.29 -4.66
N LYS B 216 -17.65 8.17 -3.96
CA LYS B 216 -18.43 7.84 -2.77
C LYS B 216 -18.34 8.94 -1.73
N MET B 217 -17.15 9.53 -1.58
CA MET B 217 -16.90 10.58 -0.62
C MET B 217 -17.29 11.97 -1.14
N GLY B 218 -17.87 12.07 -2.33
CA GLY B 218 -18.44 13.32 -2.82
C GLY B 218 -17.73 14.01 -3.97
N LEU B 219 -16.67 13.40 -4.57
CA LEU B 219 -16.02 14.09 -5.68
C LEU B 219 -16.75 13.81 -7.00
N PRO B 220 -16.80 14.78 -7.91
CA PRO B 220 -17.19 14.46 -9.28
C PRO B 220 -16.26 13.41 -9.88
N ARG B 221 -16.85 12.55 -10.73
CA ARG B 221 -16.10 11.43 -11.29
CA ARG B 221 -16.12 11.43 -11.31
C ARG B 221 -14.88 11.90 -12.08
N ARG B 222 -15.03 12.96 -12.90
CA ARG B 222 -13.92 13.40 -13.73
C ARG B 222 -12.73 13.83 -12.87
N LEU B 223 -13.00 14.61 -11.81
CA LEU B 223 -11.94 15.05 -10.92
C LEU B 223 -11.30 13.86 -10.20
N ALA B 224 -12.13 12.92 -9.72
CA ALA B 224 -11.58 11.77 -9.00
C ALA B 224 -10.67 10.93 -9.90
N VAL B 225 -11.05 10.75 -11.17
CA VAL B 225 -10.20 10.00 -12.10
C VAL B 225 -8.87 10.72 -12.30
N ARG B 226 -8.93 12.03 -12.59
CA ARG B 226 -7.72 12.83 -12.80
C ARG B 226 -6.80 12.79 -11.58
N LEU B 227 -7.36 12.98 -10.39
CA LEU B 227 -6.57 13.03 -9.15
C LEU B 227 -5.96 11.67 -8.82
N GLY B 228 -6.73 10.58 -8.96
CA GLY B 228 -6.21 9.26 -8.69
C GLY B 228 -5.06 8.90 -9.61
N ALA B 229 -5.24 9.16 -10.91
CA ALA B 229 -4.18 8.87 -11.86
C ALA B 229 -2.94 9.72 -11.59
N GLN B 230 -3.15 11.00 -11.25
CA GLN B 230 -2.01 11.86 -10.95
C GLN B 230 -1.28 11.39 -9.70
N ALA B 231 -2.02 10.91 -8.69
CA ALA B 231 -1.39 10.39 -7.48
C ALA B 231 -0.53 9.18 -7.81
N LEU B 232 -1.05 8.27 -8.63
CA LEU B 232 -0.32 7.06 -8.98
C LEU B 232 0.90 7.39 -9.84
N LEU B 233 0.74 8.31 -10.79
CA LEU B 233 1.88 8.69 -11.62
C LEU B 233 2.96 9.33 -10.77
N GLY B 234 2.58 10.26 -9.89
CA GLY B 234 3.58 10.96 -9.10
C GLY B 234 4.30 10.04 -8.14
N ALA B 235 3.56 9.10 -7.52
CA ALA B 235 4.19 8.16 -6.59
C ALA B 235 5.18 7.25 -7.31
N ALA B 236 4.80 6.72 -8.46
CA ALA B 236 5.71 5.86 -9.23
C ALA B 236 6.95 6.63 -9.65
N LYS B 237 6.79 7.88 -10.07
CA LYS B 237 7.94 8.69 -10.43
C LYS B 237 8.81 8.98 -9.21
N MET B 238 8.20 9.26 -8.06
CA MET B 238 8.98 9.44 -6.83
C MET B 238 9.85 8.23 -6.54
N LEU B 239 9.28 7.03 -6.64
CA LEU B 239 10.04 5.81 -6.40
C LEU B 239 11.17 5.66 -7.41
N LEU B 240 10.87 5.86 -8.69
CA LEU B 240 11.88 5.69 -9.73
C LEU B 240 13.05 6.65 -9.54
N HIS B 241 12.77 7.86 -9.05
CA HIS B 241 13.82 8.85 -8.88
C HIS B 241 14.49 8.81 -7.51
N SER B 242 14.00 8.00 -6.58
CA SER B 242 14.57 7.87 -5.26
C SER B 242 15.46 6.63 -5.19
N GLU B 243 16.47 6.70 -4.33
CA GLU B 243 17.22 5.50 -4.00
C GLU B 243 16.62 4.75 -2.82
N GLN B 244 15.39 5.08 -2.43
CA GLN B 244 14.81 4.64 -1.19
C GLN B 244 13.79 3.52 -1.41
N HIS B 245 13.61 2.74 -0.36
CA HIS B 245 12.66 1.65 -0.38
C HIS B 245 11.23 2.19 -0.46
N PRO B 246 10.32 1.51 -1.16
CA PRO B 246 8.91 1.97 -1.14
C PRO B 246 8.30 2.02 0.25
N GLY B 247 8.71 1.14 1.18
CA GLY B 247 8.24 1.27 2.56
C GLY B 247 8.70 2.55 3.23
N GLN B 248 9.92 3.01 2.91
CA GLN B 248 10.42 4.26 3.47
C GLN B 248 9.61 5.45 2.95
N LEU B 249 9.32 5.47 1.65
CA LEU B 249 8.51 6.55 1.10
C LEU B 249 7.12 6.54 1.71
N LYS B 250 6.55 5.35 1.92
CA LYS B 250 5.27 5.22 2.61
C LYS B 250 5.36 5.76 4.04
N ASP B 251 6.43 5.42 4.76
CA ASP B 251 6.63 5.97 6.10
C ASP B 251 6.66 7.50 6.08
N ASN B 252 7.43 8.08 5.16
CA ASN B 252 7.56 9.54 5.08
C ASN B 252 6.21 10.22 4.91
N VAL B 253 5.24 9.54 4.30
CA VAL B 253 3.95 10.15 3.98
C VAL B 253 2.89 9.96 5.06
N SER B 254 3.05 8.97 5.94
CA SER B 254 2.02 8.67 6.95
C SER B 254 2.36 9.42 8.24
N SER B 255 1.65 10.52 8.47
CA SER B 255 1.73 11.27 9.72
C SER B 255 1.13 10.46 10.88
N PRO B 256 1.72 10.51 12.07
CA PRO B 256 1.20 9.73 13.20
C PRO B 256 -0.26 10.02 13.50
N GLY B 257 -1.05 8.96 13.67
CA GLY B 257 -2.45 9.13 13.96
C GLY B 257 -3.31 9.64 12.83
N GLY B 258 -2.74 9.85 11.64
CA GLY B 258 -3.38 10.63 10.61
C GLY B 258 -4.24 9.83 9.64
N ALA B 259 -4.75 10.54 8.63
CA ALA B 259 -5.69 9.97 7.67
C ALA B 259 -5.08 8.82 6.89
N THR B 260 -3.82 8.97 6.48
CA THR B 260 -3.18 7.99 5.59
C THR B 260 -2.93 6.66 6.30
N ILE B 261 -2.36 6.70 7.50
CA ILE B 261 -2.12 5.46 8.24
C ILE B 261 -3.43 4.75 8.57
N HIS B 262 -4.51 5.51 8.81
CA HIS B 262 -5.82 4.86 8.99
C HIS B 262 -6.24 4.13 7.73
N ALA B 263 -6.00 4.74 6.56
CA ALA B 263 -6.37 4.10 5.31
C ALA B 263 -5.46 2.92 5.01
N LEU B 264 -4.15 3.04 5.31
CA LEU B 264 -3.26 1.90 5.10
C LEU B 264 -3.70 0.70 5.92
N HIS B 265 -4.18 0.92 7.15
CA HIS B 265 -4.65 -0.19 7.94
C HIS B 265 -5.80 -0.93 7.25
N VAL B 266 -6.77 -0.21 6.68
CA VAL B 266 -7.88 -0.95 6.06
C VAL B 266 -7.41 -1.72 4.82
N LEU B 267 -6.39 -1.24 4.11
CA LEU B 267 -5.78 -2.04 3.03
C LEU B 267 -5.14 -3.32 3.57
N GLU B 268 -4.32 -3.19 4.63
CA GLU B 268 -3.71 -4.36 5.24
C GLU B 268 -4.76 -5.36 5.71
N SER B 269 -5.84 -4.86 6.33
CA SER B 269 -6.86 -5.75 6.87
C SER B 269 -7.53 -6.57 5.77
N GLY B 270 -7.56 -6.07 4.55
CA GLY B 270 -8.10 -6.84 3.45
C GLY B 270 -7.08 -7.68 2.72
N GLY B 271 -5.83 -7.72 3.17
CA GLY B 271 -4.81 -8.46 2.45
C GLY B 271 -4.42 -7.88 1.11
N PHE B 272 -4.49 -6.56 0.97
CA PHE B 272 -4.16 -5.84 -0.27
C PHE B 272 -2.86 -6.33 -0.89
N ARG B 273 -1.78 -6.37 -0.10
CA ARG B 273 -0.49 -6.80 -0.63
C ARG B 273 -0.59 -8.19 -1.24
N SER B 274 -1.27 -9.12 -0.55
CA SER B 274 -1.35 -10.49 -1.04
C SER B 274 -2.12 -10.59 -2.37
N LEU B 275 -3.07 -9.71 -2.60
CA LEU B 275 -3.82 -9.79 -3.87
C LEU B 275 -2.91 -9.46 -5.06
N LEU B 276 -2.06 -8.44 -4.90
CA LEU B 276 -1.14 -8.08 -5.98
C LEU B 276 -0.09 -9.17 -6.18
N ILE B 277 0.42 -9.78 -5.11
CA ILE B 277 1.29 -10.94 -5.28
C ILE B 277 0.53 -12.04 -6.01
N ASN B 278 -0.71 -12.31 -5.57
CA ASN B 278 -1.57 -13.28 -6.25
C ASN B 278 -1.67 -13.00 -7.75
N ALA B 279 -1.81 -11.73 -8.12
CA ALA B 279 -2.00 -11.36 -9.53
C ALA B 279 -0.76 -11.64 -10.36
N VAL B 280 0.41 -11.17 -9.88
CA VAL B 280 1.66 -11.42 -10.61
C VAL B 280 1.87 -12.91 -10.78
N GLU B 281 1.68 -13.67 -9.70
CA GLU B 281 1.79 -15.12 -9.78
C GLU B 281 0.82 -15.70 -10.80
N ALA B 282 -0.44 -15.28 -10.76
CA ALA B 282 -1.45 -15.90 -11.63
C ALA B 282 -1.15 -15.62 -13.10
N SER B 283 -0.76 -14.38 -13.40
CA SER B 283 -0.40 -14.04 -14.78
C SER B 283 0.85 -14.79 -15.25
N CYS B 284 1.88 -14.88 -14.39
CA CYS B 284 3.07 -15.64 -14.75
C CYS B 284 2.73 -17.11 -15.03
N ILE B 285 2.00 -17.73 -14.10
CA ILE B 285 1.66 -19.16 -14.23
C ILE B 285 0.82 -19.41 -15.48
N ARG B 286 -0.18 -18.57 -15.74
CA ARG B 286 -0.97 -18.72 -16.96
C ARG B 286 -0.10 -18.57 -18.21
N THR B 287 0.84 -17.62 -18.20
CA THR B 287 1.76 -17.48 -19.32
C THR B 287 2.55 -18.77 -19.53
N ARG B 288 3.06 -19.37 -18.44
CA ARG B 288 3.83 -20.60 -18.59
CA ARG B 288 3.83 -20.60 -18.57
C ARG B 288 2.96 -21.74 -19.09
N GLU B 289 1.74 -21.85 -18.60
CA GLU B 289 0.93 -22.99 -19.02
C GLU B 289 0.36 -22.83 -20.42
N LEU B 290 0.19 -21.60 -20.90
CA LEU B 290 -0.17 -21.41 -22.30
C LEU B 290 0.89 -21.98 -23.22
N GLN B 291 2.17 -21.68 -22.94
CA GLN B 291 3.24 -22.21 -23.77
C GLN B 291 3.39 -23.73 -23.61
N SER B 292 3.13 -24.27 -22.41
CA SER B 292 3.30 -25.71 -22.20
C SER B 292 2.37 -26.52 -23.11
N MET B 293 1.11 -26.10 -23.26
CA MET B 293 0.23 -26.79 -24.19
C MET B 293 0.47 -26.37 -25.64
N ALA B 294 1.03 -25.18 -25.87
CA ALA B 294 1.54 -24.87 -27.19
C ALA B 294 2.66 -25.84 -27.59
N ASP B 295 3.59 -26.08 -26.67
CA ASP B 295 4.73 -26.98 -26.94
C ASP B 295 4.39 -28.44 -26.64
N SER C 22 25.41 5.51 46.17
CA SER C 22 24.79 5.82 47.46
C SER C 22 23.35 6.29 47.26
N MET C 23 22.61 5.57 46.42
CA MET C 23 21.23 5.91 46.10
C MET C 23 20.31 4.82 46.61
N SER C 24 19.17 5.23 47.16
CA SER C 24 18.18 4.31 47.72
C SER C 24 16.99 4.20 46.78
N VAL C 25 16.72 2.99 46.29
CA VAL C 25 15.59 2.72 45.43
C VAL C 25 14.62 1.82 46.20
N GLY C 26 13.33 2.15 46.09
CA GLY C 26 12.31 1.33 46.70
C GLY C 26 11.26 0.94 45.67
N PHE C 27 10.60 -0.18 45.93
CA PHE C 27 9.55 -0.71 45.07
C PHE C 27 8.27 -0.89 45.87
N ILE C 28 7.22 -0.16 45.49
CA ILE C 28 5.88 -0.47 45.93
C ILE C 28 5.32 -1.53 44.98
N GLY C 29 5.00 -2.70 45.53
CA GLY C 29 4.66 -3.85 44.72
C GLY C 29 5.86 -4.74 44.55
N ALA C 30 5.69 -6.06 44.61
CA ALA C 30 6.81 -7.00 44.47
C ALA C 30 6.44 -8.12 43.51
N GLY C 31 5.92 -7.73 42.35
CA GLY C 31 5.50 -8.66 41.32
C GLY C 31 6.51 -8.77 40.20
N GLN C 32 6.02 -9.06 39.01
CA GLN C 32 6.90 -9.34 37.89
C GLN C 32 7.83 -8.16 37.59
N LEU C 33 7.28 -6.95 37.58
CA LEU C 33 8.06 -5.79 37.15
C LEU C 33 9.11 -5.42 38.18
N ALA C 34 8.72 -5.38 39.46
CA ALA C 34 9.68 -5.10 40.53
C ALA C 34 10.84 -6.09 40.49
N PHE C 35 10.55 -7.39 40.34
CA PHE C 35 11.63 -8.35 40.27
C PHE C 35 12.49 -8.12 39.03
N ALA C 36 11.84 -7.85 37.89
CA ALA C 36 12.57 -7.65 36.63
C ALA C 36 13.50 -6.45 36.72
N LEU C 37 13.01 -5.34 37.27
CA LEU C 37 13.84 -4.14 37.42
C LEU C 37 14.96 -4.38 38.43
N ALA C 38 14.63 -4.91 39.61
CA ALA C 38 15.66 -5.18 40.62
C ALA C 38 16.74 -6.09 40.06
N LYS C 39 16.34 -7.18 39.37
CA LYS C 39 17.32 -8.09 38.79
C LYS C 39 18.18 -7.37 37.76
N GLY C 40 17.54 -6.62 36.84
CA GLY C 40 18.29 -5.90 35.83
C GLY C 40 19.24 -4.86 36.42
N PHE C 41 18.75 -4.06 37.38
CA PHE C 41 19.56 -3.03 38.02
C PHE C 41 20.79 -3.64 38.68
N THR C 42 20.61 -4.71 39.45
CA THR C 42 21.75 -5.30 40.13
C THR C 42 22.64 -6.05 39.14
N ALA C 43 22.06 -6.68 38.12
CA ALA C 43 22.88 -7.23 37.05
C ALA C 43 23.71 -6.15 36.38
N ALA C 44 23.13 -4.95 36.20
CA ALA C 44 23.86 -3.87 35.56
C ALA C 44 24.93 -3.29 36.47
N GLY C 45 24.87 -3.57 37.76
CA GLY C 45 25.83 -3.00 38.68
C GLY C 45 25.58 -1.55 38.99
N VAL C 46 24.38 -1.04 38.71
CA VAL C 46 24.06 0.33 39.11
C VAL C 46 23.52 0.41 40.53
N LEU C 47 22.89 -0.66 41.02
CA LEU C 47 22.39 -0.71 42.38
C LEU C 47 22.87 -1.97 43.08
N ALA C 48 23.07 -1.86 44.39
CA ALA C 48 23.36 -3.02 45.23
C ALA C 48 22.04 -3.56 45.76
N ALA C 49 21.86 -4.88 45.67
CA ALA C 49 20.57 -5.47 46.05
C ALA C 49 20.20 -5.11 47.47
N HIS C 50 21.19 -5.00 48.36
CA HIS C 50 20.88 -4.67 49.74
C HIS C 50 20.46 -3.23 49.93
N LYS C 51 20.57 -2.37 48.91
CA LYS C 51 20.11 -1.00 49.01
C LYS C 51 18.73 -0.82 48.36
N ILE C 52 18.05 -1.92 48.06
CA ILE C 52 16.74 -1.91 47.44
C ILE C 52 15.76 -2.52 48.43
N MET C 53 14.62 -1.87 48.61
CA MET C 53 13.53 -2.41 49.40
C MET C 53 12.28 -2.54 48.54
N ALA C 54 11.53 -3.62 48.75
CA ALA C 54 10.26 -3.84 48.08
C ALA C 54 9.20 -4.23 49.09
N SER C 55 7.96 -3.81 48.81
CA SER C 55 6.83 -4.10 49.68
C SER C 55 5.72 -4.79 48.90
N SER C 56 5.07 -5.77 49.54
CA SER C 56 4.01 -6.55 48.92
C SER C 56 2.89 -6.81 49.91
N PRO C 57 1.63 -6.80 49.44
CA PRO C 57 0.52 -7.16 50.33
C PRO C 57 0.36 -8.66 50.50
N ASP C 58 1.00 -9.45 49.64
CA ASP C 58 1.00 -10.90 49.73
C ASP C 58 2.45 -11.36 49.68
N MET C 59 2.97 -11.83 50.81
CA MET C 59 4.37 -12.24 50.90
C MET C 59 4.59 -13.68 50.48
N ASP C 60 3.59 -14.33 49.86
CA ASP C 60 3.68 -15.72 49.46
C ASP C 60 3.88 -15.86 47.96
N LEU C 61 4.28 -14.79 47.28
CA LEU C 61 4.45 -14.84 45.84
C LEU C 61 5.82 -15.39 45.47
N ALA C 62 5.87 -16.12 44.35
CA ALA C 62 7.15 -16.56 43.83
C ALA C 62 8.05 -15.36 43.54
N THR C 63 7.47 -14.25 43.09
CA THR C 63 8.26 -13.04 42.87
C THR C 63 8.82 -12.48 44.17
N VAL C 64 8.08 -12.62 45.27
CA VAL C 64 8.59 -12.17 46.57
C VAL C 64 9.81 -13.00 46.97
N SER C 65 9.67 -14.32 46.92
CA SER C 65 10.79 -15.19 47.30
C SER C 65 11.98 -14.98 46.37
N ALA C 66 11.73 -14.75 45.09
CA ALA C 66 12.82 -14.49 44.14
C ALA C 66 13.57 -13.22 44.48
N LEU C 67 12.85 -12.17 44.91
CA LEU C 67 13.51 -10.95 45.36
C LEU C 67 14.30 -11.20 46.63
N ARG C 68 13.77 -12.02 47.54
CA ARG C 68 14.49 -12.34 48.75
C ARG C 68 15.75 -13.14 48.45
N LYS C 69 15.64 -14.16 47.59
CA LYS C 69 16.83 -14.94 47.23
C LYS C 69 17.89 -14.05 46.59
N MET C 70 17.46 -12.96 45.94
CA MET C 70 18.33 -12.00 45.29
C MET C 70 19.01 -11.05 46.28
N GLY C 71 18.57 -11.00 47.52
CA GLY C 71 19.14 -10.10 48.50
C GLY C 71 18.43 -8.78 48.68
N VAL C 72 17.25 -8.61 48.08
CA VAL C 72 16.48 -7.39 48.28
C VAL C 72 15.82 -7.41 49.65
N LYS C 73 15.76 -6.24 50.30
CA LYS C 73 15.01 -6.11 51.54
C LYS C 73 13.52 -6.09 51.24
N LEU C 74 12.77 -6.95 51.92
CA LEU C 74 11.33 -7.06 51.75
C LEU C 74 10.61 -6.65 53.03
N THR C 75 9.43 -6.06 52.86
CA THR C 75 8.60 -5.65 53.98
C THR C 75 7.14 -5.67 53.54
N PRO C 76 6.20 -5.92 54.46
CA PRO C 76 4.77 -5.84 54.11
C PRO C 76 4.20 -4.43 54.15
N HIS C 77 4.92 -3.46 54.71
CA HIS C 77 4.40 -2.11 54.89
C HIS C 77 4.92 -1.18 53.80
N ASN C 78 4.01 -0.63 53.00
CA ASN C 78 4.41 0.36 52.01
C ASN C 78 5.09 1.57 52.65
N LYS C 79 4.64 1.97 53.85
CA LYS C 79 5.23 3.13 54.51
C LYS C 79 6.71 2.90 54.83
N GLU C 80 7.08 1.65 55.09
CA GLU C 80 8.48 1.32 55.32
C GLU C 80 9.32 1.56 54.06
N THR C 81 8.85 1.06 52.92
CA THR C 81 9.57 1.28 51.67
C THR C 81 9.78 2.77 51.37
N VAL C 82 8.75 3.58 51.62
CA VAL C 82 8.87 5.02 51.36
C VAL C 82 9.96 5.63 52.23
N GLN C 83 9.92 5.34 53.54
CA GLN C 83 10.93 5.88 54.45
C GLN C 83 12.34 5.45 54.07
N HIS C 84 12.49 4.30 53.39
CA HIS C 84 13.79 3.78 53.03
C HIS C 84 14.38 4.43 51.78
N SER C 85 13.53 4.83 50.83
CA SER C 85 14.02 5.07 49.48
C SER C 85 14.01 6.55 49.12
N ASP C 86 14.83 6.89 48.14
CA ASP C 86 14.82 8.19 47.49
C ASP C 86 14.00 8.11 46.20
N VAL C 87 14.35 7.16 45.34
CA VAL C 87 13.60 6.90 44.13
C VAL C 87 12.60 5.79 44.44
N LEU C 88 11.33 6.08 44.23
CA LEU C 88 10.22 5.22 44.63
C LEU C 88 9.48 4.80 43.36
N PHE C 89 9.63 3.52 42.99
CA PHE C 89 8.89 2.95 41.86
C PHE C 89 7.54 2.44 42.35
N LEU C 90 6.47 2.84 41.66
CA LEU C 90 5.15 2.27 41.90
C LEU C 90 4.98 1.19 40.84
N ALA C 91 5.33 -0.04 41.22
CA ALA C 91 5.32 -1.21 40.35
C ALA C 91 4.08 -2.07 40.58
N VAL C 92 2.92 -1.42 40.65
CA VAL C 92 1.67 -2.09 40.91
C VAL C 92 0.77 -1.95 39.69
N LYS C 93 -0.35 -2.65 39.71
CA LYS C 93 -1.27 -2.60 38.60
C LYS C 93 -2.04 -1.28 38.62
N PRO C 94 -2.50 -0.82 37.45
CA PRO C 94 -3.07 0.54 37.36
C PRO C 94 -4.19 0.81 38.36
N HIS C 95 -5.08 -0.14 38.57
CA HIS C 95 -6.18 0.11 39.50
C HIS C 95 -5.70 0.19 40.94
N ILE C 96 -4.47 -0.20 41.25
CA ILE C 96 -3.98 -0.14 42.63
C ILE C 96 -3.35 1.22 42.96
N ILE C 97 -2.86 1.95 41.96
CA ILE C 97 -2.18 3.23 42.22
C ILE C 97 -2.99 4.16 43.12
N PRO C 98 -4.30 4.38 42.90
CA PRO C 98 -5.01 5.33 43.78
C PRO C 98 -4.96 4.93 45.25
N PHE C 99 -5.10 3.64 45.55
CA PHE C 99 -5.03 3.18 46.93
C PHE C 99 -3.63 3.42 47.50
N ILE C 100 -2.59 3.14 46.72
CA ILE C 100 -1.22 3.34 47.18
C ILE C 100 -1.00 4.81 47.53
N LEU C 101 -1.42 5.72 46.65
CA LEU C 101 -1.19 7.14 46.89
C LEU C 101 -1.97 7.62 48.11
N ASP C 102 -3.18 7.11 48.32
CA ASP C 102 -3.91 7.42 49.54
C ASP C 102 -3.16 6.93 50.76
N GLU C 103 -2.53 5.76 50.66
CA GLU C 103 -1.89 5.16 51.83
C GLU C 103 -0.62 5.90 52.24
N ILE C 104 0.20 6.32 51.27
CA ILE C 104 1.53 6.84 51.56
C ILE C 104 1.69 8.31 51.17
N GLY C 105 0.63 8.97 50.68
CA GLY C 105 0.77 10.36 50.28
C GLY C 105 1.33 11.24 51.39
N ALA C 106 0.92 10.98 52.63
CA ALA C 106 1.37 11.79 53.76
C ALA C 106 2.81 11.49 54.15
N ASP C 107 3.45 10.49 53.55
CA ASP C 107 4.83 10.16 53.86
C ASP C 107 5.80 10.56 52.77
N ILE C 108 5.29 11.08 51.64
CA ILE C 108 6.18 11.56 50.58
C ILE C 108 6.86 12.83 51.06
N GLU C 109 8.19 12.84 51.04
CA GLU C 109 8.98 13.98 51.46
C GLU C 109 9.54 14.69 50.23
N ASP C 110 10.28 15.77 50.46
CA ASP C 110 10.84 16.53 49.35
C ASP C 110 11.91 15.75 48.60
N ARG C 111 12.62 14.84 49.29
CA ARG C 111 13.68 14.08 48.64
C ARG C 111 13.15 13.10 47.62
N HIS C 112 11.87 12.77 47.67
CA HIS C 112 11.34 11.64 46.91
C HIS C 112 11.14 11.97 45.43
N ILE C 113 11.48 11.01 44.58
CA ILE C 113 11.03 10.99 43.19
C ILE C 113 10.10 9.79 43.06
N VAL C 114 8.83 10.05 42.79
CA VAL C 114 7.83 9.00 42.62
C VAL C 114 7.75 8.64 41.15
N VAL C 115 8.06 7.38 40.82
CA VAL C 115 8.06 6.88 39.45
C VAL C 115 6.92 5.88 39.32
N SER C 116 5.89 6.25 38.57
CA SER C 116 4.78 5.34 38.31
C SER C 116 5.06 4.54 37.05
N CYS C 117 4.95 3.21 37.16
CA CYS C 117 5.11 2.33 36.02
C CYS C 117 3.78 1.79 35.49
N ALA C 118 2.67 2.19 36.07
CA ALA C 118 1.39 1.59 35.74
C ALA C 118 0.86 2.13 34.41
N ALA C 119 0.33 1.23 33.60
CA ALA C 119 -0.28 1.63 32.33
C ALA C 119 -1.44 2.58 32.56
N GLY C 120 -1.54 3.59 31.71
CA GLY C 120 -2.69 4.46 31.69
C GLY C 120 -2.68 5.61 32.68
N VAL C 121 -2.12 5.41 33.87
CA VAL C 121 -2.28 6.38 34.97
C VAL C 121 -1.54 7.66 34.66
N THR C 122 -2.26 8.78 34.66
CA THR C 122 -1.67 10.04 34.22
C THR C 122 -0.84 10.69 35.32
N ILE C 123 0.18 11.44 34.90
CA ILE C 123 0.91 12.30 35.81
C ILE C 123 -0.05 13.18 36.60
N SER C 124 -1.04 13.75 35.89
CA SER C 124 -2.02 14.63 36.51
C SER C 124 -2.72 13.95 37.69
N SER C 125 -3.21 12.73 37.49
CA SER C 125 -3.96 12.07 38.56
C SER C 125 -3.07 11.76 39.75
N ILE C 126 -1.79 11.45 39.52
CA ILE C 126 -0.87 11.18 40.62
C ILE C 126 -0.53 12.47 41.36
N GLU C 127 -0.27 13.55 40.63
CA GLU C 127 0.07 14.82 41.25
C GLU C 127 -1.11 15.36 42.07
N LYS C 128 -2.35 15.16 41.58
CA LYS C 128 -3.50 15.64 42.34
C LYS C 128 -3.64 14.92 43.67
N LYS C 129 -3.47 13.60 43.66
CA LYS C 129 -3.54 12.82 44.90
C LYS C 129 -2.45 13.23 45.88
N LEU C 130 -1.18 13.31 45.40
CA LEU C 130 -0.05 13.62 46.27
C LEU C 130 -0.01 15.08 46.70
N SER C 131 -0.47 16.01 45.85
CA SER C 131 -0.46 17.42 46.24
C SER C 131 -1.42 17.73 47.38
N ALA C 132 -2.40 16.86 47.65
CA ALA C 132 -3.26 17.07 48.81
C ALA C 132 -2.50 16.94 50.12
N PHE C 133 -1.25 16.46 50.09
CA PHE C 133 -0.44 16.31 51.29
C PHE C 133 0.73 17.29 51.33
N ARG C 134 1.49 17.39 50.24
CA ARG C 134 2.64 18.26 50.18
C ARG C 134 2.64 18.84 48.77
N PRO C 135 2.74 20.16 48.63
CA PRO C 135 2.85 20.75 47.30
C PRO C 135 4.14 20.33 46.63
N ALA C 136 4.12 20.38 45.31
CA ALA C 136 5.22 20.06 44.40
C ALA C 136 5.78 18.64 44.55
N PRO C 137 4.96 17.59 44.50
CA PRO C 137 5.55 16.24 44.41
C PRO C 137 6.33 16.09 43.10
N ARG C 138 7.47 15.43 43.18
CA ARG C 138 8.30 15.14 42.00
C ARG C 138 7.87 13.79 41.43
N VAL C 139 7.25 13.80 40.26
CA VAL C 139 6.63 12.61 39.68
C VAL C 139 7.19 12.35 38.29
N ILE C 140 7.48 11.08 38.01
CA ILE C 140 7.88 10.60 36.70
C ILE C 140 6.92 9.48 36.32
N ARG C 141 6.41 9.53 35.11
CA ARG C 141 5.63 8.43 34.57
C ARG C 141 6.47 7.67 33.57
N CYS C 142 6.51 6.35 33.69
CA CYS C 142 7.21 5.59 32.69
C CYS C 142 6.37 4.41 32.23
N MET C 143 6.77 3.87 31.10
CA MET C 143 6.23 2.61 30.59
C MET C 143 7.44 1.77 30.22
N THR C 144 7.62 0.65 30.90
CA THR C 144 8.78 -0.18 30.63
C THR C 144 8.24 -1.55 30.25
N ASN C 145 9.05 -2.60 30.32
CA ASN C 145 8.52 -3.93 30.09
C ASN C 145 9.43 -4.92 30.79
N THR C 146 8.98 -6.18 30.87
CA THR C 146 9.75 -7.09 31.72
C THR C 146 11.11 -7.53 31.16
N PRO C 147 11.42 -7.40 29.85
CA PRO C 147 12.79 -7.73 29.41
C PRO C 147 13.92 -6.91 30.04
N VAL C 148 13.60 -5.93 30.88
CA VAL C 148 14.62 -5.28 31.71
C VAL C 148 15.33 -6.33 32.55
N VAL C 149 14.70 -7.48 32.72
CA VAL C 149 15.30 -8.55 33.52
C VAL C 149 16.56 -9.11 32.84
N VAL C 150 16.66 -8.99 31.53
CA VAL C 150 17.86 -9.36 30.79
C VAL C 150 18.53 -8.12 30.19
N ARG C 151 18.30 -6.96 30.82
CA ARG C 151 18.88 -5.67 30.43
C ARG C 151 18.61 -5.33 28.96
N GLU C 152 17.45 -5.73 28.44
CA GLU C 152 17.06 -5.39 27.08
C GLU C 152 15.63 -4.89 27.07
N GLY C 153 15.25 -4.13 28.10
CA GLY C 153 13.93 -3.55 28.12
C GLY C 153 13.81 -2.38 27.15
N ALA C 154 12.56 -1.93 26.98
CA ALA C 154 12.21 -0.73 26.23
C ALA C 154 11.43 0.19 27.16
N THR C 155 11.95 1.39 27.38
CA THR C 155 11.41 2.29 28.40
C THR C 155 11.26 3.69 27.82
N VAL C 156 10.10 4.30 28.07
CA VAL C 156 9.94 5.73 27.87
C VAL C 156 9.48 6.32 29.19
N TYR C 157 9.76 7.60 29.38
CA TYR C 157 9.30 8.31 30.58
C TYR C 157 8.89 9.73 30.21
N ALA C 158 7.97 10.28 30.99
CA ALA C 158 7.65 11.70 30.96
C ALA C 158 7.85 12.28 32.36
N THR C 159 8.42 13.47 32.43
CA THR C 159 8.61 14.17 33.69
C THR C 159 7.39 15.00 34.05
N GLY C 160 7.07 15.05 35.35
CA GLY C 160 5.91 15.76 35.84
C GLY C 160 6.15 17.26 35.96
N THR C 161 5.12 17.94 36.47
CA THR C 161 5.17 19.39 36.66
C THR C 161 6.36 19.82 37.51
N HIS C 162 6.61 19.11 38.61
CA HIS C 162 7.55 19.54 39.63
C HIS C 162 8.83 18.72 39.63
N ALA C 163 9.00 17.89 38.61
CA ALA C 163 10.25 17.13 38.46
C ALA C 163 11.35 18.08 38.02
N GLN C 164 12.47 18.05 38.73
CA GLN C 164 13.60 18.87 38.35
C GLN C 164 14.31 18.28 37.13
N VAL C 165 15.11 19.12 36.47
CA VAL C 165 15.83 18.69 35.27
C VAL C 165 16.72 17.49 35.59
N GLU C 166 17.40 17.54 36.74
CA GLU C 166 18.27 16.43 37.13
C GLU C 166 17.46 15.16 37.40
N ASP C 167 16.18 15.28 37.78
CA ASP C 167 15.34 14.09 37.97
C ASP C 167 15.19 13.31 36.67
N GLY C 168 14.98 14.01 35.55
CA GLY C 168 14.85 13.34 34.27
C GLY C 168 16.13 12.64 33.85
N ARG C 169 17.27 13.31 34.02
CA ARG C 169 18.56 12.73 33.62
C ARG C 169 18.91 11.53 34.48
N LEU C 170 18.64 11.59 35.80
CA LEU C 170 18.84 10.44 36.68
C LEU C 170 18.01 9.25 36.25
N MET C 171 16.72 9.50 36.03
CA MET C 171 15.80 8.48 35.55
C MET C 171 16.34 7.82 34.28
N GLU C 172 16.77 8.63 33.31
CA GLU C 172 17.25 8.05 32.06
C GLU C 172 18.53 7.26 32.27
N GLN C 173 19.42 7.73 33.15
CA GLN C 173 20.65 7.00 33.41
C GLN C 173 20.35 5.65 34.04
N LEU C 174 19.46 5.64 35.03
CA LEU C 174 19.10 4.39 35.69
C LEU C 174 18.45 3.40 34.71
N LEU C 175 17.48 3.86 33.93
CA LEU C 175 16.76 2.91 33.09
C LEU C 175 17.48 2.57 31.81
N SER C 176 18.42 3.43 31.36
CA SER C 176 19.30 3.07 30.25
C SER C 176 20.22 1.91 30.59
N SER C 177 20.47 1.64 31.88
CA SER C 177 21.30 0.49 32.23
C SER C 177 20.60 -0.83 31.97
N VAL C 178 19.28 -0.85 31.78
CA VAL C 178 18.54 -2.09 31.60
C VAL C 178 17.79 -2.14 30.27
N GLY C 179 18.12 -1.26 29.33
CA GLY C 179 17.54 -1.34 28.00
C GLY C 179 17.54 0.01 27.33
N PHE C 180 16.76 0.12 26.25
CA PHE C 180 16.55 1.42 25.63
C PHE C 180 15.73 2.31 26.55
N CYS C 181 16.10 3.59 26.62
CA CYS C 181 15.35 4.56 27.41
C CYS C 181 15.38 5.91 26.72
N THR C 182 14.24 6.57 26.61
CA THR C 182 14.18 7.92 26.06
C THR C 182 13.01 8.65 26.71
N GLU C 183 13.17 9.97 26.86
CA GLU C 183 12.07 10.82 27.30
C GLU C 183 11.07 11.00 26.17
N VAL C 184 9.78 11.05 26.51
CA VAL C 184 8.73 11.39 25.54
C VAL C 184 7.73 12.34 26.19
N GLU C 185 6.96 13.01 25.33
CA GLU C 185 5.75 13.69 25.81
C GLU C 185 4.76 12.65 26.34
N GLU C 186 4.09 13.01 27.44
CA GLU C 186 3.23 12.04 28.13
C GLU C 186 2.12 11.53 27.23
N ASP C 187 1.65 12.34 26.28
CA ASP C 187 0.53 11.87 25.47
C ASP C 187 0.91 10.79 24.47
N LEU C 188 2.18 10.34 24.45
CA LEU C 188 2.58 9.20 23.63
C LEU C 188 2.58 7.88 24.39
N ILE C 189 2.48 7.92 25.72
CA ILE C 189 2.78 6.74 26.53
C ILE C 189 1.73 5.66 26.34
N ASP C 190 0.45 6.03 26.20
CA ASP C 190 -0.57 4.99 25.99
C ASP C 190 -0.29 4.21 24.71
N ALA C 191 0.16 4.90 23.66
CA ALA C 191 0.52 4.23 22.42
C ALA C 191 1.78 3.39 22.57
N VAL C 192 2.77 3.90 23.30
CA VAL C 192 3.95 3.08 23.62
C VAL C 192 3.52 1.82 24.36
N THR C 193 2.55 1.95 25.25
CA THR C 193 2.07 0.79 26.00
C THR C 193 1.58 -0.30 25.05
N GLY C 194 0.89 0.09 23.98
CA GLY C 194 0.40 -0.91 23.06
C GLY C 194 1.48 -1.55 22.23
N LEU C 195 2.62 -0.86 22.09
CA LEU C 195 3.69 -1.33 21.23
C LEU C 195 4.73 -2.10 22.04
N SER C 196 5.50 -1.42 22.90
CA SER C 196 6.52 -2.14 23.64
C SER C 196 6.07 -2.58 25.03
N GLY C 197 5.04 -1.97 25.62
CA GLY C 197 4.51 -2.50 26.87
C GLY C 197 3.93 -3.91 26.70
N SER C 198 3.06 -4.09 25.69
CA SER C 198 2.48 -5.39 25.36
C SER C 198 3.33 -6.19 24.39
N GLY C 199 4.29 -5.55 23.72
CA GLY C 199 5.16 -6.19 22.74
C GLY C 199 5.70 -7.57 23.09
N PRO C 200 6.29 -7.72 24.29
CA PRO C 200 6.81 -9.05 24.66
C PRO C 200 5.77 -10.15 24.58
N ALA C 201 4.52 -9.89 25.01
CA ALA C 201 3.49 -10.92 24.94
C ALA C 201 3.18 -11.32 23.50
N TYR C 202 3.19 -10.34 22.58
CA TYR C 202 3.05 -10.66 21.16
C TYR C 202 4.19 -11.56 20.72
N ALA C 203 5.41 -11.23 21.13
CA ALA C 203 6.57 -12.02 20.73
C ALA C 203 6.50 -13.43 21.31
N PHE C 204 6.09 -13.57 22.57
CA PHE C 204 6.00 -14.91 23.17
C PHE C 204 4.97 -15.75 22.43
N THR C 205 3.82 -15.16 22.08
CA THR C 205 2.83 -15.82 21.24
C THR C 205 3.43 -16.25 19.90
N ALA C 206 4.15 -15.32 19.26
CA ALA C 206 4.77 -15.62 17.96
C ALA C 206 5.81 -16.72 18.08
N LEU C 207 6.61 -16.71 19.15
CA LEU C 207 7.62 -17.75 19.34
C LEU C 207 6.99 -19.11 19.62
N ASP C 208 5.93 -19.17 20.41
CA ASP C 208 5.23 -20.45 20.61
C ASP C 208 4.69 -21.00 19.28
N ALA C 209 4.17 -20.12 18.43
CA ALA C 209 3.61 -20.55 17.15
C ALA C 209 4.71 -20.97 16.17
N LEU C 210 5.80 -20.21 16.11
CA LEU C 210 6.92 -20.60 15.26
C LEU C 210 7.49 -21.94 15.69
N ALA C 211 7.62 -22.17 17.00
CA ALA C 211 8.06 -23.48 17.48
C ALA C 211 7.10 -24.59 17.03
N ASP C 212 5.79 -24.35 17.15
CA ASP C 212 4.81 -25.32 16.65
C ASP C 212 5.02 -25.63 15.17
N GLY C 213 5.28 -24.58 14.38
CA GLY C 213 5.56 -24.80 12.97
C GLY C 213 6.82 -25.61 12.74
N GLY C 214 7.89 -25.30 13.48
CA GLY C 214 9.07 -26.13 13.44
C GLY C 214 8.77 -27.59 13.78
N VAL C 215 7.98 -27.81 14.83
CA VAL C 215 7.66 -29.18 15.25
C VAL C 215 6.82 -29.89 14.20
N LYS C 216 5.85 -29.18 13.60
CA LYS C 216 5.04 -29.80 12.54
C LYS C 216 5.93 -30.29 11.40
N MET C 217 6.97 -29.54 11.07
CA MET C 217 7.89 -29.91 10.01
C MET C 217 8.99 -30.86 10.45
N GLY C 218 8.97 -31.33 11.70
CA GLY C 218 9.85 -32.44 12.10
C GLY C 218 10.89 -32.08 13.14
N LEU C 219 10.93 -30.86 13.65
CA LEU C 219 12.00 -30.50 14.58
C LEU C 219 11.63 -30.86 16.02
N PRO C 220 12.60 -31.30 16.81
CA PRO C 220 12.37 -31.39 18.26
C PRO C 220 11.94 -30.04 18.83
N ARG C 221 11.00 -30.08 19.77
CA ARG C 221 10.44 -28.86 20.33
C ARG C 221 11.55 -27.95 20.89
N ARG C 222 12.48 -28.53 21.64
CA ARG C 222 13.52 -27.72 22.29
C ARG C 222 14.36 -26.98 21.25
N LEU C 223 14.77 -27.68 20.20
CA LEU C 223 15.50 -27.03 19.11
C LEU C 223 14.66 -25.97 18.42
N ALA C 224 13.37 -26.25 18.17
CA ALA C 224 12.54 -25.29 17.45
C ALA C 224 12.35 -24.01 18.26
N VAL C 225 12.21 -24.14 19.59
CA VAL C 225 12.08 -22.95 20.44
C VAL C 225 13.36 -22.12 20.40
N ARG C 226 14.52 -22.77 20.59
CA ARG C 226 15.82 -22.09 20.57
C ARG C 226 16.05 -21.37 19.23
N LEU C 227 15.73 -22.04 18.11
CA LEU C 227 15.99 -21.48 16.79
C LEU C 227 15.05 -20.32 16.48
N GLY C 228 13.76 -20.48 16.78
CA GLY C 228 12.83 -19.37 16.58
C GLY C 228 13.24 -18.15 17.40
N ALA C 229 13.55 -18.35 18.68
CA ALA C 229 13.96 -17.23 19.53
C ALA C 229 15.22 -16.57 19.01
N GLN C 230 16.21 -17.37 18.61
CA GLN C 230 17.44 -16.78 18.09
C GLN C 230 17.19 -16.05 16.78
N ALA C 231 16.33 -16.61 15.92
CA ALA C 231 16.00 -15.92 14.69
C ALA C 231 15.43 -14.53 14.98
N LEU C 232 14.51 -14.44 15.94
CA LEU C 232 13.85 -13.17 16.21
C LEU C 232 14.80 -12.20 16.91
N LEU C 233 15.62 -12.69 17.83
CA LEU C 233 16.61 -11.83 18.48
C LEU C 233 17.57 -11.24 17.45
N GLY C 234 18.15 -12.10 16.61
CA GLY C 234 19.12 -11.63 15.64
C GLY C 234 18.54 -10.65 14.63
N ALA C 235 17.29 -10.88 14.22
CA ALA C 235 16.66 -9.99 13.25
C ALA C 235 16.39 -8.63 13.87
N ALA C 236 15.87 -8.62 15.10
CA ALA C 236 15.68 -7.37 15.81
C ALA C 236 17.00 -6.66 16.01
N LYS C 237 18.06 -7.39 16.37
CA LYS C 237 19.35 -6.73 16.53
C LYS C 237 19.84 -6.19 15.20
N MET C 238 19.70 -6.98 14.12
CA MET C 238 20.10 -6.50 12.80
C MET C 238 19.44 -5.17 12.46
N LEU C 239 18.12 -5.07 12.66
CA LEU C 239 17.40 -3.84 12.34
C LEU C 239 17.91 -2.68 13.20
N LEU C 240 18.03 -2.89 14.51
CA LEU C 240 18.51 -1.84 15.39
C LEU C 240 19.90 -1.34 14.97
N HIS C 241 20.79 -2.23 14.54
CA HIS C 241 22.14 -1.84 14.15
C HIS C 241 22.26 -1.39 12.70
N SER C 242 21.17 -1.46 11.94
CA SER C 242 21.15 -1.07 10.53
C SER C 242 20.57 0.33 10.39
N GLU C 243 20.99 1.02 9.33
CA GLU C 243 20.34 2.26 8.94
C GLU C 243 19.15 2.02 8.02
N GLN C 244 18.79 0.77 7.78
CA GLN C 244 17.89 0.46 6.68
C GLN C 244 16.47 0.19 7.19
N HIS C 245 15.52 0.47 6.31
CA HIS C 245 14.12 0.20 6.58
C HIS C 245 13.90 -1.31 6.73
N PRO C 246 13.00 -1.76 7.61
CA PRO C 246 12.77 -3.21 7.72
C PRO C 246 12.33 -3.86 6.42
N GLY C 247 11.64 -3.13 5.54
CA GLY C 247 11.30 -3.70 4.24
C GLY C 247 12.54 -3.99 3.41
N GLN C 248 13.57 -3.13 3.54
CA GLN C 248 14.80 -3.35 2.78
C GLN C 248 15.52 -4.59 3.26
N LEU C 249 15.58 -4.77 4.59
CA LEU C 249 16.18 -5.98 5.15
C LEU C 249 15.41 -7.21 4.70
N LYS C 250 14.07 -7.16 4.74
CA LYS C 250 13.26 -8.24 4.19
C LYS C 250 13.62 -8.51 2.73
N ASP C 251 13.73 -7.45 1.92
CA ASP C 251 14.14 -7.60 0.53
C ASP C 251 15.48 -8.33 0.42
N ASN C 252 16.47 -7.92 1.22
CA ASN C 252 17.82 -8.47 1.10
C ASN C 252 17.83 -9.97 1.34
N VAL C 253 16.91 -10.46 2.16
CA VAL C 253 16.90 -11.86 2.57
C VAL C 253 16.00 -12.75 1.70
N SER C 254 15.18 -12.18 0.82
CA SER C 254 14.22 -12.95 0.02
C SER C 254 14.82 -13.26 -1.35
N SER C 255 15.44 -14.42 -1.47
CA SER C 255 15.94 -14.93 -2.75
C SER C 255 14.79 -15.10 -3.76
N PRO C 256 14.98 -14.71 -5.02
CA PRO C 256 13.88 -14.83 -6.00
C PRO C 256 13.43 -16.28 -6.17
N GLY C 257 12.11 -16.48 -6.15
CA GLY C 257 11.55 -17.82 -6.29
C GLY C 257 11.76 -18.75 -5.11
N GLY C 258 12.33 -18.25 -4.01
CA GLY C 258 12.87 -19.11 -2.97
C GLY C 258 11.88 -19.39 -1.83
N ALA C 259 12.41 -20.06 -0.79
CA ALA C 259 11.57 -20.50 0.33
C ALA C 259 11.01 -19.32 1.10
N THR C 260 11.86 -18.34 1.39
CA THR C 260 11.43 -17.22 2.23
C THR C 260 10.29 -16.44 1.57
N ILE C 261 10.39 -16.14 0.27
CA ILE C 261 9.35 -15.32 -0.35
C ILE C 261 8.02 -16.11 -0.46
N HIS C 262 8.10 -17.42 -0.58
CA HIS C 262 6.89 -18.22 -0.54
C HIS C 262 6.21 -18.11 0.82
N ALA C 263 6.99 -18.14 1.90
CA ALA C 263 6.40 -18.04 3.22
C ALA C 263 5.88 -16.64 3.50
N LEU C 264 6.58 -15.61 3.01
CA LEU C 264 6.07 -14.25 3.19
C LEU C 264 4.71 -14.10 2.52
N HIS C 265 4.53 -14.72 1.35
CA HIS C 265 3.23 -14.67 0.70
C HIS C 265 2.14 -15.25 1.60
N VAL C 266 2.36 -16.44 2.20
CA VAL C 266 1.29 -16.98 3.02
C VAL C 266 1.02 -16.09 4.23
N LEU C 267 2.04 -15.42 4.77
CA LEU C 267 1.79 -14.42 5.83
C LEU C 267 0.89 -13.29 5.31
N GLU C 268 1.21 -12.77 4.12
CA GLU C 268 0.41 -11.68 3.57
C GLU C 268 -1.03 -12.13 3.31
N SER C 269 -1.22 -13.35 2.82
CA SER C 269 -2.58 -13.78 2.51
C SER C 269 -3.44 -13.90 3.76
N GLY C 270 -2.83 -14.07 4.93
CA GLY C 270 -3.55 -14.07 6.18
C GLY C 270 -3.72 -12.70 6.80
N GLY C 271 -3.21 -11.64 6.15
CA GLY C 271 -3.28 -10.33 6.77
C GLY C 271 -2.42 -10.22 8.01
N PHE C 272 -1.28 -10.91 8.03
CA PHE C 272 -0.33 -10.90 9.14
C PHE C 272 -0.07 -9.48 9.64
N ARG C 273 0.28 -8.57 8.72
CA ARG C 273 0.60 -7.19 9.12
C ARG C 273 -0.57 -6.53 9.83
N SER C 274 -1.80 -6.70 9.31
CA SER C 274 -2.95 -6.06 9.92
C SER C 274 -3.24 -6.57 11.34
N LEU C 275 -2.89 -7.83 11.64
CA LEU C 275 -3.16 -8.34 12.99
C LEU C 275 -2.28 -7.65 14.03
N LEU C 276 -1.02 -7.39 13.68
CA LEU C 276 -0.12 -6.70 14.59
C LEU C 276 -0.52 -5.24 14.75
N ILE C 277 -1.00 -4.61 13.68
CA ILE C 277 -1.59 -3.28 13.82
C ILE C 277 -2.81 -3.33 14.74
N ASN C 278 -3.71 -4.30 14.50
CA ASN C 278 -4.85 -4.50 15.40
C ASN C 278 -4.42 -4.61 16.86
N ALA C 279 -3.32 -5.33 17.11
CA ALA C 279 -2.91 -5.58 18.49
C ALA C 279 -2.44 -4.29 19.18
N VAL C 280 -1.50 -3.57 18.56
CA VAL C 280 -1.05 -2.29 19.11
C VAL C 280 -2.24 -1.39 19.38
N GLU C 281 -3.13 -1.29 18.39
CA GLU C 281 -4.32 -0.47 18.52
C GLU C 281 -5.17 -0.91 19.70
N ALA C 282 -5.42 -2.21 19.83
CA ALA C 282 -6.35 -2.67 20.85
C ALA C 282 -5.78 -2.44 22.24
N SER C 283 -4.47 -2.69 22.41
CA SER C 283 -3.83 -2.45 23.70
C SER C 283 -3.80 -0.97 24.05
N CYS C 284 -3.49 -0.12 23.06
CA CYS C 284 -3.54 1.31 23.31
C CYS C 284 -4.94 1.75 23.70
N ILE C 285 -5.96 1.31 22.95
CA ILE C 285 -7.32 1.76 23.25
C ILE C 285 -7.77 1.26 24.62
N ARG C 286 -7.49 0.00 24.94
CA ARG C 286 -7.86 -0.51 26.26
C ARG C 286 -7.17 0.27 27.37
N THR C 287 -5.92 0.67 27.15
CA THR C 287 -5.21 1.48 28.13
C THR C 287 -5.93 2.80 28.37
N ARG C 288 -6.31 3.50 27.28
CA ARG C 288 -7.02 4.77 27.43
C ARG C 288 -8.34 4.58 28.12
N GLU C 289 -9.04 3.51 27.75
CA GLU C 289 -10.38 3.27 28.24
C GLU C 289 -10.36 2.92 29.73
N LEU C 290 -9.35 2.18 30.17
CA LEU C 290 -9.20 1.92 31.60
C LEU C 290 -9.01 3.22 32.38
N GLN C 291 -8.14 4.11 31.88
CA GLN C 291 -7.93 5.37 32.61
C GLN C 291 -9.20 6.22 32.63
N SER C 292 -10.01 6.18 31.57
CA SER C 292 -11.26 6.93 31.58
C SER C 292 -12.19 6.45 32.68
N MET C 293 -12.16 5.15 32.99
CA MET C 293 -12.97 4.64 34.10
C MET C 293 -12.37 4.99 35.44
N ALA C 294 -11.03 5.04 35.54
CA ALA C 294 -10.40 5.53 36.76
C ALA C 294 -10.72 7.01 36.99
N ASP C 295 -10.74 7.80 35.92
CA ASP C 295 -11.05 9.23 36.04
C ASP C 295 -12.49 9.46 36.49
N GLN C 296 -13.45 8.70 35.95
CA GLN C 296 -14.86 8.88 36.27
C GLN C 296 -15.19 8.62 37.74
N ASN D 17 41.52 -21.59 19.56
CA ASN D 17 41.91 -20.59 18.57
C ASN D 17 42.91 -21.12 17.53
N LEU D 18 43.53 -22.28 17.82
CA LEU D 18 44.47 -22.84 16.85
C LEU D 18 43.78 -23.29 15.56
N TYR D 19 42.47 -23.57 15.61
CA TYR D 19 41.72 -23.84 14.39
C TYR D 19 41.84 -22.69 13.41
N PHE D 20 41.80 -21.46 13.91
CA PHE D 20 41.76 -20.25 13.09
C PHE D 20 43.13 -19.64 12.87
N GLN D 21 44.19 -20.22 13.45
CA GLN D 21 45.53 -19.66 13.38
C GLN D 21 45.93 -19.30 11.95
N SER D 22 46.11 -20.32 11.11
CA SER D 22 46.55 -20.13 9.74
C SER D 22 45.43 -20.39 8.73
N MET D 23 44.18 -20.46 9.19
CA MET D 23 43.09 -20.94 8.34
C MET D 23 42.70 -19.87 7.31
N SER D 24 42.57 -20.30 6.06
CA SER D 24 42.05 -19.45 5.01
C SER D 24 40.60 -19.83 4.72
N VAL D 25 39.75 -18.83 4.62
CA VAL D 25 38.33 -19.03 4.32
C VAL D 25 38.04 -18.41 2.96
N GLY D 26 37.21 -19.09 2.17
CA GLY D 26 36.81 -18.57 0.88
C GLY D 26 35.31 -18.66 0.69
N PHE D 27 34.78 -17.69 -0.06
CA PHE D 27 33.36 -17.65 -0.41
C PHE D 27 33.22 -17.73 -1.91
N ILE D 28 32.56 -18.78 -2.39
CA ILE D 28 32.01 -18.79 -3.75
C ILE D 28 30.67 -18.09 -3.67
N GLY D 29 30.61 -16.86 -4.17
CA GLY D 29 29.47 -15.99 -3.94
C GLY D 29 29.92 -14.80 -3.11
N ALA D 30 29.51 -13.60 -3.50
CA ALA D 30 29.86 -12.38 -2.77
C ALA D 30 28.63 -11.54 -2.53
N GLY D 31 27.51 -12.17 -2.21
CA GLY D 31 26.25 -11.50 -1.96
C GLY D 31 25.98 -11.31 -0.48
N GLN D 32 24.68 -11.35 -0.12
CA GLN D 32 24.23 -10.99 1.22
C GLN D 32 24.86 -11.90 2.27
N LEU D 33 24.96 -13.20 2.00
CA LEU D 33 25.42 -14.12 3.02
C LEU D 33 26.92 -14.01 3.22
N ALA D 34 27.68 -13.95 2.13
CA ALA D 34 29.13 -13.89 2.24
C ALA D 34 29.58 -12.61 2.96
N PHE D 35 28.93 -11.49 2.67
CA PHE D 35 29.22 -10.28 3.43
C PHE D 35 28.85 -10.44 4.89
N ALA D 36 27.67 -11.02 5.17
CA ALA D 36 27.22 -11.19 6.55
C ALA D 36 28.18 -12.06 7.35
N LEU D 37 28.57 -13.21 6.78
CA LEU D 37 29.52 -14.09 7.45
C LEU D 37 30.89 -13.42 7.61
N ALA D 38 31.41 -12.84 6.52
CA ALA D 38 32.72 -12.20 6.60
C ALA D 38 32.72 -11.02 7.57
N LYS D 39 31.62 -10.27 7.64
CA LYS D 39 31.52 -9.22 8.64
C LYS D 39 31.51 -9.80 10.04
N GLY D 40 30.70 -10.84 10.27
CA GLY D 40 30.66 -11.47 11.58
C GLY D 40 31.97 -12.11 11.97
N PHE D 41 32.60 -12.87 11.04
CA PHE D 41 33.86 -13.52 11.36
C PHE D 41 34.92 -12.51 11.75
N THR D 42 35.03 -11.42 10.98
CA THR D 42 36.04 -10.41 11.30
C THR D 42 35.70 -9.67 12.59
N ALA D 43 34.42 -9.40 12.81
CA ALA D 43 33.98 -8.73 14.03
C ALA D 43 34.30 -9.55 15.28
N ALA D 44 34.15 -10.86 15.20
CA ALA D 44 34.45 -11.73 16.33
C ALA D 44 35.93 -11.91 16.57
N GLY D 45 36.78 -11.45 15.64
CA GLY D 45 38.21 -11.63 15.73
C GLY D 45 38.71 -13.00 15.31
N VAL D 46 37.83 -13.89 14.85
CA VAL D 46 38.29 -15.23 14.52
C VAL D 46 39.10 -15.22 13.24
N LEU D 47 38.91 -14.22 12.38
CA LEU D 47 39.58 -14.17 11.10
C LEU D 47 40.00 -12.75 10.76
N ALA D 48 41.19 -12.63 10.19
CA ALA D 48 41.59 -11.40 9.53
C ALA D 48 40.96 -11.33 8.15
N ALA D 49 40.42 -10.15 7.81
CA ALA D 49 39.80 -9.94 6.51
C ALA D 49 40.69 -10.37 5.35
N HIS D 50 42.02 -10.21 5.48
CA HIS D 50 42.91 -10.57 4.38
C HIS D 50 43.06 -12.07 4.21
N LYS D 51 42.68 -12.86 5.21
CA LYS D 51 42.64 -14.32 5.07
C LYS D 51 41.32 -14.82 4.51
N ILE D 52 40.47 -13.90 4.02
CA ILE D 52 39.18 -14.25 3.45
C ILE D 52 39.19 -13.80 2.00
N MET D 53 38.74 -14.69 1.11
CA MET D 53 38.64 -14.39 -0.30
C MET D 53 37.23 -14.71 -0.76
N ALA D 54 36.69 -13.86 -1.62
CA ALA D 54 35.34 -14.03 -2.13
C ALA D 54 35.34 -13.76 -3.63
N SER D 55 34.55 -14.54 -4.36
CA SER D 55 34.43 -14.40 -5.80
C SER D 55 32.98 -14.15 -6.19
N SER D 56 32.78 -13.28 -7.18
CA SER D 56 31.46 -12.93 -7.64
C SER D 56 31.45 -12.84 -9.16
N PRO D 57 30.36 -13.30 -9.81
CA PRO D 57 30.23 -13.06 -11.25
C PRO D 57 30.01 -11.59 -11.59
N ASP D 58 29.64 -10.77 -10.61
CA ASP D 58 29.40 -9.34 -10.81
C ASP D 58 30.08 -8.59 -9.67
N MET D 59 31.24 -8.00 -9.96
CA MET D 59 32.00 -7.24 -8.97
C MET D 59 31.45 -5.84 -8.73
N ASP D 60 30.43 -5.44 -9.49
CA ASP D 60 29.77 -4.14 -9.29
C ASP D 60 28.49 -4.33 -8.48
N LEU D 61 28.66 -4.86 -7.26
CA LEU D 61 27.58 -5.11 -6.34
C LEU D 61 27.82 -4.35 -5.05
N ALA D 62 26.74 -4.04 -4.33
CA ALA D 62 26.87 -3.40 -3.03
C ALA D 62 27.67 -4.28 -2.08
N THR D 63 27.28 -5.55 -1.99
CA THR D 63 28.02 -6.50 -1.15
C THR D 63 29.47 -6.64 -1.60
N VAL D 64 29.73 -6.54 -2.90
CA VAL D 64 31.10 -6.71 -3.39
C VAL D 64 31.97 -5.53 -2.98
N SER D 65 31.44 -4.30 -3.09
CA SER D 65 32.20 -3.13 -2.68
C SER D 65 32.35 -3.08 -1.16
N ALA D 66 31.31 -3.50 -0.43
CA ALA D 66 31.39 -3.51 1.03
C ALA D 66 32.46 -4.46 1.53
N LEU D 67 32.56 -5.65 0.92
CA LEU D 67 33.62 -6.59 1.29
C LEU D 67 34.99 -5.99 1.02
N ARG D 68 35.15 -5.30 -0.11
CA ARG D 68 36.41 -4.65 -0.43
C ARG D 68 36.81 -3.67 0.67
N LYS D 69 35.85 -2.87 1.14
CA LYS D 69 36.13 -1.92 2.22
C LYS D 69 36.59 -2.63 3.49
N MET D 70 36.07 -3.85 3.74
CA MET D 70 36.46 -4.61 4.92
C MET D 70 37.90 -5.10 4.87
N GLY D 71 38.53 -5.10 3.71
CA GLY D 71 39.82 -5.72 3.53
C GLY D 71 39.79 -7.13 2.97
N VAL D 72 38.61 -7.57 2.50
CA VAL D 72 38.46 -8.92 1.94
C VAL D 72 39.00 -8.95 0.53
N LYS D 73 39.81 -9.95 0.23
CA LYS D 73 40.29 -10.14 -1.14
C LYS D 73 39.14 -10.59 -2.03
N LEU D 74 39.02 -9.96 -3.20
CA LEU D 74 38.00 -10.31 -4.18
C LEU D 74 38.66 -10.79 -5.45
N THR D 75 37.92 -11.59 -6.22
CA THR D 75 38.39 -12.11 -7.50
C THR D 75 37.18 -12.49 -8.34
N PRO D 76 37.29 -12.40 -9.66
CA PRO D 76 36.18 -12.88 -10.51
C PRO D 76 36.20 -14.38 -10.71
N HIS D 77 37.27 -15.07 -10.31
CA HIS D 77 37.51 -16.45 -10.68
C HIS D 77 37.31 -17.35 -9.46
N ASN D 78 36.29 -18.20 -9.53
CA ASN D 78 36.04 -19.18 -8.49
C ASN D 78 37.23 -20.09 -8.27
N LYS D 79 38.01 -20.36 -9.33
CA LYS D 79 39.19 -21.20 -9.19
C LYS D 79 40.23 -20.56 -8.26
N GLU D 80 40.37 -19.23 -8.31
CA GLU D 80 41.29 -18.56 -7.41
C GLU D 80 40.82 -18.70 -5.95
N THR D 81 39.52 -18.57 -5.73
CA THR D 81 38.99 -18.75 -4.38
C THR D 81 39.25 -20.15 -3.86
N VAL D 82 39.03 -21.17 -4.70
CA VAL D 82 39.29 -22.55 -4.29
C VAL D 82 40.74 -22.72 -3.90
N GLN D 83 41.65 -22.18 -4.71
CA GLN D 83 43.08 -22.38 -4.46
C GLN D 83 43.53 -21.71 -3.17
N HIS D 84 42.93 -20.56 -2.83
CA HIS D 84 43.33 -19.84 -1.62
C HIS D 84 42.75 -20.45 -0.34
N SER D 85 41.64 -21.16 -0.43
CA SER D 85 40.87 -21.45 0.76
C SER D 85 41.17 -22.84 1.32
N ASP D 86 41.09 -22.95 2.63
CA ASP D 86 40.97 -24.26 3.28
C ASP D 86 39.50 -24.60 3.50
N VAL D 87 38.74 -23.67 4.05
CA VAL D 87 37.30 -23.79 4.21
C VAL D 87 36.64 -22.98 3.10
N LEU D 88 35.87 -23.65 2.26
CA LEU D 88 35.23 -23.03 1.10
C LEU D 88 33.71 -23.04 1.32
N PHE D 89 33.15 -21.86 1.63
CA PHE D 89 31.70 -21.69 1.72
C PHE D 89 31.10 -21.53 0.35
N LEU D 90 30.05 -22.30 0.07
CA LEU D 90 29.26 -22.13 -1.15
C LEU D 90 28.10 -21.21 -0.78
N ALA D 91 28.28 -19.92 -1.06
CA ALA D 91 27.36 -18.89 -0.61
C ALA D 91 26.57 -18.38 -1.80
N VAL D 92 26.07 -19.32 -2.60
CA VAL D 92 25.28 -18.99 -3.78
C VAL D 92 23.89 -19.58 -3.57
N LYS D 93 22.96 -19.10 -4.39
CA LYS D 93 21.60 -19.57 -4.29
C LYS D 93 21.52 -21.02 -4.77
N PRO D 94 20.50 -21.76 -4.29
CA PRO D 94 20.47 -23.23 -4.53
C PRO D 94 20.65 -23.65 -5.98
N HIS D 95 20.02 -22.99 -6.94
CA HIS D 95 20.11 -23.46 -8.32
C HIS D 95 21.49 -23.24 -8.94
N ILE D 96 22.36 -22.45 -8.29
CA ILE D 96 23.69 -22.21 -8.84
C ILE D 96 24.69 -23.32 -8.43
N ILE D 97 24.43 -24.00 -7.32
CA ILE D 97 25.37 -25.00 -6.79
C ILE D 97 25.82 -26.02 -7.84
N PRO D 98 24.93 -26.68 -8.58
CA PRO D 98 25.43 -27.66 -9.56
C PRO D 98 26.29 -27.04 -10.65
N PHE D 99 26.07 -25.76 -10.97
CA PHE D 99 26.94 -25.10 -11.94
C PHE D 99 28.33 -24.85 -11.36
N ILE D 100 28.40 -24.40 -10.10
CA ILE D 100 29.70 -24.19 -9.48
C ILE D 100 30.47 -25.49 -9.35
N LEU D 101 29.80 -26.57 -8.95
CA LEU D 101 30.52 -27.83 -8.71
C LEU D 101 31.09 -28.40 -10.00
N ASP D 102 30.42 -28.19 -11.13
CA ASP D 102 31.03 -28.58 -12.40
C ASP D 102 32.27 -27.74 -12.69
N GLU D 103 32.22 -26.45 -12.35
CA GLU D 103 33.32 -25.54 -12.69
C GLU D 103 34.58 -25.86 -11.90
N ILE D 104 34.49 -25.87 -10.57
CA ILE D 104 35.67 -25.99 -9.71
C ILE D 104 35.86 -27.39 -9.16
N GLY D 105 35.02 -28.36 -9.55
CA GLY D 105 35.10 -29.69 -8.96
C GLY D 105 36.46 -30.34 -9.10
N ALA D 106 37.12 -30.11 -10.23
CA ALA D 106 38.47 -30.63 -10.43
C ALA D 106 39.51 -29.94 -9.56
N ASP D 107 39.18 -28.79 -8.96
CA ASP D 107 40.14 -28.10 -8.10
C ASP D 107 40.00 -28.45 -6.63
N ILE D 108 38.90 -29.08 -6.23
CA ILE D 108 38.73 -29.53 -4.85
C ILE D 108 39.76 -30.61 -4.55
N GLU D 109 40.40 -30.50 -3.39
CA GLU D 109 41.46 -31.40 -2.97
C GLU D 109 41.14 -31.95 -1.59
N ASP D 110 41.92 -32.95 -1.17
CA ASP D 110 41.66 -33.55 0.13
C ASP D 110 41.75 -32.53 1.25
N ARG D 111 42.55 -31.48 1.06
CA ARG D 111 42.74 -30.46 2.08
C ARG D 111 41.48 -29.61 2.31
N HIS D 112 40.51 -29.65 1.40
CA HIS D 112 39.38 -28.73 1.44
C HIS D 112 38.25 -29.24 2.32
N ILE D 113 37.61 -28.33 3.04
CA ILE D 113 36.31 -28.56 3.63
C ILE D 113 35.32 -27.70 2.86
N VAL D 114 34.40 -28.35 2.14
CA VAL D 114 33.38 -27.64 1.36
C VAL D 114 32.12 -27.49 2.22
N VAL D 115 31.69 -26.25 2.44
CA VAL D 115 30.57 -25.95 3.30
C VAL D 115 29.47 -25.34 2.44
N SER D 116 28.42 -26.13 2.18
CA SER D 116 27.30 -25.64 1.39
C SER D 116 26.32 -24.91 2.29
N CYS D 117 26.00 -23.66 1.92
CA CYS D 117 24.99 -22.88 2.62
C CYS D 117 23.68 -22.78 1.85
N ALA D 118 23.58 -23.42 0.68
CA ALA D 118 22.39 -23.27 -0.14
C ALA D 118 21.20 -24.03 0.45
N ALA D 119 20.04 -23.39 0.45
CA ALA D 119 18.81 -24.06 0.90
C ALA D 119 18.54 -25.30 0.07
N GLY D 120 18.18 -26.39 0.75
CA GLY D 120 17.68 -27.56 0.05
C GLY D 120 18.71 -28.52 -0.49
N VAL D 121 19.90 -28.02 -0.86
CA VAL D 121 20.88 -28.83 -1.58
C VAL D 121 21.45 -29.89 -0.65
N THR D 122 21.30 -31.15 -1.03
CA THR D 122 21.67 -32.25 -0.17
C THR D 122 23.17 -32.51 -0.21
N ILE D 123 23.69 -33.03 0.91
CA ILE D 123 25.06 -33.50 0.94
C ILE D 123 25.30 -34.53 -0.15
N SER D 124 24.35 -35.45 -0.33
CA SER D 124 24.51 -36.52 -1.31
C SER D 124 24.69 -35.96 -2.72
N SER D 125 23.92 -34.94 -3.10
CA SER D 125 24.08 -34.34 -4.41
C SER D 125 25.46 -33.68 -4.58
N ILE D 126 25.96 -33.04 -3.52
CA ILE D 126 27.28 -32.41 -3.59
C ILE D 126 28.36 -33.47 -3.66
N GLU D 127 28.26 -34.48 -2.80
CA GLU D 127 29.26 -35.54 -2.80
C GLU D 127 29.24 -36.33 -4.10
N LYS D 128 28.07 -36.51 -4.71
CA LYS D 128 28.01 -37.22 -5.98
C LYS D 128 28.80 -36.49 -7.05
N LYS D 129 28.71 -35.16 -7.08
CA LYS D 129 29.43 -34.38 -8.08
C LYS D 129 30.93 -34.32 -7.79
N LEU D 130 31.30 -34.02 -6.54
CA LEU D 130 32.72 -33.91 -6.24
C LEU D 130 33.41 -35.26 -6.26
N SER D 131 32.70 -36.35 -5.95
CA SER D 131 33.35 -37.67 -5.89
C SER D 131 33.71 -38.20 -7.27
N ALA D 132 33.15 -37.63 -8.34
CA ALA D 132 33.61 -37.99 -9.67
C ALA D 132 35.00 -37.48 -9.96
N PHE D 133 35.50 -36.52 -9.17
CA PHE D 133 36.86 -36.00 -9.32
C PHE D 133 37.82 -36.62 -8.32
N ARG D 134 37.51 -36.52 -7.02
CA ARG D 134 38.35 -37.07 -5.97
C ARG D 134 37.47 -37.91 -5.04
N PRO D 135 38.00 -39.02 -4.49
CA PRO D 135 37.11 -40.04 -3.91
C PRO D 135 36.43 -39.64 -2.61
N ALA D 136 37.03 -38.80 -1.79
CA ALA D 136 36.53 -38.54 -0.44
C ALA D 136 36.41 -37.04 -0.18
N PRO D 137 35.52 -36.35 -0.89
CA PRO D 137 35.33 -34.92 -0.60
C PRO D 137 34.73 -34.72 0.78
N ARG D 138 35.26 -33.74 1.50
CA ARG D 138 34.79 -33.41 2.84
C ARG D 138 33.74 -32.31 2.71
N VAL D 139 32.48 -32.65 2.97
CA VAL D 139 31.34 -31.77 2.74
C VAL D 139 30.61 -31.57 4.06
N ILE D 140 30.21 -30.32 4.31
CA ILE D 140 29.34 -29.99 5.42
C ILE D 140 28.18 -29.17 4.86
N ARG D 141 26.98 -29.55 5.20
CA ARG D 141 25.82 -28.76 4.82
C ARG D 141 25.42 -27.89 5.99
N CYS D 142 25.03 -26.68 5.67
CA CYS D 142 24.83 -25.68 6.71
C CYS D 142 23.56 -24.90 6.35
N MET D 143 22.83 -24.47 7.37
CA MET D 143 21.77 -23.47 7.20
C MET D 143 22.01 -22.39 8.24
N THR D 144 22.34 -21.20 7.79
CA THR D 144 22.57 -20.07 8.67
C THR D 144 21.56 -18.98 8.29
N ASN D 145 21.78 -17.76 8.77
CA ASN D 145 20.91 -16.66 8.39
C ASN D 145 21.70 -15.35 8.50
N THR D 146 21.10 -14.27 8.00
CA THR D 146 21.93 -13.07 7.87
C THR D 146 22.26 -12.38 9.19
N PRO D 147 21.54 -12.60 10.34
CA PRO D 147 21.99 -11.98 11.60
C PRO D 147 23.36 -12.39 12.10
N VAL D 148 24.06 -13.30 11.41
CA VAL D 148 25.47 -13.47 11.74
C VAL D 148 26.21 -12.16 11.57
N VAL D 149 25.65 -11.22 10.81
CA VAL D 149 26.34 -9.96 10.56
C VAL D 149 26.46 -9.16 11.84
N VAL D 150 25.58 -9.39 12.81
CA VAL D 150 25.71 -8.81 14.15
C VAL D 150 26.01 -9.90 15.17
N ARG D 151 26.52 -11.05 14.69
CA ARG D 151 26.96 -12.15 15.54
C ARG D 151 25.81 -12.68 16.39
N GLU D 152 24.60 -12.68 15.82
CA GLU D 152 23.44 -13.29 16.46
C GLU D 152 22.72 -14.22 15.49
N GLY D 153 23.49 -14.92 14.67
CA GLY D 153 22.94 -15.90 13.75
C GLY D 153 22.35 -17.11 14.47
N ALA D 154 21.61 -17.89 13.68
CA ALA D 154 21.14 -19.21 14.08
C ALA D 154 21.62 -20.19 13.02
N THR D 155 22.52 -21.08 13.40
CA THR D 155 23.20 -21.96 12.45
C THR D 155 23.02 -23.42 12.86
N VAL D 156 22.66 -24.27 11.90
CA VAL D 156 22.78 -25.72 12.06
C VAL D 156 23.66 -26.26 10.94
N TYR D 157 24.31 -27.40 11.20
CA TYR D 157 25.13 -28.04 10.19
C TYR D 157 25.01 -29.55 10.34
N ALA D 158 25.17 -30.25 9.21
CA ALA D 158 25.29 -31.71 9.18
C ALA D 158 26.58 -32.09 8.45
N THR D 159 27.28 -33.09 8.99
CA THR D 159 28.55 -33.52 8.45
C THR D 159 28.33 -34.58 7.40
N GLY D 160 29.10 -34.52 6.32
CA GLY D 160 28.98 -35.47 5.24
C GLY D 160 29.72 -36.77 5.50
N THR D 161 29.72 -37.62 4.47
CA THR D 161 30.25 -38.97 4.59
C THR D 161 31.74 -39.00 4.92
N HIS D 162 32.51 -38.03 4.39
CA HIS D 162 33.95 -38.03 4.51
C HIS D 162 34.49 -36.90 5.39
N ALA D 163 33.61 -36.09 5.97
CA ALA D 163 34.05 -35.07 6.91
C ALA D 163 34.66 -35.74 8.13
N GLN D 164 35.88 -35.34 8.47
CA GLN D 164 36.56 -35.89 9.62
C GLN D 164 36.01 -35.28 10.91
N VAL D 165 36.36 -35.89 12.04
CA VAL D 165 35.77 -35.48 13.32
C VAL D 165 36.12 -34.03 13.62
N GLU D 166 37.39 -33.65 13.42
CA GLU D 166 37.80 -32.28 13.62
C GLU D 166 37.10 -31.30 12.67
N ASP D 167 36.62 -31.77 11.52
CA ASP D 167 35.90 -30.89 10.59
C ASP D 167 34.63 -30.36 11.24
N GLY D 168 33.83 -31.25 11.83
CA GLY D 168 32.64 -30.82 12.53
C GLY D 168 32.94 -29.93 13.71
N ARG D 169 34.06 -30.19 14.40
CA ARG D 169 34.45 -29.35 15.52
C ARG D 169 34.88 -27.96 15.03
N LEU D 170 35.73 -27.91 14.00
CA LEU D 170 36.13 -26.63 13.43
C LEU D 170 34.92 -25.83 12.94
N MET D 171 34.02 -26.50 12.22
CA MET D 171 32.81 -25.84 11.75
C MET D 171 32.01 -25.25 12.92
N GLU D 172 31.83 -26.03 13.99
CA GLU D 172 31.02 -25.55 15.11
C GLU D 172 31.68 -24.37 15.81
N GLN D 173 33.00 -24.41 15.98
CA GLN D 173 33.69 -23.28 16.61
C GLN D 173 33.60 -22.04 15.74
N LEU D 174 33.78 -22.18 14.43
CA LEU D 174 33.73 -21.03 13.54
C LEU D 174 32.34 -20.37 13.55
N LEU D 175 31.29 -21.17 13.40
CA LEU D 175 29.96 -20.58 13.31
C LEU D 175 29.40 -20.19 14.67
N SER D 176 29.90 -20.77 15.76
CA SER D 176 29.55 -20.30 17.09
C SER D 176 30.07 -18.90 17.36
N SER D 177 31.09 -18.45 16.64
CA SER D 177 31.59 -17.10 16.89
C SER D 177 30.64 -16.03 16.38
N VAL D 178 29.64 -16.39 15.56
CA VAL D 178 28.70 -15.42 15.02
C VAL D 178 27.26 -15.76 15.39
N GLY D 179 27.06 -16.63 16.36
CA GLY D 179 25.72 -16.87 16.88
C GLY D 179 25.57 -18.28 17.43
N PHE D 180 24.31 -18.70 17.53
CA PHE D 180 24.00 -20.06 17.93
C PHE D 180 24.43 -21.02 16.83
N CYS D 181 25.03 -22.13 17.22
CA CYS D 181 25.41 -23.17 16.27
C CYS D 181 25.30 -24.53 16.93
N THR D 182 24.76 -25.50 16.19
CA THR D 182 24.66 -26.86 16.69
C THR D 182 24.63 -27.81 15.50
N GLU D 183 25.11 -29.03 15.73
CA GLU D 183 25.04 -30.08 14.72
C GLU D 183 23.66 -30.72 14.73
N VAL D 184 23.14 -31.03 13.54
CA VAL D 184 21.87 -31.74 13.42
C VAL D 184 22.01 -32.86 12.39
N GLU D 185 21.06 -33.80 12.44
CA GLU D 185 20.90 -34.71 11.33
C GLU D 185 20.43 -33.93 10.10
N GLU D 186 20.95 -34.29 8.94
CA GLU D 186 20.64 -33.53 7.73
C GLU D 186 19.14 -33.49 7.45
N ASP D 187 18.39 -34.50 7.88
CA ASP D 187 16.97 -34.49 7.52
C ASP D 187 16.16 -33.44 8.28
N LEU D 188 16.76 -32.71 9.22
CA LEU D 188 16.09 -31.61 9.88
C LEU D 188 16.32 -30.27 9.19
N ILE D 189 17.22 -30.21 8.20
CA ILE D 189 17.73 -28.91 7.75
C ILE D 189 16.68 -28.16 6.95
N ASP D 190 15.88 -28.85 6.16
CA ASP D 190 14.82 -28.16 5.41
C ASP D 190 13.82 -27.49 6.36
N ALA D 191 13.48 -28.17 7.48
CA ALA D 191 12.61 -27.57 8.49
C ALA D 191 13.28 -26.40 9.20
N VAL D 192 14.57 -26.52 9.52
CA VAL D 192 15.28 -25.37 10.09
C VAL D 192 15.23 -24.20 9.12
N THR D 193 15.36 -24.48 7.81
CA THR D 193 15.30 -23.41 6.82
C THR D 193 13.99 -22.64 6.95
N GLY D 194 12.88 -23.36 7.13
CA GLY D 194 11.59 -22.68 7.25
C GLY D 194 11.43 -21.90 8.53
N LEU D 195 12.20 -22.24 9.56
CA LEU D 195 12.09 -21.59 10.85
C LEU D 195 13.13 -20.49 11.01
N SER D 196 14.42 -20.84 11.19
CA SER D 196 15.41 -19.77 11.39
C SER D 196 16.04 -19.26 10.11
N GLY D 197 16.04 -20.03 9.02
CA GLY D 197 16.56 -19.51 7.76
C GLY D 197 15.68 -18.41 7.21
N SER D 198 14.36 -18.65 7.15
CA SER D 198 13.42 -17.61 6.74
C SER D 198 12.99 -16.71 7.89
N GLY D 199 13.20 -17.13 9.13
CA GLY D 199 12.74 -16.41 10.29
C GLY D 199 12.99 -14.91 10.34
N PRO D 200 14.20 -14.45 10.01
CA PRO D 200 14.44 -13.00 10.05
C PRO D 200 13.49 -12.21 9.17
N ALA D 201 13.13 -12.73 7.99
CA ALA D 201 12.18 -12.04 7.12
C ALA D 201 10.80 -11.96 7.76
N TYR D 202 10.38 -13.02 8.49
CA TYR D 202 9.15 -12.94 9.27
C TYR D 202 9.21 -11.80 10.29
N ALA D 203 10.35 -11.68 10.98
CA ALA D 203 10.52 -10.64 12.00
C ALA D 203 10.54 -9.25 11.38
N PHE D 204 11.22 -9.09 10.23
CA PHE D 204 11.25 -7.77 9.57
C PHE D 204 9.83 -7.35 9.17
N THR D 205 9.04 -8.29 8.66
CA THR D 205 7.63 -8.02 8.34
C THR D 205 6.86 -7.62 9.60
N ALA D 206 7.05 -8.36 10.69
CA ALA D 206 6.31 -8.08 11.91
C ALA D 206 6.69 -6.72 12.47
N LEU D 207 7.97 -6.36 12.36
CA LEU D 207 8.48 -5.12 12.92
C LEU D 207 7.95 -3.92 12.15
N ASP D 208 7.91 -4.03 10.81
CA ASP D 208 7.30 -2.99 9.98
C ASP D 208 5.84 -2.80 10.36
N ALA D 209 5.11 -3.89 10.57
CA ALA D 209 3.69 -3.81 10.89
C ALA D 209 3.46 -3.25 12.30
N LEU D 210 4.25 -3.69 13.29
CA LEU D 210 4.18 -3.13 14.63
C LEU D 210 4.48 -1.64 14.61
N ALA D 211 5.49 -1.23 13.83
CA ALA D 211 5.75 0.21 13.70
C ALA D 211 4.55 0.93 13.10
N ASP D 212 3.90 0.33 12.09
CA ASP D 212 2.69 0.94 11.54
C ASP D 212 1.62 1.07 12.61
N GLY D 213 1.45 0.05 13.45
CA GLY D 213 0.54 0.16 14.57
C GLY D 213 0.88 1.31 15.49
N GLY D 214 2.15 1.44 15.86
CA GLY D 214 2.54 2.53 16.72
C GLY D 214 2.25 3.88 16.08
N VAL D 215 2.56 4.01 14.79
CA VAL D 215 2.27 5.24 14.06
C VAL D 215 0.77 5.52 14.05
N LYS D 216 -0.05 4.49 13.79
CA LYS D 216 -1.49 4.72 13.77
C LYS D 216 -1.98 5.28 15.10
N MET D 217 -1.37 4.88 16.20
CA MET D 217 -1.79 5.30 17.52
C MET D 217 -1.07 6.56 17.98
N GLY D 218 -0.27 7.19 17.11
CA GLY D 218 0.26 8.52 17.38
C GLY D 218 1.76 8.62 17.58
N LEU D 219 2.49 7.52 17.49
CA LEU D 219 3.93 7.57 17.71
C LEU D 219 4.67 8.02 16.45
N PRO D 220 5.74 8.80 16.59
CA PRO D 220 6.67 9.01 15.47
C PRO D 220 7.18 7.69 14.94
N ARG D 221 7.36 7.61 13.61
CA ARG D 221 7.81 6.36 12.99
C ARG D 221 9.18 5.93 13.53
N ARG D 222 10.11 6.88 13.65
CA ARG D 222 11.44 6.52 14.14
C ARG D 222 11.37 5.87 15.50
N LEU D 223 10.57 6.46 16.41
CA LEU D 223 10.44 5.90 17.75
C LEU D 223 9.69 4.57 17.72
N ALA D 224 8.63 4.48 16.91
CA ALA D 224 7.88 3.24 16.86
C ALA D 224 8.74 2.08 16.37
N VAL D 225 9.60 2.34 15.39
CA VAL D 225 10.48 1.29 14.86
C VAL D 225 11.47 0.83 15.93
N ARG D 226 12.09 1.79 16.63
CA ARG D 226 13.04 1.48 17.70
C ARG D 226 12.38 0.68 18.82
N LEU D 227 11.18 1.10 19.25
CA LEU D 227 10.49 0.44 20.36
C LEU D 227 10.06 -0.97 19.97
N GLY D 228 9.52 -1.15 18.76
CA GLY D 228 9.10 -2.47 18.33
C GLY D 228 10.26 -3.45 18.25
N ALA D 229 11.37 -3.02 17.65
CA ALA D 229 12.53 -3.89 17.55
C ALA D 229 13.09 -4.23 18.92
N GLN D 230 13.16 -3.24 19.81
CA GLN D 230 13.68 -3.49 21.16
C GLN D 230 12.77 -4.42 21.95
N ALA D 231 11.45 -4.30 21.75
CA ALA D 231 10.50 -5.21 22.38
C ALA D 231 10.73 -6.65 21.93
N LEU D 232 10.92 -6.86 20.62
CA LEU D 232 11.13 -8.22 20.12
C LEU D 232 12.49 -8.78 20.58
N LEU D 233 13.56 -7.96 20.49
CA LEU D 233 14.87 -8.41 20.96
C LEU D 233 14.80 -8.82 22.43
N GLY D 234 14.23 -7.94 23.26
CA GLY D 234 14.17 -8.24 24.68
C GLY D 234 13.36 -9.49 24.97
N ALA D 235 12.24 -9.66 24.28
CA ALA D 235 11.39 -10.82 24.52
C ALA D 235 12.08 -12.11 24.12
N ALA D 236 12.71 -12.12 22.93
CA ALA D 236 13.49 -13.27 22.50
C ALA D 236 14.60 -13.61 23.49
N LYS D 237 15.38 -12.60 23.90
CA LYS D 237 16.45 -12.84 24.87
C LYS D 237 15.90 -13.34 26.19
N MET D 238 14.80 -12.75 26.65
CA MET D 238 14.16 -13.21 27.87
C MET D 238 13.77 -14.69 27.78
N LEU D 239 13.20 -15.11 26.65
CA LEU D 239 12.85 -16.52 26.49
C LEU D 239 14.10 -17.40 26.47
N LEU D 240 15.13 -17.00 25.71
CA LEU D 240 16.35 -17.80 25.68
C LEU D 240 16.94 -17.99 27.07
N HIS D 241 16.81 -17.00 27.95
CA HIS D 241 17.44 -17.08 29.27
C HIS D 241 16.53 -17.60 30.36
N SER D 242 15.24 -17.81 30.10
CA SER D 242 14.37 -18.38 31.11
C SER D 242 14.26 -19.89 30.92
N GLU D 243 13.94 -20.59 32.00
CA GLU D 243 13.62 -22.01 31.88
C GLU D 243 12.20 -22.22 31.38
N GLN D 244 11.44 -21.15 31.16
CA GLN D 244 9.99 -21.23 31.17
C GLN D 244 9.42 -21.33 29.77
N HIS D 245 8.24 -21.91 29.72
CA HIS D 245 7.51 -22.03 28.48
C HIS D 245 7.11 -20.65 27.98
N PRO D 246 7.15 -20.42 26.65
CA PRO D 246 6.63 -19.15 26.10
C PRO D 246 5.25 -18.79 26.61
N GLY D 247 4.37 -19.78 26.79
CA GLY D 247 3.02 -19.49 27.27
C GLY D 247 3.03 -19.00 28.71
N GLN D 248 3.93 -19.56 29.55
CA GLN D 248 4.07 -19.09 30.92
C GLN D 248 4.51 -17.63 30.95
N LEU D 249 5.49 -17.27 30.12
CA LEU D 249 5.96 -15.88 30.12
C LEU D 249 4.86 -14.94 29.63
N LYS D 250 4.08 -15.39 28.65
CA LYS D 250 2.91 -14.62 28.22
C LYS D 250 1.92 -14.45 29.36
N ASP D 251 1.63 -15.54 30.08
CA ASP D 251 0.76 -15.46 31.26
C ASP D 251 1.28 -14.45 32.27
N ASN D 252 2.59 -14.49 32.56
CA ASN D 252 3.18 -13.61 33.56
C ASN D 252 2.92 -12.14 33.29
N VAL D 253 2.83 -11.74 32.02
CA VAL D 253 2.77 -10.33 31.65
C VAL D 253 1.38 -9.93 31.15
N SER D 254 0.38 -10.80 31.30
CA SER D 254 -1.00 -10.55 30.86
C SER D 254 -1.86 -10.24 32.07
N SER D 255 -1.90 -8.97 32.45
CA SER D 255 -2.67 -8.57 33.62
C SER D 255 -4.16 -8.79 33.40
N PRO D 256 -4.89 -9.30 34.39
CA PRO D 256 -6.33 -9.53 34.23
C PRO D 256 -7.07 -8.28 33.78
N GLY D 257 -7.92 -8.43 32.76
CA GLY D 257 -8.71 -7.36 32.19
C GLY D 257 -7.93 -6.27 31.46
N GLY D 258 -6.62 -6.42 31.31
CA GLY D 258 -5.78 -5.32 30.90
C GLY D 258 -5.55 -5.22 29.40
N ALA D 259 -4.66 -4.29 29.04
CA ALA D 259 -4.42 -3.96 27.64
C ALA D 259 -3.82 -5.14 26.88
N THR D 260 -2.85 -5.82 27.48
CA THR D 260 -2.11 -6.86 26.78
C THR D 260 -3.02 -8.04 26.42
N ILE D 261 -3.83 -8.52 27.37
CA ILE D 261 -4.73 -9.64 27.07
C ILE D 261 -5.78 -9.22 26.05
N HIS D 262 -6.19 -7.95 26.05
CA HIS D 262 -7.08 -7.49 24.98
C HIS D 262 -6.39 -7.56 23.62
N ALA D 263 -5.13 -7.13 23.54
CA ALA D 263 -4.41 -7.21 22.28
C ALA D 263 -4.16 -8.67 21.87
N LEU D 264 -3.90 -9.55 22.84
CA LEU D 264 -3.69 -10.95 22.50
C LEU D 264 -4.93 -11.56 21.90
N HIS D 265 -6.11 -11.18 22.39
CA HIS D 265 -7.36 -11.67 21.80
C HIS D 265 -7.47 -11.31 20.32
N VAL D 266 -7.15 -10.06 19.94
CA VAL D 266 -7.33 -9.73 18.52
C VAL D 266 -6.32 -10.49 17.66
N LEU D 267 -5.13 -10.81 18.19
CA LEU D 267 -4.21 -11.70 17.47
C LEU D 267 -4.82 -13.08 17.27
N GLU D 268 -5.38 -13.66 18.35
CA GLU D 268 -6.04 -14.96 18.24
C GLU D 268 -7.18 -14.92 17.25
N SER D 269 -7.99 -13.86 17.27
CA SER D 269 -9.14 -13.81 16.36
C SER D 269 -8.72 -13.81 14.90
N GLY D 270 -7.53 -13.32 14.59
CA GLY D 270 -7.02 -13.41 13.24
C GLY D 270 -6.25 -14.67 12.91
N GLY D 271 -6.16 -15.63 13.83
CA GLY D 271 -5.38 -16.81 13.56
C GLY D 271 -3.89 -16.52 13.46
N PHE D 272 -3.42 -15.54 14.23
CA PHE D 272 -2.01 -15.16 14.25
C PHE D 272 -1.10 -16.38 14.34
N ARG D 273 -1.38 -17.29 15.27
CA ARG D 273 -0.51 -18.45 15.43
C ARG D 273 -0.47 -19.29 14.18
N SER D 274 -1.63 -19.53 13.56
CA SER D 274 -1.65 -20.39 12.37
C SER D 274 -0.87 -19.77 11.22
N LEU D 275 -0.82 -18.45 11.13
CA LEU D 275 -0.08 -17.85 10.01
C LEU D 275 1.42 -18.14 10.10
N LEU D 276 1.97 -18.10 11.31
CA LEU D 276 3.38 -18.40 11.49
C LEU D 276 3.67 -19.88 11.26
N ILE D 277 2.77 -20.76 11.72
CA ILE D 277 2.90 -22.17 11.35
C ILE D 277 2.85 -22.31 9.83
N ASN D 278 1.87 -21.66 9.20
CA ASN D 278 1.76 -21.67 7.74
C ASN D 278 3.07 -21.25 7.09
N ALA D 279 3.73 -20.23 7.65
CA ALA D 279 4.94 -19.70 7.04
C ALA D 279 6.08 -20.71 7.13
N VAL D 280 6.34 -21.23 8.33
CA VAL D 280 7.40 -22.23 8.49
C VAL D 280 7.15 -23.39 7.55
N GLU D 281 5.91 -23.83 7.45
CA GLU D 281 5.61 -24.96 6.60
C GLU D 281 5.84 -24.61 5.13
N ALA D 282 5.39 -23.44 4.70
CA ALA D 282 5.52 -23.07 3.29
C ALA D 282 6.99 -22.95 2.88
N SER D 283 7.83 -22.38 3.75
CA SER D 283 9.25 -22.25 3.44
C SER D 283 9.90 -23.62 3.36
N CYS D 284 9.65 -24.46 4.37
CA CYS D 284 10.19 -25.82 4.38
C CYS D 284 9.74 -26.60 3.14
N ILE D 285 8.45 -26.53 2.80
CA ILE D 285 7.97 -27.29 1.66
C ILE D 285 8.58 -26.75 0.36
N ARG D 286 8.67 -25.42 0.23
CA ARG D 286 9.30 -24.89 -0.98
C ARG D 286 10.76 -25.30 -1.06
N THR D 287 11.46 -25.34 0.08
CA THR D 287 12.83 -25.82 0.11
C THR D 287 12.91 -27.25 -0.40
N ARG D 288 11.99 -28.12 0.03
CA ARG D 288 11.97 -29.50 -0.46
C ARG D 288 11.71 -29.55 -1.95
N GLU D 289 10.79 -28.70 -2.44
CA GLU D 289 10.42 -28.71 -3.84
C GLU D 289 11.59 -28.31 -4.73
N LEU D 290 12.34 -27.29 -4.30
CA LEU D 290 13.45 -26.84 -5.12
C LEU D 290 14.45 -27.97 -5.31
N GLN D 291 14.76 -28.71 -4.24
CA GLN D 291 15.71 -29.81 -4.34
C GLN D 291 15.15 -30.97 -5.16
N SER D 292 13.85 -31.27 -5.02
CA SER D 292 13.25 -32.31 -5.85
C SER D 292 13.29 -31.92 -7.32
N MET D 293 13.02 -30.66 -7.64
CA MET D 293 13.19 -30.16 -9.00
C MET D 293 14.65 -30.31 -9.45
N ALA D 294 15.60 -29.98 -8.56
CA ALA D 294 17.02 -30.13 -8.88
C ALA D 294 17.37 -31.58 -9.21
N ASP D 295 16.93 -32.52 -8.37
CA ASP D 295 17.19 -33.94 -8.61
C ASP D 295 16.29 -34.49 -9.72
N GLN E 21 -50.37 17.55 -27.54
CA GLN E 21 -51.23 17.86 -26.40
C GLN E 21 -51.18 19.35 -26.07
N SER E 22 -50.53 20.13 -26.95
CA SER E 22 -50.23 21.55 -26.74
C SER E 22 -49.40 21.79 -25.48
N MET E 23 -48.92 20.74 -24.84
CA MET E 23 -48.31 20.83 -23.53
C MET E 23 -46.84 21.21 -23.64
N SER E 24 -46.40 22.10 -22.75
CA SER E 24 -45.02 22.55 -22.71
C SER E 24 -44.32 21.96 -21.48
N VAL E 25 -43.13 21.41 -21.68
CA VAL E 25 -42.37 20.72 -20.63
C VAL E 25 -41.04 21.45 -20.43
N GLY E 26 -40.64 21.60 -19.17
CA GLY E 26 -39.35 22.18 -18.86
C GLY E 26 -38.54 21.28 -17.95
N PHE E 27 -37.22 21.40 -18.07
CA PHE E 27 -36.28 20.71 -17.18
C PHE E 27 -35.39 21.75 -16.50
N ILE E 28 -35.48 21.82 -15.18
CA ILE E 28 -34.44 22.45 -14.37
C ILE E 28 -33.36 21.41 -14.17
N GLY E 29 -32.19 21.65 -14.74
CA GLY E 29 -31.17 20.62 -14.84
C GLY E 29 -31.11 20.17 -16.29
N ALA E 30 -29.89 20.00 -16.79
CA ALA E 30 -29.68 19.57 -18.17
C ALA E 30 -28.62 18.49 -18.21
N GLY E 31 -28.66 17.57 -17.25
CA GLY E 31 -27.70 16.51 -17.12
C GLY E 31 -28.21 15.21 -17.67
N GLN E 32 -27.77 14.11 -17.05
CA GLN E 32 -28.07 12.78 -17.57
C GLN E 32 -29.58 12.53 -17.61
N LEU E 33 -30.29 12.89 -16.54
CA LEU E 33 -31.70 12.52 -16.46
C LEU E 33 -32.54 13.34 -17.42
N ALA E 34 -32.28 14.65 -17.51
CA ALA E 34 -33.03 15.49 -18.44
C ALA E 34 -32.78 15.06 -19.88
N PHE E 35 -31.55 14.70 -20.21
CA PHE E 35 -31.29 14.18 -21.54
C PHE E 35 -32.05 12.88 -21.77
N ALA E 36 -31.98 11.96 -20.82
CA ALA E 36 -32.62 10.66 -21.02
C ALA E 36 -34.13 10.81 -21.18
N LEU E 37 -34.75 11.66 -20.35
CA LEU E 37 -36.18 11.85 -20.45
C LEU E 37 -36.58 12.55 -21.74
N ALA E 38 -35.84 13.60 -22.14
CA ALA E 38 -36.15 14.29 -23.40
C ALA E 38 -35.96 13.38 -24.60
N LYS E 39 -34.87 12.60 -24.62
CA LYS E 39 -34.68 11.66 -25.71
C LYS E 39 -35.80 10.62 -25.76
N GLY E 40 -36.19 10.07 -24.60
CA GLY E 40 -37.27 9.10 -24.58
C GLY E 40 -38.61 9.70 -24.99
N PHE E 41 -38.93 10.88 -24.45
CA PHE E 41 -40.20 11.53 -24.77
C PHE E 41 -40.32 11.80 -26.26
N THR E 42 -39.26 12.35 -26.86
CA THR E 42 -39.34 12.69 -28.27
C THR E 42 -39.27 11.45 -29.15
N ALA E 43 -38.52 10.43 -28.74
CA ALA E 43 -38.55 9.17 -29.46
C ALA E 43 -39.94 8.54 -29.40
N ALA E 44 -40.59 8.59 -28.23
CA ALA E 44 -41.95 8.09 -28.12
C ALA E 44 -42.93 8.87 -28.98
N GLY E 45 -42.56 10.10 -29.36
CA GLY E 45 -43.47 10.96 -30.08
C GLY E 45 -44.53 11.61 -29.23
N VAL E 46 -44.49 11.46 -27.91
CA VAL E 46 -45.50 12.13 -27.09
C VAL E 46 -45.24 13.63 -27.00
N LEU E 47 -44.03 14.05 -27.32
CA LEU E 47 -43.57 15.44 -27.19
C LEU E 47 -42.64 15.72 -28.36
N ALA E 48 -42.78 16.89 -28.97
CA ALA E 48 -41.79 17.35 -29.96
C ALA E 48 -40.69 18.09 -29.22
N ALA E 49 -39.45 17.96 -29.71
CA ALA E 49 -38.31 18.56 -29.02
C ALA E 49 -38.52 20.05 -28.80
N HIS E 50 -39.19 20.73 -29.74
CA HIS E 50 -39.36 22.17 -29.65
C HIS E 50 -40.31 22.60 -28.54
N LYS E 51 -41.05 21.67 -27.92
CA LYS E 51 -41.90 21.99 -26.78
C LYS E 51 -41.18 21.79 -25.44
N ILE E 52 -39.90 21.50 -25.47
CA ILE E 52 -39.11 21.21 -24.28
C ILE E 52 -38.06 22.30 -24.12
N MET E 53 -37.94 22.85 -22.92
CA MET E 53 -36.87 23.77 -22.58
C MET E 53 -36.11 23.20 -21.39
N ALA E 54 -34.78 23.33 -21.41
CA ALA E 54 -33.95 22.91 -20.30
C ALA E 54 -33.01 24.03 -19.91
N SER E 55 -32.63 24.06 -18.63
CA SER E 55 -31.73 25.06 -18.10
C SER E 55 -30.66 24.39 -17.25
N SER E 56 -29.47 24.98 -17.26
CA SER E 56 -28.30 24.37 -16.64
C SER E 56 -27.38 25.48 -16.12
N PRO E 57 -26.71 25.26 -14.99
CA PRO E 57 -25.72 26.25 -14.52
C PRO E 57 -24.44 26.23 -15.34
N ASP E 58 -24.22 25.19 -16.14
CA ASP E 58 -23.05 25.06 -17.00
C ASP E 58 -23.53 24.67 -18.38
N MET E 59 -23.33 25.56 -19.36
CA MET E 59 -23.82 25.32 -20.70
C MET E 59 -22.83 24.59 -21.59
N ASP E 60 -21.64 24.27 -21.08
CA ASP E 60 -20.63 23.54 -21.83
C ASP E 60 -20.71 22.03 -21.61
N LEU E 61 -21.79 21.55 -21.00
CA LEU E 61 -21.92 20.13 -20.71
C LEU E 61 -22.18 19.34 -21.98
N ALA E 62 -21.71 18.09 -21.97
CA ALA E 62 -21.99 17.19 -23.10
C ALA E 62 -23.50 16.99 -23.25
N THR E 63 -24.20 16.79 -22.13
CA THR E 63 -25.65 16.61 -22.18
C THR E 63 -26.35 17.83 -22.76
N VAL E 64 -25.86 19.03 -22.46
CA VAL E 64 -26.48 20.25 -22.97
C VAL E 64 -26.34 20.33 -24.48
N SER E 65 -25.14 20.05 -25.01
CA SER E 65 -24.95 20.11 -26.45
C SER E 65 -25.81 19.06 -27.15
N ALA E 66 -25.94 17.88 -26.55
CA ALA E 66 -26.79 16.83 -27.10
C ALA E 66 -28.25 17.26 -27.17
N LEU E 67 -28.78 17.79 -26.05
CA LEU E 67 -30.15 18.32 -26.04
C LEU E 67 -30.34 19.36 -27.14
N ARG E 68 -29.31 20.17 -27.40
CA ARG E 68 -29.41 21.18 -28.44
C ARG E 68 -29.56 20.55 -29.82
N LYS E 69 -28.74 19.53 -30.12
CA LYS E 69 -28.83 18.84 -31.40
C LYS E 69 -30.20 18.21 -31.62
N MET E 70 -30.81 17.68 -30.55
CA MET E 70 -32.14 17.10 -30.69
C MET E 70 -33.20 18.14 -30.99
N GLY E 71 -32.94 19.40 -30.71
CA GLY E 71 -33.93 20.44 -30.93
C GLY E 71 -34.60 20.97 -29.69
N VAL E 72 -34.08 20.63 -28.51
CA VAL E 72 -34.61 21.17 -27.26
C VAL E 72 -34.10 22.60 -27.11
N LYS E 73 -34.97 23.49 -26.63
CA LYS E 73 -34.55 24.85 -26.32
C LYS E 73 -33.74 24.84 -25.03
N LEU E 74 -32.71 25.68 -24.98
CA LEU E 74 -31.80 25.72 -23.85
C LEU E 74 -31.63 27.15 -23.37
N THR E 75 -31.40 27.31 -22.07
CA THR E 75 -31.23 28.62 -21.48
C THR E 75 -30.42 28.45 -20.20
N PRO E 76 -29.63 29.45 -19.81
CA PRO E 76 -28.96 29.39 -18.51
C PRO E 76 -29.84 29.84 -17.35
N HIS E 77 -31.02 30.41 -17.62
CA HIS E 77 -31.88 30.99 -16.60
C HIS E 77 -33.00 30.02 -16.24
N ASN E 78 -33.01 29.56 -14.99
CA ASN E 78 -34.09 28.69 -14.54
C ASN E 78 -35.45 29.36 -14.69
N LYS E 79 -35.49 30.70 -14.58
CA LYS E 79 -36.76 31.42 -14.65
C LYS E 79 -37.39 31.31 -16.05
N GLU E 80 -36.55 31.34 -17.09
CA GLU E 80 -37.09 31.19 -18.44
C GLU E 80 -37.72 29.81 -18.62
N THR E 81 -37.08 28.77 -18.09
CA THR E 81 -37.68 27.44 -18.12
C THR E 81 -39.05 27.43 -17.44
N VAL E 82 -39.14 28.06 -16.27
CA VAL E 82 -40.42 28.09 -15.55
C VAL E 82 -41.49 28.78 -16.38
N GLN E 83 -41.15 29.92 -16.99
CA GLN E 83 -42.15 30.65 -17.76
C GLN E 83 -42.54 29.91 -19.04
N HIS E 84 -41.65 29.08 -19.57
CA HIS E 84 -41.96 28.26 -20.74
C HIS E 84 -42.89 27.09 -20.40
N SER E 85 -42.76 26.50 -19.22
CA SER E 85 -43.29 25.17 -18.98
C SER E 85 -44.71 25.19 -18.41
N ASP E 86 -45.45 24.13 -18.71
CA ASP E 86 -46.61 23.67 -17.98
C ASP E 86 -46.23 22.61 -16.96
N VAL E 87 -45.54 21.56 -17.41
CA VAL E 87 -44.99 20.51 -16.55
C VAL E 87 -43.50 20.81 -16.37
N LEU E 88 -43.08 20.97 -15.13
CA LEU E 88 -41.72 21.37 -14.80
C LEU E 88 -41.04 20.23 -14.04
N PHE E 89 -40.11 19.54 -14.70
CA PHE E 89 -39.29 18.53 -14.05
C PHE E 89 -38.12 19.19 -13.33
N LEU E 90 -37.94 18.85 -12.07
CA LEU E 90 -36.73 19.15 -11.31
C LEU E 90 -35.79 17.96 -11.46
N ALA E 91 -34.87 18.06 -12.43
CA ALA E 91 -33.95 16.98 -12.74
C ALA E 91 -32.56 17.34 -12.24
N VAL E 92 -32.46 17.69 -10.96
CA VAL E 92 -31.18 18.02 -10.36
C VAL E 92 -30.94 17.06 -9.20
N LYS E 93 -29.72 17.11 -8.68
CA LYS E 93 -29.37 16.24 -7.56
C LYS E 93 -30.11 16.69 -6.29
N PRO E 94 -30.35 15.76 -5.36
CA PRO E 94 -31.16 16.09 -4.18
C PRO E 94 -30.72 17.33 -3.40
N HIS E 95 -29.43 17.53 -3.20
CA HIS E 95 -29.02 18.69 -2.39
C HIS E 95 -29.22 20.01 -3.12
N ILE E 96 -29.55 19.99 -4.42
CA ILE E 96 -29.76 21.24 -5.16
C ILE E 96 -31.22 21.69 -5.16
N ILE E 97 -32.17 20.78 -4.99
CA ILE E 97 -33.62 21.07 -4.93
C ILE E 97 -33.95 22.29 -4.09
N PRO E 98 -33.50 22.41 -2.83
CA PRO E 98 -33.91 23.58 -2.04
C PRO E 98 -33.45 24.90 -2.62
N PHE E 99 -32.27 24.92 -3.25
CA PHE E 99 -31.80 26.13 -3.91
C PHE E 99 -32.68 26.49 -5.10
N ILE E 100 -33.01 25.48 -5.91
CA ILE E 100 -33.91 25.69 -7.04
C ILE E 100 -35.23 26.27 -6.55
N LEU E 101 -35.78 25.68 -5.50
CA LEU E 101 -37.11 26.10 -5.04
C LEU E 101 -37.08 27.53 -4.55
N ASP E 102 -36.02 27.92 -3.82
CA ASP E 102 -35.93 29.32 -3.40
C ASP E 102 -35.74 30.23 -4.61
N GLU E 103 -35.02 29.79 -5.63
CA GLU E 103 -34.77 30.65 -6.80
C GLU E 103 -36.03 30.86 -7.62
N ILE E 104 -36.81 29.80 -7.87
CA ILE E 104 -37.92 29.87 -8.81
C ILE E 104 -39.28 29.91 -8.13
N GLY E 105 -39.35 29.83 -6.80
CA GLY E 105 -40.63 29.68 -6.13
C GLY E 105 -41.59 30.82 -6.40
N ALA E 106 -41.07 32.04 -6.53
CA ALA E 106 -41.92 33.19 -6.82
C ALA E 106 -42.49 33.15 -8.23
N ASP E 107 -41.95 32.29 -9.11
CA ASP E 107 -42.39 32.21 -10.49
C ASP E 107 -43.40 31.09 -10.73
N ILE E 108 -43.66 30.25 -9.73
CA ILE E 108 -44.59 29.14 -9.92
C ILE E 108 -46.01 29.67 -9.94
N GLU E 109 -46.76 29.31 -10.98
CA GLU E 109 -48.13 29.77 -11.17
C GLU E 109 -49.10 28.62 -10.97
N ASP E 110 -50.39 28.96 -11.06
CA ASP E 110 -51.44 27.97 -10.85
C ASP E 110 -51.34 26.85 -11.87
N ARG E 111 -50.96 27.17 -13.10
CA ARG E 111 -50.95 26.18 -14.17
C ARG E 111 -49.84 25.14 -14.03
N HIS E 112 -48.84 25.39 -13.18
CA HIS E 112 -47.65 24.58 -13.17
C HIS E 112 -47.87 23.27 -12.43
N ILE E 113 -47.29 22.19 -12.93
CA ILE E 113 -47.13 20.94 -12.19
C ILE E 113 -45.64 20.75 -11.99
N VAL E 114 -45.21 20.70 -10.74
CA VAL E 114 -43.79 20.57 -10.40
C VAL E 114 -43.52 19.09 -10.12
N VAL E 115 -42.64 18.48 -10.91
CA VAL E 115 -42.35 17.06 -10.78
C VAL E 115 -40.92 16.95 -10.28
N SER E 116 -40.75 16.55 -9.03
CA SER E 116 -39.41 16.37 -8.50
C SER E 116 -38.93 14.96 -8.80
N CYS E 117 -37.74 14.85 -9.42
CA CYS E 117 -37.11 13.57 -9.69
C CYS E 117 -36.00 13.24 -8.69
N ALA E 118 -35.73 14.14 -7.74
CA ALA E 118 -34.59 13.96 -6.87
C ALA E 118 -34.84 12.84 -5.86
N ALA E 119 -33.82 12.00 -5.67
CA ALA E 119 -33.87 10.97 -4.63
C ALA E 119 -34.07 11.60 -3.26
N GLY E 120 -34.95 10.99 -2.47
CA GLY E 120 -35.08 11.35 -1.08
C GLY E 120 -35.95 12.55 -0.75
N VAL E 121 -35.97 13.55 -1.63
CA VAL E 121 -36.63 14.82 -1.29
C VAL E 121 -38.14 14.61 -1.19
N THR E 122 -38.72 14.92 -0.05
CA THR E 122 -40.11 14.62 0.18
C THR E 122 -41.01 15.68 -0.46
N ILE E 123 -42.23 15.25 -0.79
CA ILE E 123 -43.27 16.19 -1.24
C ILE E 123 -43.49 17.26 -0.18
N SER E 124 -43.42 16.88 1.09
CA SER E 124 -43.64 17.81 2.18
C SER E 124 -42.65 18.97 2.12
N SER E 125 -41.36 18.66 1.98
CA SER E 125 -40.36 19.72 1.94
C SER E 125 -40.55 20.64 0.73
N ILE E 126 -40.92 20.07 -0.41
CA ILE E 126 -41.13 20.86 -1.62
C ILE E 126 -42.34 21.75 -1.46
N GLU E 127 -43.44 21.20 -0.96
CA GLU E 127 -44.65 21.99 -0.76
C GLU E 127 -44.42 23.11 0.24
N LYS E 128 -43.65 22.84 1.29
CA LYS E 128 -43.37 23.88 2.30
C LYS E 128 -42.63 25.06 1.68
N LYS E 129 -41.59 24.78 0.86
CA LYS E 129 -40.81 25.86 0.25
C LYS E 129 -41.65 26.67 -0.73
N LEU E 130 -42.41 25.98 -1.59
CA LEU E 130 -43.20 26.67 -2.60
C LEU E 130 -44.44 27.36 -2.03
N SER E 131 -45.00 26.84 -0.94
CA SER E 131 -46.21 27.45 -0.38
C SER E 131 -45.91 28.80 0.25
N ALA E 132 -44.65 29.08 0.57
CA ALA E 132 -44.30 30.41 1.05
C ALA E 132 -44.52 31.47 -0.03
N PHE E 133 -44.65 31.07 -1.29
CA PHE E 133 -44.90 32.00 -2.38
C PHE E 133 -46.34 31.97 -2.89
N ARG E 134 -46.88 30.79 -3.16
CA ARG E 134 -48.23 30.65 -3.68
C ARG E 134 -48.85 29.44 -2.99
N PRO E 135 -50.12 29.52 -2.59
CA PRO E 135 -50.62 28.63 -1.52
C PRO E 135 -50.75 27.15 -1.87
N ALA E 136 -51.17 26.79 -3.08
CA ALA E 136 -51.49 25.40 -3.40
C ALA E 136 -50.63 24.89 -4.57
N PRO E 137 -49.31 24.78 -4.38
CA PRO E 137 -48.47 24.23 -5.44
C PRO E 137 -48.85 22.79 -5.77
N ARG E 138 -48.94 22.50 -7.06
CA ARG E 138 -49.23 21.14 -7.54
C ARG E 138 -47.90 20.41 -7.71
N VAL E 139 -47.64 19.43 -6.85
CA VAL E 139 -46.35 18.77 -6.75
C VAL E 139 -46.55 17.28 -6.94
N ILE E 140 -45.68 16.68 -7.75
CA ILE E 140 -45.63 15.23 -7.95
C ILE E 140 -44.19 14.80 -7.68
N ARG E 141 -44.02 13.75 -6.90
CA ARG E 141 -42.68 13.20 -6.69
C ARG E 141 -42.55 11.93 -7.50
N CYS E 142 -41.47 11.81 -8.26
CA CYS E 142 -41.25 10.55 -8.95
C CYS E 142 -39.83 10.04 -8.68
N MET E 143 -39.64 8.77 -8.97
CA MET E 143 -38.32 8.15 -9.05
C MET E 143 -38.30 7.38 -10.36
N THR E 144 -37.44 7.78 -11.28
CA THR E 144 -37.29 7.12 -12.57
C THR E 144 -35.83 6.66 -12.66
N ASN E 145 -35.41 6.25 -13.86
CA ASN E 145 -34.01 5.86 -14.03
C ASN E 145 -33.61 6.18 -15.47
N THR E 146 -32.32 6.11 -15.74
CA THR E 146 -31.90 6.60 -17.04
C THR E 146 -32.28 5.71 -18.23
N PRO E 147 -32.64 4.40 -18.06
CA PRO E 147 -33.12 3.64 -19.24
C PRO E 147 -34.36 4.20 -19.92
N VAL E 148 -34.98 5.28 -19.40
CA VAL E 148 -36.01 5.99 -20.16
C VAL E 148 -35.42 6.43 -21.50
N VAL E 149 -34.09 6.56 -21.56
CA VAL E 149 -33.46 7.03 -22.80
C VAL E 149 -33.68 6.03 -23.94
N VAL E 150 -33.90 4.77 -23.63
CA VAL E 150 -34.27 3.77 -24.65
C VAL E 150 -35.70 3.29 -24.45
N ARG E 151 -36.52 4.10 -23.76
CA ARG E 151 -37.95 3.84 -23.53
C ARG E 151 -38.17 2.54 -22.76
N GLU E 152 -37.25 2.20 -21.85
CA GLU E 152 -37.43 1.07 -20.96
C GLU E 152 -37.13 1.46 -19.53
N GLY E 153 -37.55 2.65 -19.14
CA GLY E 153 -37.35 3.07 -17.76
C GLY E 153 -38.30 2.36 -16.82
N ALA E 154 -38.03 2.55 -15.54
CA ALA E 154 -38.90 2.12 -14.45
C ALA E 154 -39.19 3.35 -13.60
N THR E 155 -40.45 3.73 -13.51
CA THR E 155 -40.84 4.97 -12.87
C THR E 155 -41.97 4.73 -11.87
N VAL E 156 -41.85 5.29 -10.68
CA VAL E 156 -42.99 5.42 -9.78
C VAL E 156 -43.18 6.89 -9.48
N TYR E 157 -44.40 7.26 -9.08
CA TYR E 157 -44.66 8.64 -8.71
C TYR E 157 -45.70 8.66 -7.60
N ALA E 158 -45.65 9.71 -6.77
CA ALA E 158 -46.68 9.98 -5.78
C ALA E 158 -47.19 11.41 -5.97
N THR E 159 -48.51 11.60 -5.84
CA THR E 159 -49.13 12.90 -6.03
C THR E 159 -49.19 13.66 -4.71
N GLY E 160 -48.96 14.98 -4.79
CA GLY E 160 -48.92 15.81 -3.61
C GLY E 160 -50.30 16.25 -3.15
N THR E 161 -50.29 17.11 -2.12
CA THR E 161 -51.50 17.54 -1.45
C THR E 161 -52.47 18.23 -2.39
N HIS E 162 -51.95 19.02 -3.32
CA HIS E 162 -52.76 19.86 -4.17
C HIS E 162 -52.82 19.38 -5.60
N ALA E 163 -52.15 18.27 -5.92
CA ALA E 163 -52.21 17.72 -7.26
C ALA E 163 -53.64 17.34 -7.60
N GLN E 164 -54.11 17.77 -8.77
CA GLN E 164 -55.42 17.34 -9.23
C GLN E 164 -55.35 15.89 -9.68
N VAL E 165 -56.52 15.26 -9.82
CA VAL E 165 -56.55 13.86 -10.25
C VAL E 165 -56.01 13.73 -11.66
N GLU E 166 -56.41 14.66 -12.54
CA GLU E 166 -55.87 14.67 -13.89
C GLU E 166 -54.36 14.89 -13.90
N ASP E 167 -53.79 15.49 -12.85
CA ASP E 167 -52.33 15.69 -12.79
C ASP E 167 -51.59 14.36 -12.73
N GLY E 168 -52.07 13.43 -11.92
CA GLY E 168 -51.43 12.13 -11.84
C GLY E 168 -51.65 11.30 -13.10
N ARG E 169 -52.83 11.44 -13.72
CA ARG E 169 -53.08 10.75 -14.98
C ARG E 169 -52.18 11.29 -16.08
N LEU E 170 -52.07 12.62 -16.18
CA LEU E 170 -51.14 13.23 -17.14
C LEU E 170 -49.74 12.71 -16.93
N MET E 171 -49.30 12.64 -15.68
CA MET E 171 -47.96 12.16 -15.37
CA MET E 171 -47.95 12.19 -15.45
C MET E 171 -47.79 10.71 -15.80
N GLU E 172 -48.75 9.86 -15.44
CA GLU E 172 -48.60 8.46 -15.81
C GLU E 172 -48.65 8.29 -17.33
N GLN E 173 -49.50 9.04 -18.02
CA GLN E 173 -49.50 8.97 -19.48
C GLN E 173 -48.13 9.34 -20.03
N LEU E 174 -47.56 10.45 -19.56
CA LEU E 174 -46.25 10.87 -20.04
C LEU E 174 -45.16 9.83 -19.71
N LEU E 175 -45.09 9.38 -18.46
CA LEU E 175 -43.95 8.53 -18.09
C LEU E 175 -44.12 7.10 -18.60
N SER E 176 -45.36 6.64 -18.79
CA SER E 176 -45.55 5.32 -19.41
C SER E 176 -45.05 5.28 -20.85
N SER E 177 -44.89 6.43 -21.51
CA SER E 177 -44.42 6.37 -22.88
C SER E 177 -42.95 5.99 -22.97
N VAL E 178 -42.21 6.05 -21.86
CA VAL E 178 -40.78 5.78 -21.85
C VAL E 178 -40.41 4.65 -20.88
N GLY E 179 -41.39 3.82 -20.49
CA GLY E 179 -41.10 2.69 -19.63
C GLY E 179 -42.29 2.32 -18.78
N PHE E 180 -42.03 1.48 -17.78
CA PHE E 180 -43.03 1.14 -16.78
C PHE E 180 -43.29 2.35 -15.88
N CYS E 181 -44.55 2.56 -15.54
CA CYS E 181 -44.92 3.67 -14.68
C CYS E 181 -46.13 3.29 -13.84
N THR E 182 -46.06 3.55 -12.54
CA THR E 182 -47.22 3.30 -11.69
C THR E 182 -47.17 4.30 -10.54
N GLU E 183 -48.35 4.56 -9.99
CA GLU E 183 -48.48 5.40 -8.80
C GLU E 183 -48.23 4.57 -7.56
N VAL E 184 -47.52 5.15 -6.59
CA VAL E 184 -47.28 4.51 -5.31
C VAL E 184 -47.56 5.49 -4.18
N GLU E 185 -47.69 4.96 -2.96
CA GLU E 185 -47.60 5.79 -1.77
C GLU E 185 -46.19 6.35 -1.67
N GLU E 186 -46.09 7.61 -1.21
CA GLU E 186 -44.78 8.25 -1.13
C GLU E 186 -43.83 7.48 -0.23
N ASP E 187 -44.34 6.77 0.77
CA ASP E 187 -43.38 6.10 1.66
C ASP E 187 -42.74 4.87 1.02
N LEU E 188 -43.08 4.51 -0.21
CA LEU E 188 -42.37 3.44 -0.92
C LEU E 188 -41.21 3.95 -1.78
N ILE E 189 -41.08 5.26 -1.96
CA ILE E 189 -40.20 5.75 -3.03
C ILE E 189 -38.73 5.56 -2.67
N ASP E 190 -38.36 5.74 -1.40
CA ASP E 190 -36.96 5.52 -1.02
C ASP E 190 -36.52 4.07 -1.30
N ALA E 191 -37.39 3.11 -1.06
CA ALA E 191 -37.07 1.71 -1.36
C ALA E 191 -37.01 1.48 -2.86
N VAL E 192 -37.93 2.09 -3.62
CA VAL E 192 -37.87 2.00 -5.08
C VAL E 192 -36.54 2.57 -5.57
N THR E 193 -36.09 3.65 -4.93
CA THR E 193 -34.79 4.22 -5.29
C THR E 193 -33.71 3.15 -5.17
N GLY E 194 -33.73 2.40 -4.08
CA GLY E 194 -32.71 1.39 -3.88
C GLY E 194 -32.80 0.25 -4.89
N LEU E 195 -34.00 0.01 -5.45
CA LEU E 195 -34.22 -1.10 -6.38
C LEU E 195 -34.05 -0.66 -7.82
N SER E 196 -35.01 0.12 -8.35
CA SER E 196 -34.90 0.49 -9.75
C SER E 196 -34.17 1.80 -9.97
N GLY E 197 -34.07 2.68 -8.98
CA GLY E 197 -33.29 3.91 -9.18
C GLY E 197 -31.80 3.61 -9.32
N SER E 198 -31.24 2.82 -8.39
CA SER E 198 -29.86 2.37 -8.46
C SER E 198 -29.68 1.13 -9.33
N GLY E 199 -30.75 0.43 -9.65
CA GLY E 199 -30.69 -0.83 -10.34
C GLY E 199 -29.83 -0.89 -11.58
N PRO E 200 -29.99 0.06 -12.52
CA PRO E 200 -29.16 0.02 -13.73
C PRO E 200 -27.68 -0.06 -13.42
N ALA E 201 -27.20 0.68 -12.42
CA ALA E 201 -25.80 0.61 -11.99
C ALA E 201 -25.40 -0.81 -11.59
N TYR E 202 -26.25 -1.51 -10.81
CA TYR E 202 -25.97 -2.90 -10.48
C TYR E 202 -25.83 -3.73 -11.75
N ALA E 203 -26.76 -3.52 -12.70
CA ALA E 203 -26.69 -4.26 -13.96
C ALA E 203 -25.43 -3.94 -14.75
N PHE E 204 -25.02 -2.66 -14.79
CA PHE E 204 -23.80 -2.32 -15.54
C PHE E 204 -22.58 -3.02 -14.92
N THR E 205 -22.51 -3.06 -13.58
CA THR E 205 -21.43 -3.78 -12.91
C THR E 205 -21.46 -5.26 -13.26
N ALA E 206 -22.65 -5.86 -13.17
CA ALA E 206 -22.80 -7.28 -13.52
C ALA E 206 -22.42 -7.55 -14.97
N LEU E 207 -22.78 -6.66 -15.89
CA LEU E 207 -22.47 -6.90 -17.31
C LEU E 207 -20.98 -6.80 -17.57
N ASP E 208 -20.30 -5.85 -16.92
CA ASP E 208 -18.84 -5.74 -17.04
C ASP E 208 -18.17 -7.02 -16.55
N ALA E 209 -18.61 -7.53 -15.39
CA ALA E 209 -18.05 -8.74 -14.80
C ALA E 209 -18.35 -9.97 -15.65
N LEU E 210 -19.58 -10.08 -16.16
CA LEU E 210 -19.92 -11.18 -17.05
C LEU E 210 -19.06 -11.19 -18.29
N ALA E 211 -18.82 -9.99 -18.85
CA ALA E 211 -17.94 -9.91 -20.02
C ALA E 211 -16.51 -10.34 -19.66
N ASP E 212 -16.02 -9.92 -18.49
CA ASP E 212 -14.70 -10.37 -18.04
C ASP E 212 -14.65 -11.89 -17.95
N GLY E 213 -15.72 -12.49 -17.44
CA GLY E 213 -15.80 -13.95 -17.38
C GLY E 213 -15.78 -14.58 -18.76
N GLY E 214 -16.54 -14.02 -19.71
CA GLY E 214 -16.48 -14.49 -21.08
C GLY E 214 -15.10 -14.36 -21.69
N VAL E 215 -14.43 -13.23 -21.42
CA VAL E 215 -13.08 -13.04 -21.92
C VAL E 215 -12.11 -14.02 -21.28
N LYS E 216 -12.24 -14.26 -19.98
CA LYS E 216 -11.36 -15.23 -19.31
C LYS E 216 -11.46 -16.60 -19.98
N MET E 217 -12.65 -16.97 -20.42
CA MET E 217 -12.92 -18.26 -21.02
C MET E 217 -12.66 -18.29 -22.54
N GLY E 218 -12.19 -17.19 -23.13
CA GLY E 218 -11.71 -17.19 -24.51
C GLY E 218 -12.49 -16.31 -25.47
N LEU E 219 -13.53 -15.62 -25.03
CA LEU E 219 -14.34 -14.86 -25.98
C LEU E 219 -13.70 -13.50 -26.22
N PRO E 220 -13.77 -12.97 -27.44
CA PRO E 220 -13.45 -11.55 -27.65
C PRO E 220 -14.37 -10.67 -26.80
N ARG E 221 -13.81 -9.55 -26.34
CA ARG E 221 -14.53 -8.63 -25.45
C ARG E 221 -15.84 -8.14 -26.10
N ARG E 222 -15.78 -7.69 -27.34
CA ARG E 222 -16.98 -7.14 -27.98
C ARG E 222 -18.11 -8.15 -27.98
N LEU E 223 -17.82 -9.40 -28.33
CA LEU E 223 -18.83 -10.45 -28.34
C LEU E 223 -19.31 -10.78 -26.94
N ALA E 224 -18.39 -10.85 -25.96
CA ALA E 224 -18.79 -11.16 -24.59
C ALA E 224 -19.73 -10.10 -24.03
N VAL E 225 -19.47 -8.82 -24.31
CA VAL E 225 -20.34 -7.75 -23.83
C VAL E 225 -21.74 -7.87 -24.43
N ARG E 226 -21.79 -8.08 -25.74
CA ARG E 226 -23.06 -8.20 -26.46
C ARG E 226 -23.87 -9.41 -25.94
N LEU E 227 -23.22 -10.56 -25.85
CA LEU E 227 -23.92 -11.77 -25.37
C LEU E 227 -24.40 -11.61 -23.93
N GLY E 228 -23.58 -11.04 -23.06
CA GLY E 228 -24.00 -10.86 -21.69
C GLY E 228 -25.19 -9.91 -21.56
N ALA E 229 -25.12 -8.78 -22.27
CA ALA E 229 -26.23 -7.83 -22.25
C ALA E 229 -27.48 -8.46 -22.82
N GLN E 230 -27.34 -9.19 -23.94
CA GLN E 230 -28.51 -9.81 -24.55
C GLN E 230 -29.12 -10.86 -23.62
N ALA E 231 -28.28 -11.63 -22.93
CA ALA E 231 -28.76 -12.62 -21.97
C ALA E 231 -29.58 -11.95 -20.87
N LEU E 232 -29.07 -10.87 -20.26
CA LEU E 232 -29.82 -10.21 -19.22
C LEU E 232 -31.10 -9.58 -19.76
N LEU E 233 -31.03 -8.95 -20.93
CA LEU E 233 -32.23 -8.36 -21.50
C LEU E 233 -33.29 -9.43 -21.71
N GLY E 234 -32.93 -10.50 -22.41
CA GLY E 234 -33.89 -11.55 -22.68
C GLY E 234 -34.45 -12.17 -21.42
N ALA E 235 -33.60 -12.43 -20.43
CA ALA E 235 -34.09 -13.04 -19.20
C ALA E 235 -35.09 -12.12 -18.51
N ALA E 236 -34.75 -10.84 -18.39
CA ALA E 236 -35.67 -9.89 -17.77
C ALA E 236 -36.97 -9.81 -18.54
N LYS E 237 -36.91 -9.80 -19.89
CA LYS E 237 -38.16 -9.77 -20.65
C LYS E 237 -38.98 -11.04 -20.44
N MET E 238 -38.31 -12.19 -20.37
CA MET E 238 -39.02 -13.44 -20.07
C MET E 238 -39.80 -13.35 -18.77
N LEU E 239 -39.13 -12.86 -17.71
CA LEU E 239 -39.79 -12.77 -16.41
C LEU E 239 -40.98 -11.82 -16.47
N LEU E 240 -40.83 -10.68 -17.16
CA LEU E 240 -41.92 -9.72 -17.26
C LEU E 240 -43.11 -10.31 -18.00
N HIS E 241 -42.87 -11.13 -19.00
CA HIS E 241 -43.96 -11.71 -19.77
C HIS E 241 -44.48 -13.01 -19.20
N SER E 242 -43.84 -13.54 -18.17
CA SER E 242 -44.23 -14.77 -17.51
C SER E 242 -45.08 -14.47 -16.29
N GLU E 243 -46.01 -15.36 -15.98
CA GLU E 243 -46.65 -15.30 -14.68
C GLU E 243 -45.85 -16.09 -13.64
N GLN E 244 -44.73 -16.68 -14.02
CA GLN E 244 -44.04 -17.63 -13.18
C GLN E 244 -43.03 -16.93 -12.28
N HIS E 245 -42.81 -17.55 -11.13
CA HIS E 245 -41.80 -17.10 -10.18
C HIS E 245 -40.42 -17.19 -10.81
N PRO E 246 -39.51 -16.25 -10.52
CA PRO E 246 -38.16 -16.36 -11.10
C PRO E 246 -37.44 -17.64 -10.71
N GLY E 247 -37.78 -18.25 -9.58
CA GLY E 247 -37.18 -19.53 -9.25
C GLY E 247 -37.68 -20.64 -10.16
N GLN E 248 -38.93 -20.56 -10.61
CA GLN E 248 -39.43 -21.54 -11.56
C GLN E 248 -38.73 -21.41 -12.91
N LEU E 249 -38.53 -20.18 -13.39
CA LEU E 249 -37.82 -20.00 -14.65
C LEU E 249 -36.38 -20.47 -14.53
N LYS E 250 -35.75 -20.23 -13.37
CA LYS E 250 -34.42 -20.77 -13.11
C LYS E 250 -34.43 -22.30 -13.15
N ASP E 251 -35.41 -22.92 -12.48
CA ASP E 251 -35.54 -24.38 -12.52
C ASP E 251 -35.69 -24.91 -13.95
N ASN E 252 -36.52 -24.25 -14.76
CA ASN E 252 -36.74 -24.67 -16.14
C ASN E 252 -35.45 -24.74 -16.94
N VAL E 253 -34.49 -23.89 -16.62
CA VAL E 253 -33.27 -23.68 -17.38
C VAL E 253 -32.08 -24.48 -16.84
N SER E 254 -32.21 -25.12 -15.67
CA SER E 254 -31.11 -25.86 -15.04
C SER E 254 -31.26 -27.35 -15.30
N SER E 255 -30.64 -27.82 -16.39
CA SER E 255 -30.55 -29.24 -16.71
C SER E 255 -29.86 -30.03 -15.60
N PRO E 256 -30.41 -31.17 -15.16
CA PRO E 256 -29.77 -31.91 -14.05
C PRO E 256 -28.31 -32.24 -14.35
N GLY E 257 -27.44 -31.97 -13.37
CA GLY E 257 -26.03 -32.25 -13.49
C GLY E 257 -25.27 -31.35 -14.43
N GLY E 258 -25.92 -30.36 -15.05
CA GLY E 258 -25.36 -29.65 -16.17
C GLY E 258 -24.56 -28.41 -15.79
N ALA E 259 -24.22 -27.64 -16.84
CA ALA E 259 -23.33 -26.50 -16.70
C ALA E 259 -23.97 -25.39 -15.87
N THR E 260 -25.24 -25.11 -16.14
CA THR E 260 -25.93 -24.00 -15.48
C THR E 260 -26.07 -24.23 -13.97
N ILE E 261 -26.49 -25.42 -13.55
CA ILE E 261 -26.62 -25.68 -12.12
C ILE E 261 -25.24 -25.66 -11.44
N HIS E 262 -24.17 -26.04 -12.15
CA HIS E 262 -22.85 -25.90 -11.54
C HIS E 262 -22.51 -24.42 -11.33
N ALA E 263 -22.88 -23.56 -12.28
CA ALA E 263 -22.56 -22.13 -12.12
C ALA E 263 -23.41 -21.50 -11.03
N LEU E 264 -24.70 -21.87 -10.94
CA LEU E 264 -25.55 -21.36 -9.87
C LEU E 264 -24.96 -21.69 -8.51
N HIS E 265 -24.39 -22.89 -8.36
CA HIS E 265 -23.82 -23.24 -7.07
C HIS E 265 -22.69 -22.27 -6.69
N VAL E 266 -21.82 -21.92 -7.62
CA VAL E 266 -20.73 -21.05 -7.22
C VAL E 266 -21.24 -19.65 -6.92
N LEU E 267 -22.32 -19.20 -7.57
CA LEU E 267 -22.97 -17.95 -7.16
C LEU E 267 -23.50 -18.05 -5.73
N GLU E 268 -24.22 -19.14 -5.43
CA GLU E 268 -24.72 -19.34 -4.06
C GLU E 268 -23.58 -19.39 -3.06
N SER E 269 -22.44 -20.00 -3.41
CA SER E 269 -21.37 -20.13 -2.41
C SER E 269 -20.75 -18.76 -2.07
N GLY E 270 -20.89 -17.78 -2.96
CA GLY E 270 -20.44 -16.43 -2.68
C GLY E 270 -21.46 -15.55 -1.98
N GLY E 271 -22.64 -16.08 -1.67
CA GLY E 271 -23.69 -15.22 -1.17
C GLY E 271 -24.20 -14.21 -2.19
N PHE E 272 -24.16 -14.54 -3.48
CA PHE E 272 -24.63 -13.66 -4.55
C PHE E 272 -25.95 -12.98 -4.21
N ARG E 273 -26.94 -13.76 -3.75
CA ARG E 273 -28.25 -13.21 -3.44
C ARG E 273 -28.15 -12.15 -2.36
N SER E 274 -27.41 -12.46 -1.28
CA SER E 274 -27.29 -11.50 -0.19
C SER E 274 -26.63 -10.20 -0.63
N LEU E 275 -25.75 -10.22 -1.64
CA LEU E 275 -25.08 -8.97 -2.03
C LEU E 275 -26.07 -8.01 -2.69
N LEU E 276 -26.95 -8.54 -3.54
CA LEU E 276 -28.00 -7.74 -4.15
C LEU E 276 -28.99 -7.21 -3.12
N ILE E 277 -29.37 -8.03 -2.14
CA ILE E 277 -30.17 -7.52 -1.02
C ILE E 277 -29.41 -6.39 -0.31
N ASN E 278 -28.15 -6.63 0.02
CA ASN E 278 -27.31 -5.59 0.65
C ASN E 278 -27.36 -4.29 -0.14
N ALA E 279 -27.32 -4.37 -1.46
CA ALA E 279 -27.23 -3.18 -2.30
C ALA E 279 -28.54 -2.38 -2.27
N VAL E 280 -29.68 -3.04 -2.51
CA VAL E 280 -30.97 -2.36 -2.40
C VAL E 280 -31.09 -1.68 -1.06
N GLU E 281 -30.77 -2.41 0.02
CA GLU E 281 -30.83 -1.85 1.36
C GLU E 281 -29.92 -0.64 1.53
N ALA E 282 -28.65 -0.75 1.11
CA ALA E 282 -27.71 0.34 1.30
C ALA E 282 -28.14 1.59 0.55
N SER E 283 -28.64 1.43 -0.68
CA SER E 283 -29.11 2.57 -1.45
C SER E 283 -30.33 3.21 -0.79
N CYS E 284 -31.30 2.39 -0.39
CA CYS E 284 -32.47 2.92 0.30
C CYS E 284 -32.08 3.66 1.58
N ILE E 285 -31.25 3.03 2.43
CA ILE E 285 -30.86 3.66 3.69
C ILE E 285 -30.12 4.97 3.45
N ARG E 286 -29.18 4.98 2.49
CA ARG E 286 -28.46 6.22 2.17
C ARG E 286 -29.41 7.30 1.67
N THR E 287 -30.42 6.92 0.88
CA THR E 287 -31.42 7.88 0.42
C THR E 287 -32.14 8.51 1.60
N ARG E 288 -32.59 7.69 2.55
CA ARG E 288 -33.26 8.19 3.75
C ARG E 288 -32.32 9.06 4.56
N GLU E 289 -31.06 8.66 4.64
CA GLU E 289 -30.05 9.36 5.40
C GLU E 289 -29.79 10.75 4.85
N LEU E 290 -29.78 10.87 3.52
CA LEU E 290 -29.55 12.17 2.90
C LEU E 290 -30.70 13.12 3.19
N GLN E 291 -31.94 12.62 3.17
CA GLN E 291 -33.07 13.50 3.46
C GLN E 291 -33.11 13.92 4.92
N SER E 292 -32.73 13.02 5.84
CA SER E 292 -32.64 13.41 7.25
C SER E 292 -31.66 14.57 7.44
N MET E 293 -30.54 14.56 6.70
CA MET E 293 -29.62 15.69 6.75
C MET E 293 -30.22 16.94 6.11
N ALA E 294 -31.04 16.78 5.06
CA ALA E 294 -31.73 17.91 4.47
C ALA E 294 -32.65 18.59 5.48
N ASP E 295 -33.41 17.81 6.24
CA ASP E 295 -34.42 18.36 7.15
C ASP E 295 -33.86 18.62 8.55
C02 ZRZ F . -1.92 -12.07 -21.93
C04 ZRZ F . -0.75 -11.16 -22.41
C05 ZRZ F . -0.46 -11.19 -23.75
C06 ZRZ F . 0.58 -10.41 -24.23
C07 ZRZ F . 1.33 -9.62 -23.40
C08 ZRZ F . 1.03 -9.58 -22.04
C09 ZRZ F . -0.01 -10.36 -21.55
C10 ZRZ F . 0.83 -10.53 -25.78
C13 ZRZ F . 1.01 -9.36 -28.06
C14 ZRZ F . 0.22 -8.26 -28.79
C16 ZRZ F . -0.80 -7.45 -26.66
C17 ZRZ F . -1.31 -6.02 -25.99
C18 ZRZ F . -2.71 -6.13 -25.75
C19 ZRZ F . -3.00 -7.69 -25.58
C20 ZRZ F . -1.81 -8.41 -26.44
C21 ZRZ F . 0.50 -7.97 -26.07
N12 ZRZ F . 0.80 -9.30 -26.62
O01 ZRZ F . -2.79 -11.58 -21.31
O03 ZRZ F . -1.85 -13.35 -22.21
O11 ZRZ F . 1.05 -11.58 -26.30
O15 ZRZ F . -0.87 -7.65 -28.08
C02 ZRZ G . -2.61 12.47 7.09
C04 ZRZ G . -2.41 13.55 6.01
C05 ZRZ G . -1.94 14.75 6.47
C06 ZRZ G . -1.75 15.77 5.57
C07 ZRZ G . -2.03 15.60 4.23
C08 ZRZ G . -2.53 14.39 3.77
C09 ZRZ G . -2.72 13.34 4.67
C10 ZRZ G . -1.18 17.15 6.18
C13 ZRZ G . 0.90 18.76 6.25
C14 ZRZ G . 2.43 18.58 6.26
C16 ZRZ G . 2.31 16.23 5.58
C17 ZRZ G . 3.30 15.28 4.64
C18 ZRZ G . 3.68 14.15 5.39
C19 ZRZ G . 2.53 13.96 6.47
C20 ZRZ G . 1.88 15.44 6.66
C21 ZRZ G . 1.06 16.75 4.86
N12 ZRZ G . 0.22 17.56 5.77
O01 ZRZ G . -3.33 12.83 8.14
O03 ZRZ G . -2.12 11.41 6.89
O11 ZRZ G . -1.82 17.81 6.96
O15 ZRZ G . 2.85 17.21 6.48
C1 PEG H . 12.33 16.48 -10.86
O1 PEG H . 11.51 17.58 -11.27
C2 PEG H . 11.84 15.18 -11.42
O2 PEG H . 12.58 14.82 -12.58
C3 PEG H . 12.16 15.51 -13.76
C4 PEG H . 12.00 14.53 -14.87
O4 PEG H . 10.97 14.93 -15.76
S SO4 I . -5.25 -6.82 -30.17
O1 SO4 I . -4.57 -7.49 -31.27
O2 SO4 I . -6.41 -7.63 -29.78
O3 SO4 I . -4.33 -6.71 -29.04
O4 SO4 I . -5.69 -5.48 -30.54
C02 ZRZ J . 15.27 -19.12 0.24
C04 ZRZ J . 16.45 -19.33 1.22
C05 ZRZ J . 17.66 -19.48 0.62
C06 ZRZ J . 18.77 -19.68 1.41
C07 ZRZ J . 18.68 -19.72 2.78
C08 ZRZ J . 17.44 -19.55 3.39
C09 ZRZ J . 16.31 -19.35 2.59
C10 ZRZ J . 20.14 -19.86 0.58
C13 ZRZ J . 22.55 -18.90 0.09
C14 ZRZ J . 23.12 -17.50 -0.17
C16 ZRZ J . 21.18 -16.41 0.98
C17 ZRZ J . 20.82 -15.10 1.95
C18 ZRZ J . 20.00 -14.20 1.24
C19 ZRZ J . 19.66 -14.90 -0.16
C20 ZRZ J . 20.16 -16.44 0.01
C21 ZRZ J . 21.16 -17.74 1.74
N12 ZRZ J . 21.25 -18.87 0.80
O01 ZRZ J . 14.49 -18.10 0.47
O03 ZRZ J . 15.12 -19.89 -0.67
O11 ZRZ J . 20.23 -20.75 -0.21
O15 ZRZ J . 22.20 -16.37 -0.05
S SO4 K . 2.24 -8.85 39.14
O1 SO4 K . 0.88 -9.36 38.92
O2 SO4 K . 3.12 -9.99 39.40
O3 SO4 K . 2.24 -7.91 40.25
O4 SO4 K . 2.71 -8.17 37.94
C02 ZRZ L . -1.93 -4.23 30.78
C04 ZRZ L . -0.53 -3.60 31.02
C05 ZRZ L . -0.23 -3.20 32.28
C06 ZRZ L . 1.01 -2.63 32.51
C07 ZRZ L . 1.92 -2.46 31.50
C08 ZRZ L . 1.62 -2.87 30.21
C09 ZRZ L . 0.38 -3.46 29.98
C10 ZRZ L . 1.33 -2.15 34.00
C13 ZRZ L . 2.84 -2.44 36.10
C14 ZRZ L . 2.70 -3.68 36.97
C16 ZRZ L . 3.37 -5.09 35.07
C17 ZRZ L . 4.32 -6.30 34.43
C18 ZRZ L . 3.48 -7.10 33.62
C19 ZRZ L . 1.98 -6.79 34.05
C20 ZRZ L . 2.09 -5.64 35.20
C21 ZRZ L . 3.29 -3.86 34.15
N12 ZRZ L . 2.46 -2.79 34.73
O01 ZRZ L . -2.91 -3.62 31.09
O03 ZRZ L . -2.00 -5.40 30.22
O11 ZRZ L . 0.67 -1.29 34.51
O15 ZRZ L . 3.54 -4.74 36.46
S SO4 M . 22.76 -12.65 -3.06
O1 SO4 M . 24.08 -13.03 -3.56
O2 SO4 M . 22.06 -13.86 -2.64
O3 SO4 M . 22.87 -11.75 -1.91
O4 SO4 M . 22.05 -11.96 -4.13
C02 ZRZ N . -26.43 -27.12 -19.09
C04 ZRZ N . -26.88 -26.47 -20.44
C05 ZRZ N . -27.46 -27.26 -21.38
C06 ZRZ N . -27.86 -26.70 -22.58
C07 ZRZ N . -27.69 -25.36 -22.85
C08 ZRZ N . -27.11 -24.55 -21.88
C09 ZRZ N . -26.71 -25.11 -20.68
C10 ZRZ N . -28.51 -27.70 -23.64
C13 ZRZ N . -30.60 -28.29 -25.07
C14 ZRZ N . -31.83 -28.86 -24.39
C16 ZRZ N . -32.03 -26.80 -23.00
C17 ZRZ N . -32.96 -25.59 -22.33
C18 ZRZ N . -32.73 -25.56 -20.94
C19 ZRZ N . -32.13 -26.97 -20.54
C20 ZRZ N . -31.73 -27.69 -21.95
C21 ZRZ N . -30.72 -26.29 -23.62
N12 ZRZ N . -29.90 -27.42 -24.11
O01 ZRZ N . -26.87 -26.65 -18.10
O03 ZRZ N . -25.61 -28.15 -19.10
O11 ZRZ N . -27.90 -28.66 -24.06
O15 ZRZ N . -32.66 -27.78 -23.87
S SO4 O . -25.93 15.01 -13.87
O1 SO4 O . -25.43 14.78 -15.22
O2 SO4 O . -26.83 13.93 -13.49
O3 SO4 O . -24.81 15.08 -12.94
O4 SO4 O . -26.65 16.28 -13.80
#